data_6FGN
#
_entry.id   6FGN
#
_cell.length_a   1.000
_cell.length_b   1.000
_cell.length_c   1.000
_cell.angle_alpha   90.00
_cell.angle_beta   90.00
_cell.angle_gamma   90.00
#
_symmetry.space_group_name_H-M   'P 1'
#
loop_
_entity.id
_entity.type
_entity.pdbx_description
1 polymer 'Histone acetyltransferase p300,Tumor protein 63'
2 non-polymer 'ZINC ION'
#
_entity_poly.entity_id   1
_entity_poly.type   'polypeptide(L)'
_entity_poly.pdbx_seq_one_letter_code
;ATQSPGDSRRLSIQRAIQSLVHAAQCRNANCSLPSCQKMKRVVQHTKGCKRKTNGGCPICKQLIALAAYHAKHCQENKCP
VPFCLNIKQKGTIEGRGNEFLSPEVFQHIWDFLEQPISSVQPID
;
_entity_poly.pdbx_strand_id   A
#
# COMPACT_ATOMS: atom_id res chain seq x y z
N ALA A 1 -10.46 5.29 26.70
CA ALA A 1 -10.35 6.76 26.61
C ALA A 1 -11.51 7.27 25.75
N THR A 2 -11.49 8.53 25.32
CA THR A 2 -12.54 9.06 24.47
C THR A 2 -12.49 8.28 23.14
N GLN A 3 -11.28 7.99 22.64
CA GLN A 3 -11.03 7.27 21.41
C GLN A 3 -9.88 6.28 21.63
N SER A 4 -10.02 5.07 21.10
CA SER A 4 -9.04 4.00 21.22
C SER A 4 -7.99 4.07 20.10
N PRO A 5 -6.81 3.47 20.32
CA PRO A 5 -5.74 3.45 19.33
C PRO A 5 -6.13 2.47 18.22
N GLY A 6 -5.43 2.53 17.10
CA GLY A 6 -5.65 1.70 15.93
C GLY A 6 -5.14 0.26 16.02
N ASP A 7 -5.12 -0.36 17.20
CA ASP A 7 -4.61 -1.73 17.34
C ASP A 7 -5.33 -2.74 16.43
N SER A 8 -6.66 -2.84 16.47
CA SER A 8 -7.40 -3.77 15.60
C SER A 8 -7.30 -3.40 14.12
N ARG A 9 -6.86 -2.19 13.77
CA ARG A 9 -6.70 -1.81 12.37
C ARG A 9 -5.78 -2.84 11.73
N ARG A 10 -4.83 -3.42 12.49
CA ARG A 10 -3.91 -4.44 11.97
C ARG A 10 -4.66 -5.58 11.29
N LEU A 11 -5.76 -6.11 11.85
CA LEU A 11 -6.51 -7.21 11.23
C LEU A 11 -7.14 -6.81 9.90
N SER A 12 -7.43 -5.53 9.74
CA SER A 12 -8.03 -4.99 8.53
C SER A 12 -6.96 -4.74 7.46
N ILE A 13 -5.84 -4.16 7.90
CA ILE A 13 -4.71 -3.79 7.07
C ILE A 13 -3.86 -4.99 6.64
N GLN A 14 -3.45 -5.88 7.54
CA GLN A 14 -2.61 -7.04 7.22
C GLN A 14 -3.26 -7.88 6.11
N ARG A 15 -4.59 -7.98 6.06
CA ARG A 15 -5.30 -8.72 5.01
C ARG A 15 -5.01 -8.07 3.64
N ALA A 16 -5.02 -6.74 3.55
CA ALA A 16 -4.74 -6.06 2.29
C ALA A 16 -3.23 -6.11 1.97
N ILE A 17 -2.39 -6.14 3.00
CA ILE A 17 -0.95 -6.18 2.85
C ILE A 17 -0.44 -7.55 2.41
N GLN A 18 -1.10 -8.66 2.78
CA GLN A 18 -0.65 -10.00 2.39
C GLN A 18 -0.51 -10.09 0.86
N SER A 19 -1.45 -9.49 0.15
CA SER A 19 -1.55 -9.45 -1.29
C SER A 19 -0.58 -8.41 -1.86
N LEU A 20 -0.54 -7.21 -1.29
CA LEU A 20 0.32 -6.12 -1.73
C LEU A 20 1.80 -6.48 -1.66
N VAL A 21 2.28 -6.94 -0.50
CA VAL A 21 3.68 -7.32 -0.28
C VAL A 21 4.05 -8.42 -1.25
N HIS A 22 3.27 -9.50 -1.28
CA HIS A 22 3.53 -10.63 -2.14
C HIS A 22 3.61 -10.18 -3.60
N ALA A 23 2.65 -9.38 -4.08
CA ALA A 23 2.64 -8.91 -5.45
C ALA A 23 3.80 -7.98 -5.76
N ALA A 24 4.30 -7.21 -4.78
CA ALA A 24 5.41 -6.31 -5.01
C ALA A 24 6.65 -7.17 -5.31
N GLN A 25 6.91 -8.17 -4.46
CA GLN A 25 8.05 -9.08 -4.62
C GLN A 25 7.79 -10.21 -5.62
N CYS A 26 6.63 -10.26 -6.27
CA CYS A 26 6.28 -11.29 -7.22
C CYS A 26 6.99 -11.02 -8.54
N ARG A 27 8.20 -11.54 -8.66
CA ARG A 27 9.00 -11.42 -9.86
C ARG A 27 9.72 -12.76 -9.97
N ASN A 28 9.04 -13.76 -10.53
CA ASN A 28 9.60 -15.09 -10.69
C ASN A 28 8.62 -15.98 -11.44
N ALA A 29 9.10 -17.04 -12.08
CA ALA A 29 8.27 -18.00 -12.78
C ALA A 29 7.61 -18.89 -11.72
N ASN A 30 8.35 -19.24 -10.65
CA ASN A 30 7.86 -20.06 -9.55
C ASN A 30 6.74 -19.39 -8.76
N CYS A 31 6.59 -18.07 -8.85
CA CYS A 31 5.56 -17.34 -8.13
C CYS A 31 4.22 -17.53 -8.85
N SER A 32 3.29 -18.20 -8.17
CA SER A 32 1.97 -18.52 -8.67
C SER A 32 0.90 -18.33 -7.58
N LEU A 33 0.28 -17.15 -7.46
CA LEU A 33 -0.78 -16.87 -6.47
C LEU A 33 -2.02 -16.29 -7.18
N PRO A 34 -3.22 -16.42 -6.58
CA PRO A 34 -4.46 -15.90 -7.17
C PRO A 34 -4.52 -14.38 -7.08
N SER A 35 -4.55 -13.84 -5.85
CA SER A 35 -4.63 -12.42 -5.56
C SER A 35 -3.48 -11.63 -6.20
N CYS A 36 -2.31 -12.27 -6.33
CA CYS A 36 -1.11 -11.72 -6.92
C CYS A 36 -1.35 -11.17 -8.33
N GLN A 37 -1.87 -12.02 -9.22
CA GLN A 37 -2.14 -11.66 -10.60
C GLN A 37 -3.05 -10.44 -10.70
N LYS A 38 -4.01 -10.31 -9.79
CA LYS A 38 -4.94 -9.19 -9.76
C LYS A 38 -4.22 -7.94 -9.26
N MET A 39 -3.41 -8.08 -8.20
CA MET A 39 -2.64 -7.01 -7.56
C MET A 39 -1.72 -6.31 -8.56
N LYS A 40 -1.15 -7.05 -9.52
CA LYS A 40 -0.26 -6.51 -10.53
C LYS A 40 -0.88 -5.29 -11.22
N ARG A 41 -2.20 -5.31 -11.48
CA ARG A 41 -2.87 -4.16 -12.11
C ARG A 41 -2.74 -2.92 -11.22
N VAL A 42 -2.94 -3.08 -9.92
CA VAL A 42 -2.83 -1.98 -8.98
C VAL A 42 -1.39 -1.43 -9.02
N VAL A 43 -0.38 -2.31 -9.11
CA VAL A 43 1.02 -1.88 -9.17
C VAL A 43 1.25 -1.01 -10.42
N GLN A 44 0.59 -1.30 -11.55
CA GLN A 44 0.74 -0.52 -12.77
C GLN A 44 0.26 0.93 -12.54
N HIS A 45 -0.66 1.18 -11.60
CA HIS A 45 -1.14 2.51 -11.33
C HIS A 45 -0.02 3.41 -10.83
N THR A 46 0.71 3.00 -9.79
CA THR A 46 1.80 3.82 -9.26
C THR A 46 2.94 3.88 -10.28
N LYS A 47 3.13 2.79 -11.06
CA LYS A 47 4.17 2.70 -12.08
C LYS A 47 4.09 3.86 -13.08
N GLY A 48 2.88 4.27 -13.44
CA GLY A 48 2.64 5.36 -14.38
C GLY A 48 2.04 6.59 -13.71
N CYS A 49 2.03 6.68 -12.38
CA CYS A 49 1.46 7.83 -11.68
C CYS A 49 2.30 9.10 -11.82
N LYS A 50 2.12 9.81 -12.93
CA LYS A 50 2.80 11.08 -13.19
C LYS A 50 2.16 12.14 -12.29
N ARG A 51 0.88 11.96 -11.94
CA ARG A 51 0.10 12.84 -11.06
C ARG A 51 0.80 13.06 -9.74
N LYS A 52 1.71 12.18 -9.29
CA LYS A 52 2.44 12.35 -8.05
C LYS A 52 3.11 13.73 -8.05
N THR A 53 3.75 14.11 -9.15
CA THR A 53 4.43 15.39 -9.29
C THR A 53 3.47 16.60 -9.23
N ASN A 54 2.16 16.41 -9.44
CA ASN A 54 1.12 17.42 -9.41
C ASN A 54 0.37 17.39 -8.05
N GLY A 55 0.38 16.25 -7.37
CA GLY A 55 -0.26 15.99 -6.09
C GLY A 55 -0.18 14.49 -5.81
N GLY A 56 -0.98 13.71 -6.53
CA GLY A 56 -1.07 12.27 -6.44
C GLY A 56 -2.51 11.83 -6.62
N CYS A 57 -2.67 10.62 -7.16
CA CYS A 57 -3.96 9.98 -7.40
C CYS A 57 -4.51 9.48 -6.06
N PRO A 58 -5.81 9.11 -5.98
CA PRO A 58 -6.39 8.61 -4.74
C PRO A 58 -5.68 7.32 -4.30
N ILE A 59 -5.42 6.37 -5.23
CA ILE A 59 -4.76 5.11 -4.90
C ILE A 59 -3.41 5.39 -4.24
N CYS A 60 -2.54 6.16 -4.91
CA CYS A 60 -1.23 6.50 -4.40
C CYS A 60 -1.29 7.15 -3.02
N LYS A 61 -2.08 8.22 -2.90
CA LYS A 61 -2.25 8.99 -1.67
C LYS A 61 -2.68 8.10 -0.52
N GLN A 62 -3.52 7.10 -0.81
CA GLN A 62 -4.03 6.13 0.15
C GLN A 62 -2.97 5.08 0.53
N LEU A 63 -2.30 4.45 -0.45
CA LEU A 63 -1.30 3.39 -0.25
C LEU A 63 -0.19 3.76 0.74
N ILE A 64 0.22 5.03 0.76
CA ILE A 64 1.27 5.55 1.66
C ILE A 64 0.99 5.19 3.13
N ALA A 65 -0.29 5.14 3.53
CA ALA A 65 -0.68 4.79 4.88
C ALA A 65 -0.15 3.40 5.24
N LEU A 66 -0.40 2.46 4.34
CA LEU A 66 -0.01 1.05 4.43
C LEU A 66 1.47 0.85 4.29
N ALA A 67 2.16 1.64 3.47
CA ALA A 67 3.60 1.54 3.31
C ALA A 67 4.26 1.77 4.67
N ALA A 68 3.89 2.86 5.34
CA ALA A 68 4.42 3.22 6.65
C ALA A 68 3.97 2.24 7.73
N TYR A 69 2.73 1.75 7.65
CA TYR A 69 2.21 0.79 8.62
C TYR A 69 3.06 -0.49 8.55
N HIS A 70 3.48 -0.90 7.36
CA HIS A 70 4.30 -2.09 7.19
C HIS A 70 5.74 -1.79 7.60
N ALA A 71 6.27 -0.59 7.32
CA ALA A 71 7.64 -0.20 7.65
C ALA A 71 7.99 -0.38 9.14
N LYS A 72 7.05 -0.21 10.07
CA LYS A 72 7.41 -0.40 11.48
C LYS A 72 7.79 -1.86 11.78
N HIS A 73 7.30 -2.82 10.99
CA HIS A 73 7.54 -4.25 11.13
C HIS A 73 8.42 -4.80 10.00
N CYS A 74 8.72 -4.01 8.97
CA CYS A 74 9.55 -4.38 7.84
C CYS A 74 10.70 -3.39 7.90
N GLN A 75 11.80 -3.88 8.43
CA GLN A 75 13.04 -3.14 8.61
C GLN A 75 14.07 -4.19 8.24
N GLU A 76 14.36 -4.26 6.95
CA GLU A 76 15.31 -5.20 6.42
C GLU A 76 16.27 -4.50 5.45
N ASN A 77 17.16 -5.25 4.82
CA ASN A 77 18.14 -4.68 3.89
C ASN A 77 17.47 -4.30 2.58
N LYS A 78 16.62 -5.17 2.00
CA LYS A 78 15.95 -4.91 0.73
C LYS A 78 14.46 -5.21 0.87
N CYS A 79 13.76 -4.28 1.54
CA CYS A 79 12.32 -4.35 1.81
C CYS A 79 11.53 -4.65 0.54
N PRO A 80 10.54 -5.56 0.62
CA PRO A 80 9.73 -5.95 -0.53
C PRO A 80 8.89 -4.81 -1.09
N VAL A 81 8.23 -4.01 -0.26
CA VAL A 81 7.40 -2.91 -0.72
C VAL A 81 8.32 -1.76 -1.21
N PRO A 82 8.22 -1.33 -2.47
CA PRO A 82 9.06 -0.25 -2.98
C PRO A 82 8.85 1.08 -2.25
N PHE A 83 7.65 1.34 -1.70
CA PHE A 83 7.42 2.58 -0.96
C PHE A 83 8.10 2.51 0.41
N CYS A 84 7.98 1.39 1.15
CA CYS A 84 8.60 1.26 2.46
C CYS A 84 10.13 1.31 2.38
N LEU A 85 10.69 0.87 1.26
CA LEU A 85 12.12 0.90 1.00
C LEU A 85 12.60 2.36 1.10
N ASN A 86 11.76 3.32 0.66
CA ASN A 86 12.08 4.74 0.73
C ASN A 86 11.92 5.23 2.17
N ILE A 87 10.92 4.70 2.90
CA ILE A 87 10.65 5.07 4.29
C ILE A 87 11.92 4.72 5.07
N LYS A 88 12.48 3.51 4.91
CA LYS A 88 13.68 3.09 5.61
C LYS A 88 14.82 4.09 5.39
N GLN A 89 15.13 4.41 4.13
CA GLN A 89 16.19 5.36 3.80
C GLN A 89 15.92 6.80 4.29
N LYS A 90 14.70 7.10 4.73
CA LYS A 90 14.28 8.41 5.22
C LYS A 90 13.79 8.33 6.67
N GLY A 91 13.99 7.23 7.40
CA GLY A 91 13.57 7.03 8.77
C GLY A 91 14.43 7.92 9.65
N THR A 92 14.02 9.18 9.72
CA THR A 92 14.65 10.28 10.43
C THR A 92 13.66 11.02 11.32
N ILE A 93 12.36 10.80 11.15
CA ILE A 93 11.30 11.44 11.90
C ILE A 93 10.62 10.42 12.79
N GLU A 94 10.46 9.17 12.31
CA GLU A 94 9.79 8.06 13.00
C GLU A 94 8.62 8.57 13.85
N GLY A 95 7.68 9.23 13.17
CA GLY A 95 6.50 9.81 13.77
C GLY A 95 5.56 10.23 12.65
N ARG A 96 5.84 11.36 11.98
CA ARG A 96 5.02 11.88 10.89
C ARG A 96 4.62 10.85 9.84
N GLY A 97 5.57 10.06 9.35
CA GLY A 97 5.31 9.06 8.34
C GLY A 97 4.46 7.91 8.85
N ASN A 98 4.81 7.42 10.04
CA ASN A 98 4.20 6.30 10.73
C ASN A 98 2.72 6.61 11.02
N GLU A 99 2.47 7.74 11.66
CA GLU A 99 1.17 8.27 12.06
C GLU A 99 0.40 8.71 10.82
N PHE A 100 -0.41 7.81 10.30
CA PHE A 100 -1.24 8.04 9.13
C PHE A 100 -2.58 7.35 9.33
N LEU A 101 -3.63 7.97 8.83
CA LEU A 101 -4.98 7.45 8.88
C LEU A 101 -5.72 7.94 7.65
N SER A 102 -6.59 7.07 7.15
CA SER A 102 -7.46 7.25 6.01
C SER A 102 -8.88 6.79 6.38
N PRO A 103 -9.95 7.36 5.77
CA PRO A 103 -11.34 7.00 6.04
C PRO A 103 -11.70 5.65 5.41
N GLU A 104 -13.00 5.31 5.38
CA GLU A 104 -13.51 4.07 4.79
C GLU A 104 -13.09 3.88 3.33
N VAL A 105 -12.74 4.96 2.62
CA VAL A 105 -12.30 4.93 1.23
C VAL A 105 -11.10 3.98 1.07
N PHE A 106 -10.38 3.71 2.15
CA PHE A 106 -9.24 2.81 2.21
C PHE A 106 -9.68 1.43 1.69
N GLN A 107 -10.91 0.99 2.00
CA GLN A 107 -11.47 -0.29 1.59
C GLN A 107 -11.92 -0.28 0.12
N HIS A 108 -12.33 0.88 -0.40
CA HIS A 108 -12.80 1.03 -1.78
C HIS A 108 -11.74 0.62 -2.82
N ILE A 109 -10.44 0.84 -2.55
CA ILE A 109 -9.37 0.49 -3.49
C ILE A 109 -9.37 -1.01 -3.77
N TRP A 110 -9.56 -1.83 -2.74
CA TRP A 110 -9.54 -3.28 -2.88
C TRP A 110 -10.80 -3.83 -3.55
N ASP A 111 -11.87 -3.05 -3.56
CA ASP A 111 -13.14 -3.43 -4.17
C ASP A 111 -13.07 -3.29 -5.69
N PHE A 112 -12.56 -2.15 -6.18
CA PHE A 112 -12.48 -1.94 -7.62
C PHE A 112 -11.35 -2.76 -8.25
N LEU A 113 -10.36 -3.20 -7.44
CA LEU A 113 -9.27 -4.03 -7.93
C LEU A 113 -9.87 -5.25 -8.64
N GLU A 114 -10.95 -5.80 -8.07
CA GLU A 114 -11.65 -6.95 -8.62
C GLU A 114 -12.78 -6.49 -9.54
N GLN A 115 -13.51 -5.43 -9.19
CA GLN A 115 -14.61 -4.92 -9.99
C GLN A 115 -14.27 -3.51 -10.54
N PRO A 116 -13.55 -3.39 -11.67
CA PRO A 116 -13.20 -2.09 -12.26
C PRO A 116 -14.45 -1.46 -12.87
N ILE A 117 -15.26 -0.80 -12.05
CA ILE A 117 -16.51 -0.17 -12.45
C ILE A 117 -16.64 1.17 -11.70
N SER A 118 -15.59 1.97 -11.72
CA SER A 118 -15.60 3.27 -11.03
C SER A 118 -14.59 4.26 -11.59
N SER A 119 -13.45 3.80 -12.09
CA SER A 119 -12.39 4.65 -12.64
C SER A 119 -11.84 5.70 -11.66
N VAL A 120 -12.12 5.58 -10.35
CA VAL A 120 -11.72 6.43 -9.26
C VAL A 120 -11.59 7.91 -9.66
N GLN A 121 -12.65 8.42 -10.29
CA GLN A 121 -12.76 9.80 -10.73
C GLN A 121 -12.47 10.72 -9.54
N PRO A 122 -11.35 11.46 -9.55
CA PRO A 122 -11.03 12.34 -8.45
C PRO A 122 -11.97 13.55 -8.48
N ILE A 123 -12.24 14.13 -7.32
CA ILE A 123 -13.07 15.30 -7.11
C ILE A 123 -12.31 16.20 -6.15
N ASP A 124 -12.96 17.22 -5.60
CA ASP A 124 -12.36 18.16 -4.68
C ASP A 124 -12.03 17.50 -3.34
N ALA A 1 -10.87 0.66 28.84
CA ALA A 1 -9.57 1.20 28.44
C ALA A 1 -9.67 2.71 28.25
N THR A 2 -8.61 3.37 27.77
CA THR A 2 -8.57 4.81 27.51
C THR A 2 -7.81 5.08 26.19
N GLN A 3 -7.85 4.11 25.27
CA GLN A 3 -7.19 4.16 23.97
C GLN A 3 -8.25 3.88 22.89
N SER A 4 -8.10 4.50 21.73
CA SER A 4 -9.00 4.35 20.60
C SER A 4 -8.79 2.96 19.98
N PRO A 5 -9.73 2.41 19.19
CA PRO A 5 -9.58 1.11 18.55
C PRO A 5 -8.71 1.27 17.29
N GLY A 6 -7.45 1.68 17.50
CA GLY A 6 -6.44 1.92 16.50
C GLY A 6 -5.59 0.67 16.33
N ASP A 7 -5.18 0.03 17.43
CA ASP A 7 -4.38 -1.20 17.35
C ASP A 7 -5.19 -2.31 16.67
N SER A 8 -6.52 -2.21 16.67
CA SER A 8 -7.45 -3.15 16.06
C SER A 8 -7.33 -3.12 14.53
N ARG A 9 -6.83 -2.02 13.97
CA ARG A 9 -6.65 -1.80 12.53
C ARG A 9 -5.64 -2.76 11.93
N ARG A 10 -4.66 -3.22 12.70
CA ARG A 10 -3.65 -4.14 12.20
C ARG A 10 -4.25 -5.34 11.47
N LEU A 11 -5.38 -5.88 11.95
CA LEU A 11 -5.99 -7.03 11.30
C LEU A 11 -6.43 -6.75 9.88
N SER A 12 -7.11 -5.63 9.66
CA SER A 12 -7.63 -5.23 8.36
C SER A 12 -6.51 -4.78 7.44
N ILE A 13 -5.61 -3.94 7.94
CA ILE A 13 -4.47 -3.41 7.20
C ILE A 13 -3.64 -4.59 6.67
N GLN A 14 -3.24 -5.53 7.54
CA GLN A 14 -2.45 -6.68 7.14
C GLN A 14 -3.15 -7.57 6.12
N ARG A 15 -4.48 -7.66 6.09
CA ARG A 15 -5.16 -8.50 5.11
C ARG A 15 -4.90 -7.97 3.70
N ALA A 16 -4.71 -6.65 3.55
CA ALA A 16 -4.39 -6.05 2.26
C ALA A 16 -2.91 -6.33 1.98
N ILE A 17 -2.06 -6.00 2.95
CA ILE A 17 -0.60 -6.15 2.91
C ILE A 17 -0.13 -7.57 2.57
N GLN A 18 -0.79 -8.64 3.03
CA GLN A 18 -0.37 -10.01 2.72
C GLN A 18 -0.33 -10.26 1.20
N SER A 19 -1.24 -9.63 0.46
CA SER A 19 -1.35 -9.73 -0.98
C SER A 19 -0.39 -8.75 -1.66
N LEU A 20 -0.31 -7.52 -1.13
CA LEU A 20 0.54 -6.45 -1.66
C LEU A 20 2.03 -6.85 -1.60
N VAL A 21 2.52 -7.26 -0.42
CA VAL A 21 3.91 -7.67 -0.21
C VAL A 21 4.26 -8.76 -1.21
N HIS A 22 3.45 -9.82 -1.27
CA HIS A 22 3.67 -10.92 -2.17
C HIS A 22 3.83 -10.42 -3.60
N ALA A 23 2.87 -9.66 -4.10
CA ALA A 23 2.91 -9.13 -5.46
C ALA A 23 4.09 -8.19 -5.73
N ALA A 24 4.59 -7.50 -4.71
CA ALA A 24 5.71 -6.58 -4.82
C ALA A 24 7.03 -7.33 -5.00
N GLN A 25 7.15 -8.57 -4.48
CA GLN A 25 8.37 -9.36 -4.58
C GLN A 25 8.26 -10.51 -5.60
N CYS A 26 7.04 -10.87 -6.01
CA CYS A 26 6.72 -11.92 -6.95
C CYS A 26 7.41 -11.69 -8.30
N ARG A 27 8.56 -12.34 -8.47
CA ARG A 27 9.37 -12.33 -9.68
C ARG A 27 9.92 -13.76 -9.72
N ASN A 28 9.15 -14.67 -10.30
CA ASN A 28 9.51 -16.08 -10.40
C ASN A 28 8.59 -16.79 -11.38
N ALA A 29 8.86 -18.07 -11.62
CA ALA A 29 8.09 -18.94 -12.49
C ALA A 29 7.28 -19.88 -11.61
N ASN A 30 7.87 -20.34 -10.50
CA ASN A 30 7.21 -21.22 -9.53
C ASN A 30 6.09 -20.48 -8.81
N CYS A 31 6.13 -19.14 -8.81
CA CYS A 31 5.12 -18.32 -8.17
C CYS A 31 3.91 -18.20 -9.09
N SER A 32 2.77 -18.75 -8.65
CA SER A 32 1.53 -18.68 -9.40
C SER A 32 0.39 -18.44 -8.39
N LEU A 33 0.03 -17.18 -8.12
CA LEU A 33 -1.04 -16.81 -7.19
C LEU A 33 -2.11 -16.00 -7.93
N PRO A 34 -3.41 -16.20 -7.62
CA PRO A 34 -4.50 -15.49 -8.28
C PRO A 34 -4.58 -14.00 -7.94
N SER A 35 -4.54 -13.62 -6.66
CA SER A 35 -4.62 -12.21 -6.27
C SER A 35 -3.33 -11.48 -6.61
N CYS A 36 -2.19 -12.19 -6.70
CA CYS A 36 -0.88 -11.63 -7.03
C CYS A 36 -0.99 -10.81 -8.32
N GLN A 37 -1.55 -11.43 -9.35
CA GLN A 37 -1.76 -10.82 -10.67
C GLN A 37 -2.58 -9.53 -10.55
N LYS A 38 -3.65 -9.54 -9.75
CA LYS A 38 -4.49 -8.36 -9.56
C LYS A 38 -3.72 -7.28 -8.82
N MET A 39 -2.92 -7.66 -7.82
CA MET A 39 -2.12 -6.74 -7.04
C MET A 39 -1.04 -6.11 -7.93
N LYS A 40 -0.46 -6.85 -8.90
CA LYS A 40 0.57 -6.32 -9.81
C LYS A 40 0.00 -5.05 -10.47
N ARG A 41 -1.28 -5.08 -10.84
CA ARG A 41 -1.95 -3.95 -11.48
C ARG A 41 -1.96 -2.71 -10.57
N VAL A 42 -2.20 -2.87 -9.27
CA VAL A 42 -2.23 -1.74 -8.32
C VAL A 42 -0.82 -1.15 -8.24
N VAL A 43 0.22 -1.97 -8.35
CA VAL A 43 1.60 -1.48 -8.32
C VAL A 43 1.86 -0.75 -9.66
N GLN A 44 1.30 -1.22 -10.76
CA GLN A 44 1.44 -0.61 -12.08
C GLN A 44 0.68 0.72 -12.13
N HIS A 45 -0.37 0.92 -11.32
CA HIS A 45 -1.10 2.18 -11.30
C HIS A 45 -0.14 3.28 -10.85
N THR A 46 0.56 3.13 -9.71
CA THR A 46 1.48 4.18 -9.28
C THR A 46 2.60 4.39 -10.31
N LYS A 47 3.01 3.36 -11.04
CA LYS A 47 4.07 3.44 -12.04
C LYS A 47 3.71 4.37 -13.21
N GLY A 48 2.43 4.68 -13.44
CA GLY A 48 2.01 5.56 -14.53
C GLY A 48 1.18 6.75 -14.05
N CYS A 49 0.72 6.77 -12.80
CA CYS A 49 -0.09 7.88 -12.29
C CYS A 49 0.75 9.16 -12.14
N LYS A 50 0.67 10.10 -13.09
CA LYS A 50 1.43 11.36 -12.97
C LYS A 50 0.91 12.18 -11.77
N ARG A 51 -0.26 11.84 -11.23
CA ARG A 51 -0.83 12.54 -10.09
C ARG A 51 0.11 12.48 -8.89
N LYS A 52 0.93 11.43 -8.69
CA LYS A 52 1.85 11.37 -7.56
C LYS A 52 2.92 12.45 -7.72
N THR A 53 3.31 12.74 -8.97
CA THR A 53 4.28 13.75 -9.31
C THR A 53 3.65 15.13 -9.01
N ASN A 54 2.38 15.30 -9.38
CA ASN A 54 1.62 16.54 -9.15
C ASN A 54 1.48 16.79 -7.65
N GLY A 55 1.13 15.77 -6.86
CA GLY A 55 0.97 15.88 -5.42
C GLY A 55 0.51 14.61 -4.72
N GLY A 56 -0.21 13.71 -5.41
CA GLY A 56 -0.70 12.47 -4.84
C GLY A 56 -2.05 12.09 -5.41
N CYS A 57 -2.13 10.93 -6.05
CA CYS A 57 -3.33 10.35 -6.66
C CYS A 57 -4.26 9.90 -5.52
N PRO A 58 -5.53 9.60 -5.76
CA PRO A 58 -6.42 9.16 -4.68
C PRO A 58 -5.94 7.80 -4.17
N ILE A 59 -5.78 6.81 -5.07
CA ILE A 59 -5.33 5.46 -4.75
C ILE A 59 -3.99 5.53 -4.03
N CYS A 60 -2.99 6.11 -4.71
CA CYS A 60 -1.64 6.25 -4.19
C CYS A 60 -1.61 6.93 -2.80
N LYS A 61 -2.42 7.96 -2.55
CA LYS A 61 -2.46 8.62 -1.25
C LYS A 61 -3.02 7.69 -0.19
N GLN A 62 -4.14 7.01 -0.43
CA GLN A 62 -4.68 6.10 0.58
C GLN A 62 -3.69 4.95 0.83
N LEU A 63 -2.92 4.56 -0.19
CA LEU A 63 -1.93 3.48 -0.12
C LEU A 63 -0.66 3.82 0.65
N ILE A 64 -0.16 5.07 0.61
CA ILE A 64 1.04 5.49 1.33
C ILE A 64 0.91 5.12 2.82
N ALA A 65 -0.30 5.20 3.37
CA ALA A 65 -0.59 4.89 4.75
C ALA A 65 -0.14 3.46 5.13
N LEU A 66 -0.33 2.50 4.23
CA LEU A 66 0.05 1.10 4.42
C LEU A 66 1.55 0.94 4.32
N ALA A 67 2.22 1.73 3.50
CA ALA A 67 3.67 1.66 3.33
C ALA A 67 4.38 1.93 4.66
N ALA A 68 4.03 3.03 5.36
CA ALA A 68 4.65 3.37 6.65
C ALA A 68 4.30 2.32 7.71
N TYR A 69 3.05 1.83 7.70
CA TYR A 69 2.58 0.81 8.62
C TYR A 69 3.44 -0.44 8.46
N HIS A 70 3.69 -0.88 7.22
CA HIS A 70 4.52 -2.06 7.01
C HIS A 70 5.96 -1.71 7.35
N ALA A 71 6.47 -0.51 7.05
CA ALA A 71 7.85 -0.14 7.35
C ALA A 71 8.18 -0.18 8.84
N LYS A 72 7.23 0.08 9.75
CA LYS A 72 7.52 0.02 11.19
C LYS A 72 7.68 -1.43 11.67
N HIS A 73 7.35 -2.41 10.82
CA HIS A 73 7.41 -3.84 11.05
C HIS A 73 8.30 -4.55 10.00
N CYS A 74 8.85 -3.80 9.05
CA CYS A 74 9.71 -4.24 7.96
C CYS A 74 10.89 -3.30 7.86
N GLN A 75 12.05 -3.75 8.34
CA GLN A 75 13.27 -2.98 8.28
C GLN A 75 14.31 -4.03 7.92
N GLU A 76 14.45 -4.25 6.62
CA GLU A 76 15.36 -5.22 6.04
C GLU A 76 16.12 -4.53 4.90
N ASN A 77 17.31 -5.04 4.58
CA ASN A 77 18.12 -4.46 3.51
C ASN A 77 17.37 -4.46 2.17
N LYS A 78 16.54 -5.46 1.87
CA LYS A 78 15.80 -5.54 0.62
C LYS A 78 14.29 -5.58 0.90
N CYS A 79 13.77 -4.44 1.36
CA CYS A 79 12.35 -4.24 1.65
C CYS A 79 11.56 -4.59 0.37
N PRO A 80 10.59 -5.51 0.42
CA PRO A 80 9.83 -5.91 -0.74
C PRO A 80 8.93 -4.82 -1.30
N VAL A 81 8.20 -4.10 -0.46
CA VAL A 81 7.27 -3.04 -0.89
C VAL A 81 8.07 -1.85 -1.48
N PRO A 82 7.69 -1.32 -2.66
CA PRO A 82 8.40 -0.20 -3.25
C PRO A 82 8.19 1.11 -2.49
N PHE A 83 7.00 1.38 -1.95
CA PHE A 83 6.77 2.61 -1.21
C PHE A 83 7.51 2.61 0.15
N CYS A 84 7.55 1.47 0.85
CA CYS A 84 8.21 1.38 2.16
C CYS A 84 9.72 1.55 2.05
N LEU A 85 10.28 1.13 0.91
CA LEU A 85 11.70 1.21 0.61
C LEU A 85 12.17 2.67 0.71
N ASN A 86 11.29 3.63 0.42
CA ASN A 86 11.56 5.07 0.52
C ASN A 86 11.54 5.48 2.00
N ILE A 87 10.51 5.06 2.75
CA ILE A 87 10.36 5.36 4.18
C ILE A 87 11.61 4.90 4.92
N LYS A 88 12.20 3.74 4.60
CA LYS A 88 13.39 3.23 5.27
C LYS A 88 14.53 4.25 5.25
N GLN A 89 14.78 4.87 4.10
CA GLN A 89 15.85 5.85 3.96
C GLN A 89 15.62 7.10 4.82
N LYS A 90 14.40 7.30 5.33
CA LYS A 90 13.97 8.42 6.15
C LYS A 90 13.57 7.96 7.57
N GLY A 91 13.77 6.68 7.93
CA GLY A 91 13.43 6.07 9.20
C GLY A 91 13.94 6.79 10.44
N THR A 92 15.01 7.58 10.35
CA THR A 92 15.58 8.32 11.47
C THR A 92 14.65 9.42 12.01
N ILE A 93 13.47 9.65 11.43
CA ILE A 93 12.51 10.68 11.87
C ILE A 93 11.98 10.40 13.29
N GLU A 94 12.15 9.17 13.80
CA GLU A 94 11.76 8.67 15.12
C GLU A 94 11.34 9.76 16.11
N GLY A 95 10.03 9.95 16.29
CA GLY A 95 9.50 10.94 17.20
C GLY A 95 8.01 11.17 17.00
N ARG A 96 7.55 11.42 15.77
CA ARG A 96 6.11 11.66 15.51
C ARG A 96 5.34 10.37 15.23
N GLY A 97 5.95 9.19 15.32
CA GLY A 97 5.24 7.95 15.07
C GLY A 97 5.00 7.75 13.58
N ASN A 98 4.40 6.62 13.23
CA ASN A 98 4.08 6.22 11.87
C ASN A 98 2.66 5.69 11.87
N GLU A 99 1.71 6.53 12.27
CA GLU A 99 0.30 6.23 12.35
C GLU A 99 -0.43 7.13 11.38
N PHE A 100 -0.93 6.56 10.28
CA PHE A 100 -1.66 7.27 9.24
C PHE A 100 -3.10 6.77 9.31
N LEU A 101 -4.08 7.67 9.10
CA LEU A 101 -5.49 7.35 9.09
C LEU A 101 -6.15 8.03 7.90
N SER A 102 -7.03 7.31 7.20
CA SER A 102 -7.79 7.77 6.05
C SER A 102 -9.26 7.28 6.15
N PRO A 103 -10.21 7.84 5.37
CA PRO A 103 -11.62 7.47 5.41
C PRO A 103 -11.92 6.07 4.81
N GLU A 104 -13.20 5.74 4.64
CA GLU A 104 -13.72 4.48 4.10
C GLU A 104 -13.15 4.15 2.72
N VAL A 105 -12.74 5.19 1.97
CA VAL A 105 -12.16 5.11 0.62
C VAL A 105 -11.05 4.06 0.53
N PHE A 106 -10.38 3.72 1.64
CA PHE A 106 -9.33 2.72 1.72
C PHE A 106 -9.80 1.41 1.09
N GLN A 107 -11.03 0.99 1.41
CA GLN A 107 -11.64 -0.23 0.92
C GLN A 107 -12.14 -0.09 -0.52
N HIS A 108 -12.40 1.13 -1.00
CA HIS A 108 -12.84 1.34 -2.38
C HIS A 108 -11.70 0.98 -3.32
N ILE A 109 -10.44 1.12 -2.90
CA ILE A 109 -9.28 0.75 -3.70
C ILE A 109 -9.35 -0.77 -3.89
N TRP A 110 -9.60 -1.51 -2.80
CA TRP A 110 -9.67 -2.95 -2.87
C TRP A 110 -10.85 -3.45 -3.69
N ASP A 111 -11.98 -2.73 -3.70
CA ASP A 111 -13.15 -3.15 -4.47
C ASP A 111 -12.88 -3.15 -5.97
N PHE A 112 -12.19 -2.12 -6.49
CA PHE A 112 -11.89 -2.06 -7.91
C PHE A 112 -10.66 -2.92 -8.27
N LEU A 113 -9.85 -3.33 -7.28
CA LEU A 113 -8.67 -4.16 -7.54
C LEU A 113 -9.06 -5.45 -8.26
N GLU A 114 -10.21 -6.05 -7.88
CA GLU A 114 -10.67 -7.29 -8.49
C GLU A 114 -11.41 -7.09 -9.80
N GLN A 115 -11.91 -5.87 -10.05
CA GLN A 115 -12.62 -5.53 -11.28
C GLN A 115 -11.60 -5.41 -12.43
N PRO A 116 -12.04 -5.37 -13.72
CA PRO A 116 -11.12 -5.22 -14.83
C PRO A 116 -10.64 -3.75 -14.90
N ILE A 117 -10.10 -3.35 -16.05
CA ILE A 117 -9.57 -2.02 -16.30
C ILE A 117 -10.69 -0.97 -16.12
N SER A 118 -10.30 0.21 -15.65
CA SER A 118 -11.15 1.37 -15.40
C SER A 118 -10.33 2.65 -15.59
N SER A 119 -10.85 3.82 -15.24
CA SER A 119 -10.19 5.11 -15.33
C SER A 119 -10.46 5.84 -14.03
N VAL A 120 -9.84 5.33 -12.97
CA VAL A 120 -9.92 5.80 -11.61
C VAL A 120 -9.05 7.07 -11.44
N GLN A 121 -9.40 8.08 -12.23
CA GLN A 121 -8.76 9.39 -12.26
C GLN A 121 -9.38 10.23 -11.13
N PRO A 122 -8.73 11.33 -10.70
CA PRO A 122 -9.24 12.18 -9.64
C PRO A 122 -10.42 13.04 -10.11
N ILE A 123 -11.66 12.58 -9.88
CA ILE A 123 -12.83 13.38 -10.26
C ILE A 123 -12.94 14.49 -9.19
N ASP A 124 -13.77 15.51 -9.39
CA ASP A 124 -13.87 16.57 -8.39
C ASP A 124 -14.58 16.08 -7.14
N ALA A 1 -7.80 7.38 30.69
CA ALA A 1 -7.42 6.22 29.86
C ALA A 1 -8.55 5.93 28.89
N THR A 2 -8.29 6.15 27.60
CA THR A 2 -9.25 5.92 26.52
C THR A 2 -8.62 4.93 25.57
N GLN A 3 -8.74 3.64 25.90
CA GLN A 3 -8.21 2.55 25.10
C GLN A 3 -9.05 2.42 23.83
N SER A 4 -8.74 3.24 22.82
CA SER A 4 -9.42 3.24 21.55
C SER A 4 -9.00 1.96 20.80
N PRO A 5 -9.86 1.35 19.97
CA PRO A 5 -9.54 0.14 19.22
C PRO A 5 -8.65 0.42 17.99
N GLY A 6 -7.85 1.49 18.01
CA GLY A 6 -6.97 1.88 16.91
C GLY A 6 -5.98 0.77 16.56
N ASP A 7 -5.62 -0.09 17.51
CA ASP A 7 -4.70 -1.19 17.25
C ASP A 7 -5.38 -2.30 16.44
N SER A 8 -6.67 -2.56 16.70
CA SER A 8 -7.50 -3.59 16.05
C SER A 8 -7.37 -3.53 14.52
N ARG A 9 -7.12 -2.34 13.97
CA ARG A 9 -6.91 -2.09 12.54
C ARG A 9 -5.89 -3.06 11.96
N ARG A 10 -4.90 -3.51 12.76
CA ARG A 10 -3.87 -4.45 12.32
C ARG A 10 -4.48 -5.68 11.65
N LEU A 11 -5.54 -6.27 12.20
CA LEU A 11 -6.18 -7.46 11.64
C LEU A 11 -6.65 -7.26 10.21
N SER A 12 -7.24 -6.10 9.92
CA SER A 12 -7.77 -5.76 8.61
C SER A 12 -6.69 -5.25 7.66
N ILE A 13 -5.85 -4.32 8.12
CA ILE A 13 -4.77 -3.71 7.35
C ILE A 13 -3.87 -4.80 6.76
N GLN A 14 -3.50 -5.79 7.57
CA GLN A 14 -2.68 -6.92 7.13
C GLN A 14 -3.22 -7.60 5.87
N ARG A 15 -4.54 -7.63 5.59
CA ARG A 15 -5.08 -8.27 4.39
C ARG A 15 -4.51 -7.60 3.14
N ALA A 16 -4.52 -6.27 3.12
CA ALA A 16 -3.99 -5.50 2.01
C ALA A 16 -2.51 -5.81 1.84
N ILE A 17 -1.76 -5.68 2.94
CA ILE A 17 -0.32 -5.91 2.98
C ILE A 17 0.07 -7.32 2.55
N GLN A 18 -0.59 -8.39 3.00
CA GLN A 18 -0.23 -9.75 2.63
C GLN A 18 -0.23 -9.93 1.11
N SER A 19 -1.25 -9.42 0.43
CA SER A 19 -1.32 -9.57 -1.03
C SER A 19 -0.31 -8.64 -1.71
N LEU A 20 -0.14 -7.45 -1.16
CA LEU A 20 0.78 -6.44 -1.67
C LEU A 20 2.21 -6.95 -1.62
N VAL A 21 2.64 -7.50 -0.48
CA VAL A 21 3.95 -8.05 -0.24
C VAL A 21 4.20 -9.20 -1.19
N HIS A 22 3.26 -10.14 -1.33
CA HIS A 22 3.45 -11.25 -2.25
C HIS A 22 3.67 -10.70 -3.67
N ALA A 23 2.83 -9.77 -4.12
CA ALA A 23 2.94 -9.19 -5.46
C ALA A 23 4.25 -8.43 -5.65
N ALA A 24 4.76 -7.79 -4.59
CA ALA A 24 5.98 -7.01 -4.61
C ALA A 24 7.23 -7.87 -4.82
N GLN A 25 7.16 -9.17 -4.53
CA GLN A 25 8.26 -10.12 -4.69
C GLN A 25 7.95 -11.19 -5.75
N CYS A 26 6.77 -11.10 -6.40
CA CYS A 26 6.30 -12.00 -7.43
C CYS A 26 7.04 -11.74 -8.75
N ARG A 27 8.24 -12.29 -8.85
CA ARG A 27 9.08 -12.23 -10.03
C ARG A 27 9.78 -13.59 -10.05
N ASN A 28 9.13 -14.61 -10.63
CA ASN A 28 9.68 -15.95 -10.68
C ASN A 28 8.84 -16.83 -11.61
N ALA A 29 9.44 -17.83 -12.23
CA ALA A 29 8.73 -18.73 -13.13
C ALA A 29 7.69 -19.62 -12.47
N ASN A 30 7.75 -19.85 -11.17
CA ASN A 30 6.79 -20.71 -10.49
C ASN A 30 5.76 -19.94 -9.66
N CYS A 31 5.86 -18.61 -9.54
CA CYS A 31 4.90 -17.86 -8.75
C CYS A 31 3.59 -17.73 -9.54
N SER A 32 2.53 -18.37 -9.03
CA SER A 32 1.19 -18.35 -9.59
C SER A 32 0.14 -18.26 -8.48
N LEU A 33 -0.34 -17.07 -8.17
CA LEU A 33 -1.37 -16.82 -7.14
C LEU A 33 -2.54 -16.08 -7.79
N PRO A 34 -3.80 -16.33 -7.37
CA PRO A 34 -4.97 -15.68 -7.93
C PRO A 34 -5.05 -14.18 -7.64
N SER A 35 -4.67 -13.75 -6.44
CA SER A 35 -4.72 -12.34 -6.08
C SER A 35 -3.54 -11.55 -6.63
N CYS A 36 -2.39 -12.22 -6.82
CA CYS A 36 -1.17 -11.62 -7.32
C CYS A 36 -1.37 -10.87 -8.64
N GLN A 37 -1.95 -11.56 -9.63
CA GLN A 37 -2.19 -10.96 -10.95
C GLN A 37 -2.97 -9.64 -10.84
N LYS A 38 -3.98 -9.58 -9.95
CA LYS A 38 -4.77 -8.38 -9.74
C LYS A 38 -3.96 -7.33 -8.97
N MET A 39 -3.21 -7.74 -7.95
CA MET A 39 -2.38 -6.84 -7.15
C MET A 39 -1.37 -6.11 -8.01
N LYS A 40 -0.83 -6.76 -9.05
CA LYS A 40 0.14 -6.16 -9.96
C LYS A 40 -0.41 -4.85 -10.52
N ARG A 41 -1.73 -4.74 -10.73
CA ARG A 41 -2.35 -3.53 -11.24
C ARG A 41 -2.09 -2.35 -10.31
N VAL A 42 -2.21 -2.54 -9.00
CA VAL A 42 -2.01 -1.49 -8.00
C VAL A 42 -0.55 -1.03 -8.05
N VAL A 43 0.40 -1.97 -8.17
CA VAL A 43 1.82 -1.64 -8.21
C VAL A 43 2.14 -0.89 -9.53
N GLN A 44 1.54 -1.33 -10.64
CA GLN A 44 1.73 -0.71 -11.94
C GLN A 44 0.99 0.64 -12.05
N HIS A 45 -0.08 0.85 -11.26
CA HIS A 45 -0.84 2.09 -11.28
C HIS A 45 0.04 3.28 -10.91
N THR A 46 0.76 3.25 -9.79
CA THR A 46 1.62 4.39 -9.39
C THR A 46 2.67 4.68 -10.48
N LYS A 47 3.16 3.62 -11.13
CA LYS A 47 4.17 3.71 -12.18
C LYS A 47 3.68 4.37 -13.46
N GLY A 48 2.38 4.55 -13.65
CA GLY A 48 1.83 5.19 -14.85
C GLY A 48 0.95 6.38 -14.48
N CYS A 49 0.63 6.57 -13.20
CA CYS A 49 -0.22 7.64 -12.72
C CYS A 49 0.55 8.97 -12.77
N LYS A 50 0.24 9.81 -13.75
CA LYS A 50 0.87 11.13 -13.92
C LYS A 50 0.61 12.00 -12.69
N ARG A 51 -0.54 11.85 -12.06
CA ARG A 51 -0.92 12.60 -10.88
C ARG A 51 0.04 12.37 -9.70
N LYS A 52 0.81 11.28 -9.64
CA LYS A 52 1.74 11.04 -8.52
C LYS A 52 2.76 12.16 -8.41
N THR A 53 3.55 12.42 -9.46
CA THR A 53 4.55 13.48 -9.40
C THR A 53 3.87 14.85 -9.35
N ASN A 54 2.69 15.01 -9.96
CA ASN A 54 1.94 16.27 -9.98
C ASN A 54 1.55 16.73 -8.57
N GLY A 55 0.98 15.83 -7.77
CA GLY A 55 0.57 16.15 -6.41
C GLY A 55 0.20 14.94 -5.55
N GLY A 56 0.13 13.74 -6.13
CA GLY A 56 -0.20 12.50 -5.47
C GLY A 56 -1.66 12.17 -5.76
N CYS A 57 -1.87 11.04 -6.45
CA CYS A 57 -3.18 10.51 -6.82
C CYS A 57 -3.91 10.07 -5.53
N PRO A 58 -5.23 9.81 -5.55
CA PRO A 58 -5.93 9.40 -4.35
C PRO A 58 -5.45 8.01 -3.91
N ILE A 59 -5.40 7.05 -4.83
CA ILE A 59 -4.95 5.68 -4.56
C ILE A 59 -3.53 5.72 -4.04
N CYS A 60 -2.61 6.30 -4.81
CA CYS A 60 -1.21 6.41 -4.47
C CYS A 60 -1.01 7.10 -3.10
N LYS A 61 -1.84 8.09 -2.75
CA LYS A 61 -1.75 8.79 -1.47
C LYS A 61 -2.16 7.83 -0.35
N GLN A 62 -3.35 7.24 -0.43
CA GLN A 62 -3.81 6.32 0.61
C GLN A 62 -2.85 5.11 0.72
N LEU A 63 -2.20 4.69 -0.36
CA LEU A 63 -1.28 3.55 -0.36
C LEU A 63 -0.08 3.78 0.58
N ILE A 64 0.31 5.04 0.82
CA ILE A 64 1.41 5.42 1.72
C ILE A 64 1.05 5.06 3.16
N ALA A 65 -0.24 5.17 3.52
CA ALA A 65 -0.75 4.89 4.85
C ALA A 65 -0.30 3.53 5.34
N LEU A 66 -0.55 2.52 4.50
CA LEU A 66 -0.20 1.15 4.81
C LEU A 66 1.28 0.90 4.70
N ALA A 67 1.99 1.61 3.82
CA ALA A 67 3.44 1.46 3.69
C ALA A 67 4.08 1.85 5.02
N ALA A 68 3.66 2.98 5.61
CA ALA A 68 4.15 3.49 6.88
C ALA A 68 3.77 2.52 8.02
N TYR A 69 2.57 1.94 7.98
CA TYR A 69 2.14 0.99 9.01
C TYR A 69 3.04 -0.25 8.94
N HIS A 70 3.28 -0.79 7.75
CA HIS A 70 4.09 -1.97 7.53
C HIS A 70 5.55 -1.67 7.90
N ALA A 71 6.01 -0.44 7.64
CA ALA A 71 7.37 -0.01 7.93
C ALA A 71 7.70 -0.14 9.41
N LYS A 72 6.70 -0.09 10.31
CA LYS A 72 6.97 -0.23 11.73
C LYS A 72 7.54 -1.63 12.03
N HIS A 73 7.29 -2.63 11.18
CA HIS A 73 7.80 -4.00 11.37
C HIS A 73 8.81 -4.40 10.29
N CYS A 74 8.71 -3.82 9.09
CA CYS A 74 9.59 -4.10 7.96
C CYS A 74 10.85 -3.26 8.15
N GLN A 75 11.94 -3.90 8.59
CA GLN A 75 13.22 -3.23 8.79
C GLN A 75 14.33 -4.14 8.31
N GLU A 76 14.65 -4.04 7.03
CA GLU A 76 15.71 -4.83 6.39
C GLU A 76 16.60 -3.92 5.54
N ASN A 77 17.70 -4.47 5.02
CA ASN A 77 18.64 -3.75 4.17
C ASN A 77 17.97 -3.39 2.85
N LYS A 78 17.08 -4.24 2.34
CA LYS A 78 16.37 -4.03 1.08
C LYS A 78 14.87 -4.26 1.28
N CYS A 79 14.16 -3.25 1.81
CA CYS A 79 12.72 -3.29 2.06
C CYS A 79 11.99 -3.73 0.75
N PRO A 80 11.14 -4.78 0.80
CA PRO A 80 10.46 -5.36 -0.35
C PRO A 80 9.28 -4.60 -0.98
N VAL A 81 8.48 -3.81 -0.26
CA VAL A 81 7.37 -3.08 -0.88
C VAL A 81 8.02 -1.86 -1.55
N PRO A 82 7.60 -1.44 -2.76
CA PRO A 82 8.22 -0.29 -3.41
C PRO A 82 8.02 1.01 -2.62
N PHE A 83 6.96 1.12 -1.81
CA PHE A 83 6.68 2.30 -1.00
C PHE A 83 7.43 2.24 0.34
N CYS A 84 7.48 1.09 1.03
CA CYS A 84 8.14 1.00 2.34
C CYS A 84 9.62 1.32 2.28
N LEU A 85 10.26 0.99 1.17
CA LEU A 85 11.67 1.27 0.98
C LEU A 85 11.90 2.78 1.11
N ASN A 86 10.92 3.63 0.78
CA ASN A 86 11.07 5.07 0.93
C ASN A 86 11.18 5.35 2.43
N ILE A 87 10.23 4.88 3.24
CA ILE A 87 10.23 5.08 4.69
C ILE A 87 11.52 4.54 5.32
N LYS A 88 12.06 3.42 4.84
CA LYS A 88 13.28 2.87 5.40
C LYS A 88 14.49 3.71 4.99
N GLN A 89 14.65 3.96 3.69
CA GLN A 89 15.77 4.72 3.13
C GLN A 89 15.78 6.19 3.57
N LYS A 90 14.69 6.70 4.15
CA LYS A 90 14.59 8.08 4.63
C LYS A 90 14.34 8.13 6.13
N GLY A 91 14.46 7.00 6.85
CA GLY A 91 14.24 6.88 8.28
C GLY A 91 15.11 7.79 9.15
N THR A 92 16.14 8.40 8.57
CA THR A 92 17.04 9.32 9.23
C THR A 92 16.36 10.70 9.36
N ILE A 93 15.33 10.98 8.55
CA ILE A 93 14.57 12.23 8.50
C ILE A 93 13.25 12.07 9.27
N GLU A 94 12.56 10.95 9.07
CA GLU A 94 11.28 10.64 9.70
C GLU A 94 11.48 9.99 11.07
N GLY A 95 10.38 9.75 11.77
CA GLY A 95 10.38 9.13 13.08
C GLY A 95 9.01 8.56 13.38
N ARG A 96 8.20 9.28 14.17
CA ARG A 96 6.87 8.86 14.56
C ARG A 96 5.90 9.28 13.46
N GLY A 97 5.92 8.50 12.39
CA GLY A 97 5.09 8.65 11.19
C GLY A 97 4.36 7.37 10.77
N ASN A 98 4.43 6.31 11.57
CA ASN A 98 3.79 5.03 11.28
C ASN A 98 2.29 5.03 11.63
N GLU A 99 1.59 6.15 11.41
CA GLU A 99 0.16 6.35 11.66
C GLU A 99 -0.34 7.22 10.53
N PHE A 100 -1.54 6.92 10.04
CA PHE A 100 -2.24 7.59 8.96
C PHE A 100 -3.68 7.09 8.97
N LEU A 101 -4.63 7.97 9.23
CA LEU A 101 -6.06 7.63 9.27
C LEU A 101 -6.56 7.65 7.83
N SER A 102 -7.01 6.49 7.35
CA SER A 102 -7.52 6.28 6.00
C SER A 102 -9.06 6.19 6.10
N PRO A 103 -9.83 7.12 5.47
CA PRO A 103 -11.29 7.12 5.51
C PRO A 103 -11.90 5.79 5.03
N GLU A 104 -13.23 5.68 4.99
CA GLU A 104 -13.89 4.44 4.55
C GLU A 104 -13.53 4.03 3.15
N VAL A 105 -13.16 5.02 2.34
CA VAL A 105 -12.74 4.90 0.95
C VAL A 105 -11.58 3.90 0.82
N PHE A 106 -10.87 3.66 1.93
CA PHE A 106 -9.78 2.71 2.05
C PHE A 106 -10.22 1.34 1.53
N GLN A 107 -11.41 0.89 1.95
CA GLN A 107 -11.96 -0.41 1.55
C GLN A 107 -12.39 -0.38 0.08
N HIS A 108 -12.83 0.78 -0.42
CA HIS A 108 -13.25 0.94 -1.82
C HIS A 108 -12.03 0.75 -2.74
N ILE A 109 -10.83 1.19 -2.33
CA ILE A 109 -9.62 1.03 -3.14
C ILE A 109 -9.37 -0.46 -3.39
N TRP A 110 -9.59 -1.31 -2.39
CA TRP A 110 -9.36 -2.73 -2.56
C TRP A 110 -10.40 -3.39 -3.46
N ASP A 111 -11.57 -2.77 -3.63
CA ASP A 111 -12.65 -3.29 -4.45
C ASP A 111 -12.31 -3.22 -5.94
N PHE A 112 -11.79 -2.07 -6.40
CA PHE A 112 -11.47 -1.93 -7.82
C PHE A 112 -10.32 -2.81 -8.30
N LEU A 113 -9.44 -3.27 -7.41
CA LEU A 113 -8.30 -4.09 -7.79
C LEU A 113 -8.73 -5.40 -8.45
N GLU A 114 -9.84 -5.98 -7.98
CA GLU A 114 -10.36 -7.24 -8.50
C GLU A 114 -11.52 -7.04 -9.49
N GLN A 115 -12.27 -5.95 -9.38
CA GLN A 115 -13.39 -5.63 -10.27
C GLN A 115 -12.87 -5.24 -11.65
N PRO A 116 -13.71 -5.17 -12.70
CA PRO A 116 -13.29 -4.81 -14.06
C PRO A 116 -13.05 -3.31 -14.28
N ILE A 117 -12.64 -2.60 -13.23
CA ILE A 117 -12.35 -1.17 -13.25
C ILE A 117 -10.89 -1.08 -13.69
N SER A 118 -10.57 -0.23 -14.68
CA SER A 118 -9.20 -0.08 -15.18
C SER A 118 -8.81 1.36 -15.50
N SER A 119 -9.73 2.32 -15.39
CA SER A 119 -9.53 3.73 -15.69
C SER A 119 -9.79 4.60 -14.48
N VAL A 120 -8.74 5.00 -13.79
CA VAL A 120 -8.80 5.87 -12.62
C VAL A 120 -7.77 6.99 -12.82
N GLN A 121 -8.22 8.07 -13.46
CA GLN A 121 -7.39 9.23 -13.75
C GLN A 121 -8.07 10.56 -13.39
N PRO A 122 -8.23 10.89 -12.09
CA PRO A 122 -8.82 12.14 -11.66
C PRO A 122 -7.77 13.24 -11.89
N ILE A 123 -7.81 13.89 -13.06
CA ILE A 123 -6.88 14.95 -13.47
C ILE A 123 -6.65 16.00 -12.38
N ASP A 124 -7.70 16.37 -11.65
CA ASP A 124 -7.76 17.31 -10.55
C ASP A 124 -8.88 16.75 -9.71
N ALA A 1 -9.19 10.30 29.38
CA ALA A 1 -8.79 10.30 27.97
C ALA A 1 -7.81 9.14 27.76
N THR A 2 -8.31 7.98 27.34
CA THR A 2 -7.51 6.78 27.12
C THR A 2 -7.93 6.26 25.73
N GLN A 3 -7.26 6.75 24.69
CA GLN A 3 -7.54 6.38 23.31
C GLN A 3 -7.52 4.87 23.11
N SER A 4 -8.45 4.34 22.31
CA SER A 4 -8.52 2.92 22.02
C SER A 4 -7.28 2.47 21.25
N PRO A 5 -6.81 1.23 21.43
CA PRO A 5 -5.65 0.72 20.72
C PRO A 5 -5.98 0.51 19.24
N GLY A 6 -5.01 0.03 18.45
CA GLY A 6 -5.18 -0.18 17.03
C GLY A 6 -5.28 -1.64 16.60
N ASP A 7 -5.64 -2.59 17.47
CA ASP A 7 -5.74 -4.00 17.03
C ASP A 7 -6.84 -4.13 15.99
N SER A 8 -7.96 -3.43 16.19
CA SER A 8 -9.09 -3.45 15.27
C SER A 8 -8.65 -2.91 13.90
N ARG A 9 -7.68 -1.99 13.88
CA ARG A 9 -7.13 -1.41 12.66
C ARG A 9 -6.15 -2.40 12.03
N ARG A 10 -5.17 -2.88 12.82
CA ARG A 10 -4.13 -3.83 12.39
C ARG A 10 -4.68 -5.07 11.71
N LEU A 11 -5.69 -5.71 12.32
CA LEU A 11 -6.28 -6.92 11.76
C LEU A 11 -6.86 -6.69 10.38
N SER A 12 -7.39 -5.49 10.12
CA SER A 12 -8.01 -5.13 8.86
C SER A 12 -6.96 -4.71 7.82
N ILE A 13 -6.07 -3.80 8.18
CA ILE A 13 -5.01 -3.28 7.32
C ILE A 13 -4.12 -4.41 6.76
N GLN A 14 -3.65 -5.32 7.61
CA GLN A 14 -2.79 -6.40 7.17
C GLN A 14 -3.40 -7.29 6.10
N ARG A 15 -4.73 -7.45 6.08
CA ARG A 15 -5.40 -8.29 5.09
C ARG A 15 -5.10 -7.83 3.67
N ALA A 16 -4.94 -6.52 3.45
CA ALA A 16 -4.58 -5.99 2.14
C ALA A 16 -3.09 -6.23 1.90
N ILE A 17 -2.27 -5.86 2.89
CA ILE A 17 -0.82 -5.97 2.86
C ILE A 17 -0.32 -7.39 2.52
N GLN A 18 -0.99 -8.45 3.00
CA GLN A 18 -0.58 -9.82 2.73
C GLN A 18 -0.48 -10.10 1.22
N SER A 19 -1.37 -9.50 0.43
CA SER A 19 -1.45 -9.65 -1.00
C SER A 19 -0.46 -8.69 -1.69
N LEU A 20 -0.30 -7.49 -1.12
CA LEU A 20 0.59 -6.43 -1.61
C LEU A 20 2.06 -6.83 -1.53
N VAL A 21 2.53 -7.26 -0.36
CA VAL A 21 3.92 -7.66 -0.15
C VAL A 21 4.26 -8.76 -1.15
N HIS A 22 3.41 -9.77 -1.27
CA HIS A 22 3.62 -10.86 -2.20
C HIS A 22 3.78 -10.31 -3.61
N ALA A 23 2.83 -9.48 -4.08
CA ALA A 23 2.88 -8.92 -5.42
C ALA A 23 4.13 -8.06 -5.64
N ALA A 24 4.63 -7.40 -4.60
CA ALA A 24 5.81 -6.55 -4.66
C ALA A 24 7.10 -7.35 -4.81
N GLN A 25 7.12 -8.63 -4.39
CA GLN A 25 8.28 -9.52 -4.47
C GLN A 25 8.05 -10.69 -5.45
N CYS A 26 6.95 -10.66 -6.20
CA CYS A 26 6.54 -11.67 -7.17
C CYS A 26 7.42 -11.54 -8.41
N ARG A 27 8.61 -12.12 -8.36
CA ARG A 27 9.56 -12.14 -9.47
C ARG A 27 10.23 -13.50 -9.35
N ASN A 28 9.59 -14.53 -9.92
CA ASN A 28 10.07 -15.91 -9.91
C ASN A 28 9.15 -16.72 -10.81
N ALA A 29 9.68 -17.69 -11.55
CA ALA A 29 8.86 -18.51 -12.44
C ALA A 29 7.86 -19.38 -11.66
N ASN A 30 8.15 -19.76 -10.42
CA ASN A 30 7.24 -20.59 -9.63
C ASN A 30 6.14 -19.78 -8.94
N CYS A 31 6.23 -18.45 -8.95
CA CYS A 31 5.23 -17.61 -8.31
C CYS A 31 3.96 -17.67 -9.16
N SER A 32 2.90 -18.26 -8.62
CA SER A 32 1.61 -18.37 -9.29
C SER A 32 0.48 -18.15 -8.28
N LEU A 33 -0.03 -16.93 -8.11
CA LEU A 33 -1.12 -16.62 -7.18
C LEU A 33 -2.25 -15.87 -7.90
N PRO A 34 -3.51 -16.01 -7.45
CA PRO A 34 -4.67 -15.34 -8.04
C PRO A 34 -4.63 -13.84 -7.70
N SER A 35 -4.61 -13.52 -6.41
CA SER A 35 -4.58 -12.16 -5.88
C SER A 35 -3.41 -11.37 -6.46
N CYS A 36 -2.25 -12.03 -6.62
CA CYS A 36 -1.04 -11.45 -7.15
C CYS A 36 -1.28 -10.72 -8.47
N GLN A 37 -1.76 -11.45 -9.49
CA GLN A 37 -2.03 -10.87 -10.81
C GLN A 37 -2.98 -9.68 -10.73
N LYS A 38 -3.97 -9.73 -9.83
CA LYS A 38 -4.90 -8.61 -9.69
C LYS A 38 -4.13 -7.43 -9.09
N MET A 39 -3.33 -7.66 -8.05
CA MET A 39 -2.53 -6.64 -7.36
C MET A 39 -1.54 -5.99 -8.32
N LYS A 40 -1.03 -6.70 -9.33
CA LYS A 40 -0.10 -6.13 -10.32
C LYS A 40 -0.71 -4.90 -10.99
N ARG A 41 -2.05 -4.86 -11.15
CA ARG A 41 -2.75 -3.73 -11.75
C ARG A 41 -2.61 -2.48 -10.87
N VAL A 42 -2.87 -2.62 -9.57
CA VAL A 42 -2.81 -1.53 -8.60
C VAL A 42 -1.35 -1.12 -8.36
N VAL A 43 -0.44 -2.08 -8.26
CA VAL A 43 0.99 -1.83 -8.06
C VAL A 43 1.51 -0.98 -9.25
N GLN A 44 1.06 -1.27 -10.47
CA GLN A 44 1.46 -0.50 -11.66
C GLN A 44 0.74 0.85 -11.71
N HIS A 45 -0.44 1.02 -11.10
CA HIS A 45 -1.15 2.30 -11.12
C HIS A 45 -0.25 3.38 -10.56
N THR A 46 0.32 3.22 -9.37
CA THR A 46 1.18 4.25 -8.81
C THR A 46 2.42 4.56 -9.67
N LYS A 47 2.87 3.62 -10.51
CA LYS A 47 4.02 3.86 -11.38
C LYS A 47 3.59 4.74 -12.56
N GLY A 48 2.41 4.48 -13.12
CA GLY A 48 1.92 5.21 -14.28
C GLY A 48 0.96 6.36 -13.97
N CYS A 49 0.58 6.60 -12.72
CA CYS A 49 -0.35 7.67 -12.37
C CYS A 49 0.28 9.05 -12.54
N LYS A 50 -0.28 9.85 -13.45
CA LYS A 50 0.19 11.22 -13.70
C LYS A 50 -0.05 12.08 -12.46
N ARG A 51 -1.09 11.78 -11.68
CA ARG A 51 -1.38 12.55 -10.48
C ARG A 51 -0.23 12.45 -9.48
N LYS A 52 0.61 11.42 -9.54
CA LYS A 52 1.73 11.23 -8.62
C LYS A 52 2.75 12.33 -8.79
N THR A 53 3.32 12.50 -9.99
CA THR A 53 4.30 13.54 -10.23
C THR A 53 3.66 14.92 -10.08
N ASN A 54 2.36 15.04 -10.38
CA ASN A 54 1.62 16.29 -10.25
C ASN A 54 1.64 16.71 -8.77
N GLY A 55 1.32 15.79 -7.84
CA GLY A 55 1.32 16.08 -6.42
C GLY A 55 0.95 14.89 -5.51
N GLY A 56 0.12 13.94 -5.97
CA GLY A 56 -0.27 12.78 -5.19
C GLY A 56 -1.72 12.37 -5.48
N CYS A 57 -1.90 11.23 -6.14
CA CYS A 57 -3.18 10.63 -6.51
C CYS A 57 -3.94 10.17 -5.25
N PRO A 58 -5.25 9.87 -5.32
CA PRO A 58 -5.98 9.42 -4.15
C PRO A 58 -5.50 8.02 -3.75
N ILE A 59 -5.35 7.09 -4.70
CA ILE A 59 -4.88 5.73 -4.43
C ILE A 59 -3.47 5.81 -3.86
N CYS A 60 -2.54 6.38 -4.63
CA CYS A 60 -1.13 6.52 -4.33
C CYS A 60 -0.89 7.17 -2.96
N LYS A 61 -1.59 8.26 -2.63
CA LYS A 61 -1.43 8.92 -1.34
C LYS A 61 -1.84 7.95 -0.23
N GLN A 62 -3.02 7.36 -0.34
CA GLN A 62 -3.54 6.45 0.66
C GLN A 62 -2.70 5.19 0.81
N LEU A 63 -2.01 4.74 -0.24
CA LEU A 63 -1.16 3.55 -0.19
C LEU A 63 0.01 3.75 0.80
N ILE A 64 0.40 5.00 1.05
CA ILE A 64 1.47 5.37 1.98
C ILE A 64 1.08 4.92 3.39
N ALA A 65 -0.23 4.96 3.75
CA ALA A 65 -0.73 4.55 5.06
C ALA A 65 -0.28 3.12 5.39
N LEU A 66 -0.43 2.23 4.40
CA LEU A 66 -0.08 0.82 4.51
C LEU A 66 1.43 0.65 4.47
N ALA A 67 2.14 1.46 3.68
CA ALA A 67 3.58 1.39 3.59
C ALA A 67 4.17 1.71 4.97
N ALA A 68 3.73 2.79 5.62
CA ALA A 68 4.18 3.22 6.94
C ALA A 68 3.84 2.17 7.99
N TYR A 69 2.66 1.55 7.90
CA TYR A 69 2.21 0.52 8.83
C TYR A 69 3.11 -0.71 8.71
N HIS A 70 3.51 -1.09 7.50
CA HIS A 70 4.35 -2.25 7.25
C HIS A 70 5.81 -1.95 7.57
N ALA A 71 6.30 -0.75 7.27
CA ALA A 71 7.69 -0.34 7.52
C ALA A 71 8.14 -0.48 8.96
N LYS A 72 7.24 -0.36 9.94
CA LYS A 72 7.67 -0.52 11.33
C LYS A 72 8.18 -1.94 11.56
N HIS A 73 7.61 -2.93 10.86
CA HIS A 73 7.98 -4.34 10.96
C HIS A 73 9.01 -4.70 9.91
N CYS A 74 8.84 -4.24 8.66
CA CYS A 74 9.75 -4.56 7.59
C CYS A 74 10.96 -3.65 7.79
N GLN A 75 12.02 -4.21 8.35
CA GLN A 75 13.25 -3.50 8.61
C GLN A 75 14.34 -4.51 8.27
N GLU A 76 14.70 -4.54 6.99
CA GLU A 76 15.71 -5.43 6.43
C GLU A 76 16.64 -4.64 5.52
N ASN A 77 17.65 -5.31 4.97
CA ASN A 77 18.62 -4.68 4.08
C ASN A 77 17.90 -4.17 2.82
N LYS A 78 17.16 -5.02 2.09
CA LYS A 78 16.45 -4.63 0.86
C LYS A 78 14.99 -5.09 0.91
N CYS A 79 14.14 -4.30 1.57
CA CYS A 79 12.71 -4.53 1.73
C CYS A 79 12.01 -4.81 0.37
N PRO A 80 10.91 -5.58 0.38
CA PRO A 80 10.17 -5.92 -0.83
C PRO A 80 9.27 -4.79 -1.31
N VAL A 81 8.49 -4.16 -0.42
CA VAL A 81 7.58 -3.10 -0.82
C VAL A 81 8.44 -1.89 -1.24
N PRO A 82 8.25 -1.33 -2.45
CA PRO A 82 9.04 -0.20 -2.90
C PRO A 82 8.74 1.06 -2.06
N PHE A 83 7.48 1.23 -1.65
CA PHE A 83 7.07 2.36 -0.84
C PHE A 83 7.77 2.29 0.52
N CYS A 84 7.91 1.11 1.15
CA CYS A 84 8.58 0.98 2.44
C CYS A 84 10.08 1.15 2.25
N LEU A 85 10.64 0.66 1.14
CA LEU A 85 12.06 0.80 0.82
C LEU A 85 12.37 2.30 0.76
N ASN A 86 11.41 3.08 0.27
CA ASN A 86 11.54 4.53 0.18
C ASN A 86 11.41 5.15 1.59
N ILE A 87 10.64 4.58 2.51
CA ILE A 87 10.49 5.11 3.87
C ILE A 87 11.82 4.96 4.63
N LYS A 88 12.54 3.85 4.45
CA LYS A 88 13.82 3.59 5.13
C LYS A 88 14.81 4.73 4.94
N GLN A 89 15.04 5.14 3.69
CA GLN A 89 15.96 6.24 3.36
C GLN A 89 15.51 7.60 3.93
N LYS A 90 14.25 7.76 4.37
CA LYS A 90 13.74 9.02 4.92
C LYS A 90 13.94 9.07 6.42
N GLY A 91 13.64 7.98 7.13
CA GLY A 91 13.76 7.87 8.57
C GLY A 91 12.66 8.60 9.36
N THR A 92 11.97 9.56 8.75
CA THR A 92 10.90 10.41 9.30
C THR A 92 9.75 9.71 10.02
N ILE A 93 9.33 8.56 9.52
CA ILE A 93 8.21 7.84 10.11
C ILE A 93 8.67 7.32 11.48
N GLU A 94 9.82 6.65 11.52
CA GLU A 94 10.42 6.07 12.72
C GLU A 94 9.50 5.11 13.49
N GLY A 95 8.37 4.73 12.88
CA GLY A 95 7.36 3.85 13.42
C GLY A 95 5.99 4.48 13.25
N ARG A 96 5.58 5.29 14.23
CA ARG A 96 4.28 5.96 14.23
C ARG A 96 4.21 7.10 13.23
N GLY A 97 5.26 7.90 13.14
CA GLY A 97 5.31 9.04 12.25
C GLY A 97 4.29 10.03 12.81
N ASN A 98 3.42 10.60 11.96
CA ASN A 98 2.40 11.53 12.41
C ASN A 98 1.10 10.75 12.61
N GLU A 99 0.29 10.61 11.56
CA GLU A 99 -0.99 9.95 11.54
C GLU A 99 -1.32 9.64 10.09
N PHE A 100 -2.25 8.72 9.89
CA PHE A 100 -2.77 8.26 8.61
C PHE A 100 -4.04 7.47 8.91
N LEU A 101 -5.23 8.01 8.64
CA LEU A 101 -6.52 7.35 8.89
C LEU A 101 -7.47 7.67 7.75
N SER A 102 -7.48 6.84 6.72
CA SER A 102 -8.34 6.99 5.55
C SER A 102 -9.80 6.62 5.92
N PRO A 103 -10.81 7.18 5.24
CA PRO A 103 -12.22 6.86 5.48
C PRO A 103 -12.53 5.45 4.91
N GLU A 104 -13.81 5.09 4.72
CA GLU A 104 -14.20 3.77 4.18
C GLU A 104 -13.68 3.61 2.74
N VAL A 105 -13.28 4.71 2.10
CA VAL A 105 -12.73 4.74 0.75
C VAL A 105 -11.50 3.81 0.70
N PHE A 106 -10.86 3.55 1.84
CA PHE A 106 -9.72 2.65 1.94
C PHE A 106 -10.10 1.29 1.36
N GLN A 107 -11.30 0.78 1.67
CA GLN A 107 -11.77 -0.49 1.16
C GLN A 107 -12.23 -0.37 -0.30
N HIS A 108 -12.71 0.80 -0.73
CA HIS A 108 -13.16 1.00 -2.11
C HIS A 108 -11.97 0.78 -3.07
N ILE A 109 -10.73 1.05 -2.62
CA ILE A 109 -9.53 0.87 -3.42
C ILE A 109 -9.34 -0.62 -3.76
N TRP A 110 -9.73 -1.55 -2.88
CA TRP A 110 -9.54 -2.97 -3.14
C TRP A 110 -10.60 -3.58 -4.06
N ASP A 111 -11.79 -3.02 -4.11
CA ASP A 111 -12.85 -3.57 -4.96
C ASP A 111 -12.58 -3.29 -6.43
N PHE A 112 -12.19 -2.05 -6.74
CA PHE A 112 -11.89 -1.66 -8.11
C PHE A 112 -10.52 -2.19 -8.53
N LEU A 113 -9.66 -2.65 -7.61
CA LEU A 113 -8.33 -3.15 -7.95
C LEU A 113 -8.44 -4.28 -8.99
N GLU A 114 -9.45 -5.14 -8.85
CA GLU A 114 -9.68 -6.28 -9.74
C GLU A 114 -10.45 -5.90 -11.00
N GLN A 115 -11.20 -4.80 -10.93
CA GLN A 115 -12.01 -4.29 -12.04
C GLN A 115 -11.04 -3.74 -13.10
N PRO A 116 -11.20 -4.07 -14.40
CA PRO A 116 -10.30 -3.55 -15.42
C PRO A 116 -10.65 -2.07 -15.62
N ILE A 117 -9.97 -1.18 -14.89
CA ILE A 117 -10.14 0.28 -14.90
C ILE A 117 -8.76 0.91 -15.06
N SER A 118 -8.74 2.13 -15.60
CA SER A 118 -7.56 2.94 -15.85
C SER A 118 -7.82 4.42 -15.57
N SER A 119 -8.98 4.78 -15.01
CA SER A 119 -9.37 6.15 -14.71
C SER A 119 -9.90 6.24 -13.29
N VAL A 120 -9.10 6.81 -12.41
CA VAL A 120 -9.37 7.05 -11.01
C VAL A 120 -8.99 8.52 -10.68
N GLN A 121 -9.05 9.39 -11.69
CA GLN A 121 -8.75 10.80 -11.53
C GLN A 121 -9.85 11.36 -10.60
N PRO A 122 -9.55 12.35 -9.74
CA PRO A 122 -10.55 12.91 -8.86
C PRO A 122 -11.61 13.61 -9.71
N ILE A 123 -12.88 13.26 -9.48
CA ILE A 123 -13.99 13.89 -10.20
C ILE A 123 -14.31 15.24 -9.57
N ASP A 124 -13.99 15.41 -8.28
CA ASP A 124 -14.19 16.63 -7.50
C ASP A 124 -12.96 17.49 -7.68
N ALA A 1 -7.08 6.38 29.97
CA ALA A 1 -5.76 6.93 29.62
C ALA A 1 -5.87 7.61 28.26
N THR A 2 -4.93 7.37 27.33
CA THR A 2 -4.93 7.97 25.99
C THR A 2 -4.48 6.96 24.91
N GLN A 3 -4.20 5.70 25.28
CA GLN A 3 -3.74 4.68 24.35
C GLN A 3 -4.75 4.41 23.24
N SER A 4 -4.45 4.92 22.05
CA SER A 4 -5.26 4.76 20.86
C SER A 4 -5.21 3.27 20.49
N PRO A 5 -6.33 2.54 20.55
CA PRO A 5 -6.34 1.13 20.23
C PRO A 5 -6.14 0.97 18.72
N GLY A 6 -5.22 0.09 18.34
CA GLY A 6 -4.88 -0.20 16.94
C GLY A 6 -4.98 -1.67 16.60
N ASP A 7 -5.31 -2.54 17.56
CA ASP A 7 -5.44 -3.98 17.38
C ASP A 7 -6.52 -4.35 16.36
N SER A 8 -7.59 -3.57 16.25
CA SER A 8 -8.67 -3.81 15.30
C SER A 8 -8.21 -3.31 13.93
N ARG A 9 -7.44 -2.22 13.90
CA ARG A 9 -6.93 -1.64 12.65
C ARG A 9 -5.91 -2.55 11.99
N ARG A 10 -4.97 -3.12 12.76
CA ARG A 10 -3.92 -4.00 12.22
C ARG A 10 -4.47 -5.19 11.47
N LEU A 11 -5.44 -5.94 12.00
CA LEU A 11 -5.98 -7.12 11.31
C LEU A 11 -6.55 -6.80 9.92
N SER A 12 -7.19 -5.63 9.78
CA SER A 12 -7.78 -5.18 8.54
C SER A 12 -6.68 -4.79 7.54
N ILE A 13 -5.65 -4.11 8.01
CA ILE A 13 -4.53 -3.67 7.19
C ILE A 13 -3.68 -4.87 6.74
N GLN A 14 -3.26 -5.73 7.66
CA GLN A 14 -2.45 -6.93 7.40
C GLN A 14 -3.07 -7.76 6.28
N ARG A 15 -4.40 -7.90 6.28
CA ARG A 15 -5.16 -8.64 5.29
C ARG A 15 -4.85 -8.13 3.87
N ALA A 16 -4.76 -6.82 3.67
CA ALA A 16 -4.45 -6.22 2.38
C ALA A 16 -2.95 -6.41 2.10
N ILE A 17 -2.12 -6.03 3.08
CA ILE A 17 -0.65 -6.08 3.00
C ILE A 17 -0.11 -7.47 2.64
N GLN A 18 -0.70 -8.56 3.12
CA GLN A 18 -0.21 -9.91 2.82
C GLN A 18 -0.11 -10.14 1.31
N SER A 19 -1.10 -9.66 0.56
CA SER A 19 -1.15 -9.81 -0.89
C SER A 19 -0.24 -8.79 -1.58
N LEU A 20 -0.08 -7.60 -0.99
CA LEU A 20 0.75 -6.52 -1.51
C LEU A 20 2.21 -6.93 -1.43
N VAL A 21 2.70 -7.40 -0.27
CA VAL A 21 4.08 -7.81 -0.10
C VAL A 21 4.40 -8.87 -1.15
N HIS A 22 3.54 -9.90 -1.24
CA HIS A 22 3.72 -10.96 -2.20
C HIS A 22 3.79 -10.39 -3.63
N ALA A 23 2.81 -9.56 -4.02
CA ALA A 23 2.77 -8.98 -5.36
C ALA A 23 3.96 -8.08 -5.67
N ALA A 24 4.55 -7.46 -4.66
CA ALA A 24 5.69 -6.59 -4.84
C ALA A 24 6.95 -7.41 -5.14
N GLN A 25 7.20 -8.49 -4.41
CA GLN A 25 8.37 -9.34 -4.61
C GLN A 25 8.18 -10.42 -5.70
N CYS A 26 6.95 -10.62 -6.19
CA CYS A 26 6.58 -11.61 -7.19
C CYS A 26 7.31 -11.48 -8.54
N ARG A 27 8.45 -12.14 -8.69
CA ARG A 27 9.25 -12.21 -9.90
C ARG A 27 9.84 -13.63 -9.87
N ASN A 28 9.12 -14.64 -10.37
CA ASN A 28 9.56 -16.04 -10.43
C ASN A 28 8.53 -16.85 -11.21
N ALA A 29 8.90 -18.04 -11.72
CA ALA A 29 8.02 -18.91 -12.50
C ALA A 29 7.09 -19.80 -11.65
N ASN A 30 7.55 -20.32 -10.50
CA ASN A 30 6.75 -21.20 -9.63
C ASN A 30 5.60 -20.48 -8.92
N CYS A 31 5.67 -19.15 -8.87
CA CYS A 31 4.69 -18.32 -8.22
C CYS A 31 3.43 -18.15 -9.07
N SER A 32 2.28 -18.65 -8.60
CA SER A 32 1.01 -18.54 -9.28
C SER A 32 -0.08 -18.22 -8.24
N LEU A 33 -0.35 -16.93 -8.00
CA LEU A 33 -1.35 -16.49 -7.04
C LEU A 33 -2.33 -15.58 -7.78
N PRO A 34 -3.65 -15.81 -7.72
CA PRO A 34 -4.62 -14.96 -8.41
C PRO A 34 -4.62 -13.55 -7.83
N SER A 35 -4.47 -13.42 -6.50
CA SER A 35 -4.42 -12.14 -5.83
C SER A 35 -3.25 -11.34 -6.38
N CYS A 36 -2.12 -12.03 -6.61
CA CYS A 36 -0.90 -11.47 -7.13
C CYS A 36 -1.16 -10.86 -8.50
N GLN A 37 -1.68 -11.66 -9.42
CA GLN A 37 -1.97 -11.22 -10.78
C GLN A 37 -2.89 -9.98 -10.76
N LYS A 38 -3.89 -9.93 -9.88
CA LYS A 38 -4.79 -8.77 -9.77
C LYS A 38 -4.05 -7.58 -9.17
N MET A 39 -3.30 -7.80 -8.09
CA MET A 39 -2.54 -6.78 -7.37
C MET A 39 -1.56 -6.10 -8.31
N LYS A 40 -1.00 -6.81 -9.30
CA LYS A 40 -0.05 -6.22 -10.24
C LYS A 40 -0.70 -5.01 -10.94
N ARG A 41 -2.01 -5.02 -11.19
CA ARG A 41 -2.69 -3.89 -11.82
C ARG A 41 -2.56 -2.64 -10.95
N VAL A 42 -2.71 -2.81 -9.63
CA VAL A 42 -2.61 -1.74 -8.63
C VAL A 42 -1.13 -1.33 -8.49
N VAL A 43 -0.19 -2.28 -8.53
CA VAL A 43 1.24 -1.97 -8.42
C VAL A 43 1.67 -1.17 -9.67
N GLN A 44 1.13 -1.51 -10.85
CA GLN A 44 1.41 -0.83 -12.10
C GLN A 44 0.70 0.52 -12.14
N HIS A 45 -0.42 0.71 -11.42
CA HIS A 45 -1.14 1.97 -11.42
C HIS A 45 -0.18 3.10 -11.00
N THR A 46 0.53 2.96 -9.87
CA THR A 46 1.46 4.02 -9.45
C THR A 46 2.58 4.24 -10.47
N LYS A 47 2.95 3.24 -11.28
CA LYS A 47 3.99 3.37 -12.28
C LYS A 47 3.57 4.39 -13.35
N GLY A 48 2.27 4.49 -13.64
CA GLY A 48 1.74 5.43 -14.61
C GLY A 48 1.17 6.70 -13.96
N CYS A 49 0.73 6.61 -12.70
CA CYS A 49 0.18 7.70 -11.94
C CYS A 49 1.31 8.59 -11.41
N LYS A 50 1.66 9.60 -12.18
CA LYS A 50 2.71 10.55 -11.83
C LYS A 50 2.15 11.73 -11.04
N ARG A 51 0.88 11.67 -10.60
CA ARG A 51 0.19 12.74 -9.85
C ARG A 51 0.96 13.29 -8.66
N LYS A 52 1.90 12.53 -8.08
CA LYS A 52 2.72 13.02 -6.96
C LYS A 52 3.42 14.31 -7.34
N THR A 53 3.77 14.49 -8.63
CA THR A 53 4.41 15.70 -9.13
C THR A 53 3.62 16.96 -8.76
N ASN A 54 2.29 16.89 -8.66
CA ASN A 54 1.41 18.00 -8.29
C ASN A 54 1.01 17.87 -6.82
N GLY A 55 0.58 16.66 -6.40
CA GLY A 55 0.16 16.40 -5.03
C GLY A 55 0.26 14.92 -4.66
N GLY A 56 -0.60 14.07 -5.22
CA GLY A 56 -0.62 12.65 -4.93
C GLY A 56 -1.89 12.04 -5.51
N CYS A 57 -1.76 10.86 -6.09
CA CYS A 57 -2.86 10.12 -6.70
C CYS A 57 -3.86 9.65 -5.63
N PRO A 58 -5.11 9.31 -6.01
CA PRO A 58 -6.09 8.82 -5.05
C PRO A 58 -5.66 7.46 -4.50
N ILE A 59 -5.52 6.44 -5.36
CA ILE A 59 -5.13 5.10 -4.97
C ILE A 59 -3.78 5.11 -4.23
N CYS A 60 -2.79 5.76 -4.82
CA CYS A 60 -1.44 5.85 -4.29
C CYS A 60 -1.37 6.55 -2.93
N LYS A 61 -2.19 7.56 -2.65
CA LYS A 61 -2.14 8.24 -1.35
C LYS A 61 -2.60 7.30 -0.26
N GLN A 62 -3.71 6.59 -0.49
CA GLN A 62 -4.26 5.64 0.47
C GLN A 62 -3.20 4.56 0.76
N LEU A 63 -2.47 4.14 -0.27
CA LEU A 63 -1.42 3.13 -0.18
C LEU A 63 -0.22 3.55 0.67
N ILE A 64 0.14 4.85 0.71
CA ILE A 64 1.28 5.31 1.51
C ILE A 64 1.04 4.96 2.99
N ALA A 65 -0.22 4.98 3.44
CA ALA A 65 -0.57 4.63 4.82
C ALA A 65 -0.10 3.21 5.13
N LEU A 66 -0.28 2.28 4.17
CA LEU A 66 0.12 0.89 4.34
C LEU A 66 1.63 0.77 4.38
N ALA A 67 2.32 1.51 3.53
CA ALA A 67 3.77 1.47 3.48
C ALA A 67 4.32 1.89 4.85
N ALA A 68 3.80 3.00 5.41
CA ALA A 68 4.20 3.51 6.70
C ALA A 68 3.87 2.52 7.83
N TYR A 69 2.65 1.95 7.79
CA TYR A 69 2.18 0.98 8.77
C TYR A 69 3.12 -0.23 8.80
N HIS A 70 3.45 -0.78 7.63
CA HIS A 70 4.32 -1.94 7.53
C HIS A 70 5.75 -1.59 7.88
N ALA A 71 6.25 -0.39 7.54
CA ALA A 71 7.61 0.00 7.80
C ALA A 71 7.97 0.00 9.29
N LYS A 72 7.01 0.20 10.20
CA LYS A 72 7.36 0.18 11.62
C LYS A 72 7.64 -1.26 12.09
N HIS A 73 7.32 -2.26 11.26
CA HIS A 73 7.50 -3.68 11.47
C HIS A 73 8.39 -4.29 10.38
N CYS A 74 8.88 -3.50 9.41
CA CYS A 74 9.72 -3.90 8.29
C CYS A 74 10.90 -2.92 8.18
N GLN A 75 12.08 -3.33 8.62
CA GLN A 75 13.29 -2.53 8.56
C GLN A 75 14.37 -3.49 8.10
N GLU A 76 14.54 -3.63 6.78
CA GLU A 76 15.54 -4.54 6.25
C GLU A 76 16.35 -3.86 5.17
N ASN A 77 17.42 -4.51 4.72
CA ASN A 77 18.30 -3.98 3.69
C ASN A 77 17.65 -4.05 2.31
N LYS A 78 16.74 -4.99 2.06
CA LYS A 78 16.06 -5.16 0.79
C LYS A 78 14.56 -5.25 1.07
N CYS A 79 13.94 -4.13 1.46
CA CYS A 79 12.50 -4.07 1.73
C CYS A 79 11.77 -4.60 0.47
N PRO A 80 10.89 -5.60 0.60
CA PRO A 80 10.19 -6.19 -0.53
C PRO A 80 9.10 -5.32 -1.18
N VAL A 81 8.61 -4.25 -0.54
CA VAL A 81 7.56 -3.41 -1.14
C VAL A 81 8.22 -2.12 -1.65
N PRO A 82 7.86 -1.62 -2.85
CA PRO A 82 8.48 -0.42 -3.37
C PRO A 82 8.20 0.80 -2.50
N PHE A 83 6.95 1.02 -2.06
CA PHE A 83 6.66 2.18 -1.23
C PHE A 83 7.28 2.06 0.17
N CYS A 84 7.39 0.87 0.78
CA CYS A 84 7.97 0.79 2.12
C CYS A 84 9.45 1.13 2.08
N LEU A 85 10.13 0.70 1.02
CA LEU A 85 11.53 0.98 0.79
C LEU A 85 11.69 2.51 0.74
N ASN A 86 10.70 3.20 0.17
CA ASN A 86 10.73 4.67 0.06
C ASN A 86 10.60 5.31 1.44
N ILE A 87 9.80 4.74 2.36
CA ILE A 87 9.62 5.26 3.72
C ILE A 87 10.98 5.38 4.37
N LYS A 88 11.76 4.29 4.34
CA LYS A 88 13.09 4.23 4.93
C LYS A 88 14.09 5.09 4.19
N GLN A 89 14.13 4.97 2.86
CA GLN A 89 15.05 5.71 2.02
C GLN A 89 14.97 7.19 2.32
N LYS A 90 13.78 7.77 2.19
CA LYS A 90 13.59 9.19 2.44
C LYS A 90 13.77 9.50 3.91
N GLY A 91 13.05 8.77 4.77
CA GLY A 91 13.06 8.90 6.21
C GLY A 91 12.99 10.35 6.68
N THR A 92 12.19 11.17 6.02
CA THR A 92 12.00 12.56 6.37
C THR A 92 11.15 12.64 7.64
N ILE A 93 10.57 11.51 8.10
CA ILE A 93 9.72 11.29 9.28
C ILE A 93 8.34 11.95 9.11
N GLU A 94 8.24 12.87 8.16
CA GLU A 94 7.07 13.66 7.84
C GLU A 94 6.24 13.12 6.67
N GLY A 95 5.05 13.70 6.50
CA GLY A 95 4.04 13.42 5.49
C GLY A 95 3.26 12.19 5.87
N ARG A 96 4.00 11.10 6.10
CA ARG A 96 3.40 9.84 6.50
C ARG A 96 2.92 9.88 7.94
N GLY A 97 3.53 10.70 8.79
CA GLY A 97 3.18 10.77 10.20
C GLY A 97 3.48 9.41 10.82
N ASN A 98 3.10 9.23 12.08
CA ASN A 98 3.30 7.96 12.78
C ASN A 98 2.08 7.05 12.60
N GLU A 99 0.97 7.57 12.06
CA GLU A 99 -0.28 6.89 11.78
C GLU A 99 -0.87 7.61 10.57
N PHE A 100 -1.73 6.93 9.84
CA PHE A 100 -2.41 7.45 8.67
C PHE A 100 -3.71 6.66 8.52
N LEU A 101 -4.79 7.17 9.11
CA LEU A 101 -6.11 6.55 9.07
C LEU A 101 -6.90 7.36 8.07
N SER A 102 -6.86 6.95 6.81
CA SER A 102 -7.53 7.58 5.69
C SER A 102 -9.04 7.25 5.71
N PRO A 103 -9.90 7.90 4.89
CA PRO A 103 -11.33 7.63 4.86
C PRO A 103 -11.64 6.23 4.27
N GLU A 104 -12.94 5.90 4.18
CA GLU A 104 -13.51 4.64 3.65
C GLU A 104 -12.92 4.25 2.30
N VAL A 105 -12.48 5.26 1.54
CA VAL A 105 -11.87 5.15 0.23
C VAL A 105 -10.74 4.11 0.27
N PHE A 106 -10.07 3.88 1.40
CA PHE A 106 -9.02 2.88 1.52
C PHE A 106 -9.48 1.51 1.01
N GLN A 107 -10.68 1.09 1.43
CA GLN A 107 -11.24 -0.20 1.05
C GLN A 107 -11.68 -0.23 -0.41
N HIS A 108 -11.92 0.94 -1.03
CA HIS A 108 -12.33 1.00 -2.42
C HIS A 108 -11.23 0.44 -3.33
N ILE A 109 -9.96 0.48 -2.91
CA ILE A 109 -8.87 -0.05 -3.71
C ILE A 109 -9.02 -1.58 -3.81
N TRP A 110 -9.36 -2.21 -2.69
CA TRP A 110 -9.54 -3.65 -2.63
C TRP A 110 -10.79 -4.10 -3.37
N ASP A 111 -11.76 -3.20 -3.54
CA ASP A 111 -13.00 -3.43 -4.26
C ASP A 111 -12.74 -3.38 -5.78
N PHE A 112 -12.11 -2.29 -6.27
CA PHE A 112 -11.87 -2.18 -7.71
C PHE A 112 -10.87 -3.20 -8.22
N LEU A 113 -9.90 -3.66 -7.40
CA LEU A 113 -8.95 -4.65 -7.89
C LEU A 113 -9.66 -5.96 -8.23
N GLU A 114 -10.84 -6.21 -7.68
CA GLU A 114 -11.64 -7.40 -7.95
C GLU A 114 -12.52 -7.18 -9.18
N GLN A 115 -12.78 -5.94 -9.59
CA GLN A 115 -13.62 -5.57 -10.73
C GLN A 115 -12.75 -5.38 -12.00
N PRO A 116 -13.33 -5.49 -13.22
CA PRO A 116 -12.60 -5.30 -14.47
C PRO A 116 -12.51 -3.79 -14.75
N ILE A 117 -11.74 -3.07 -13.92
CA ILE A 117 -11.54 -1.63 -14.00
C ILE A 117 -10.03 -1.41 -14.13
N SER A 118 -9.64 -0.56 -15.08
CA SER A 118 -8.24 -0.24 -15.32
C SER A 118 -8.19 1.18 -15.88
N SER A 119 -8.67 2.14 -15.11
CA SER A 119 -8.73 3.55 -15.42
C SER A 119 -8.75 4.28 -14.08
N VAL A 120 -8.04 5.41 -14.03
CA VAL A 120 -7.95 6.30 -12.87
C VAL A 120 -7.83 7.71 -13.44
N GLN A 121 -8.96 8.24 -13.89
CA GLN A 121 -9.05 9.59 -14.44
C GLN A 121 -10.07 10.39 -13.62
N PRO A 122 -9.79 10.65 -12.33
CA PRO A 122 -10.68 11.44 -11.50
C PRO A 122 -10.60 12.88 -12.04
N ILE A 123 -11.73 13.55 -12.24
CA ILE A 123 -11.73 14.92 -12.74
C ILE A 123 -11.58 15.94 -11.61
N ASP A 124 -11.54 15.46 -10.37
CA ASP A 124 -11.40 16.18 -9.11
C ASP A 124 -10.37 15.47 -8.25
N ALA A 1 -1.72 -0.62 27.30
CA ALA A 1 -0.33 -0.39 26.90
C ALA A 1 -0.17 0.98 26.24
N THR A 2 1.06 1.34 25.86
CA THR A 2 1.38 2.60 25.19
C THR A 2 0.80 2.59 23.75
N GLN A 3 0.79 1.42 23.08
CA GLN A 3 0.26 1.30 21.73
C GLN A 3 -1.24 1.63 21.74
N SER A 4 -1.70 2.42 20.78
CA SER A 4 -3.12 2.75 20.70
C SER A 4 -3.90 1.48 20.34
N PRO A 5 -5.16 1.33 20.80
CA PRO A 5 -6.00 0.18 20.52
C PRO A 5 -6.34 0.20 19.02
N GLY A 6 -5.57 -0.56 18.24
CA GLY A 6 -5.70 -0.65 16.79
C GLY A 6 -5.85 -2.05 16.25
N ASP A 7 -6.47 -3.00 16.96
CA ASP A 7 -6.62 -4.36 16.39
C ASP A 7 -7.41 -4.32 15.08
N SER A 8 -8.42 -3.46 15.03
CA SER A 8 -9.28 -3.24 13.87
C SER A 8 -8.45 -2.70 12.71
N ARG A 9 -7.59 -1.72 13.03
CA ARG A 9 -6.69 -1.05 12.11
C ARG A 9 -5.70 -2.07 11.56
N ARG A 10 -5.00 -2.80 12.43
CA ARG A 10 -4.00 -3.78 12.05
C ARG A 10 -4.57 -4.83 11.11
N LEU A 11 -5.66 -5.53 11.47
CA LEU A 11 -6.18 -6.58 10.60
C LEU A 11 -6.67 -6.07 9.24
N SER A 12 -7.30 -4.90 9.19
CA SER A 12 -7.78 -4.33 7.93
C SER A 12 -6.60 -3.91 7.06
N ILE A 13 -5.57 -3.32 7.64
CA ILE A 13 -4.40 -2.90 6.88
C ILE A 13 -3.66 -4.15 6.40
N GLN A 14 -3.36 -5.08 7.31
CA GLN A 14 -2.65 -6.32 7.01
C GLN A 14 -3.37 -7.15 5.93
N ARG A 15 -4.70 -7.06 5.80
CA ARG A 15 -5.45 -7.79 4.75
C ARG A 15 -4.89 -7.39 3.39
N ALA A 16 -4.80 -6.08 3.15
CA ALA A 16 -4.30 -5.56 1.90
C ALA A 16 -2.80 -5.76 1.76
N ILE A 17 -2.05 -5.43 2.82
CA ILE A 17 -0.59 -5.54 2.83
C ILE A 17 -0.13 -6.97 2.52
N GLN A 18 -0.79 -8.01 3.05
CA GLN A 18 -0.39 -9.38 2.77
C GLN A 18 -0.34 -9.67 1.27
N SER A 19 -1.29 -9.11 0.53
CA SER A 19 -1.38 -9.30 -0.91
C SER A 19 -0.46 -8.34 -1.65
N LEU A 20 -0.30 -7.10 -1.16
CA LEU A 20 0.56 -6.07 -1.75
C LEU A 20 2.03 -6.46 -1.69
N VAL A 21 2.54 -6.84 -0.51
CA VAL A 21 3.94 -7.20 -0.31
C VAL A 21 4.32 -8.27 -1.32
N HIS A 22 3.54 -9.35 -1.34
CA HIS A 22 3.77 -10.46 -2.24
C HIS A 22 3.76 -9.99 -3.70
N ALA A 23 2.75 -9.22 -4.11
CA ALA A 23 2.65 -8.75 -5.49
C ALA A 23 3.78 -7.79 -5.87
N ALA A 24 4.31 -7.02 -4.92
CA ALA A 24 5.39 -6.07 -5.17
C ALA A 24 6.67 -6.81 -5.55
N GLN A 25 6.89 -7.99 -4.97
CA GLN A 25 8.06 -8.83 -5.20
C GLN A 25 7.75 -10.03 -6.09
N CYS A 26 6.57 -10.10 -6.72
CA CYS A 26 6.14 -11.18 -7.58
C CYS A 26 6.71 -11.04 -8.98
N ARG A 27 7.93 -11.52 -9.17
CA ARG A 27 8.60 -11.52 -10.47
C ARG A 27 9.44 -12.80 -10.51
N ASN A 28 8.84 -13.93 -10.88
CA ASN A 28 9.51 -15.23 -10.97
C ASN A 28 8.49 -16.25 -11.49
N ALA A 29 8.88 -17.23 -12.31
CA ALA A 29 7.95 -18.22 -12.84
C ALA A 29 7.33 -19.13 -11.79
N ASN A 30 8.00 -19.34 -10.65
CA ASN A 30 7.47 -20.19 -9.58
C ASN A 30 6.36 -19.47 -8.80
N CYS A 31 6.28 -18.15 -8.89
CA CYS A 31 5.28 -17.38 -8.20
C CYS A 31 3.91 -17.61 -8.83
N SER A 32 3.01 -18.22 -8.06
CA SER A 32 1.64 -18.52 -8.47
C SER A 32 0.66 -18.24 -7.34
N LEU A 33 0.10 -17.03 -7.28
CA LEU A 33 -0.89 -16.66 -6.27
C LEU A 33 -2.07 -16.02 -7.01
N PRO A 34 -3.32 -16.30 -6.59
CA PRO A 34 -4.51 -15.76 -7.23
C PRO A 34 -4.62 -14.25 -7.07
N SER A 35 -4.65 -13.77 -5.82
CA SER A 35 -4.76 -12.35 -5.50
C SER A 35 -3.58 -11.56 -6.08
N CYS A 36 -2.40 -12.19 -6.23
CA CYS A 36 -1.21 -11.58 -6.79
C CYS A 36 -1.49 -11.09 -8.21
N GLN A 37 -1.99 -11.97 -9.09
CA GLN A 37 -2.30 -11.61 -10.46
C GLN A 37 -3.29 -10.45 -10.51
N LYS A 38 -4.23 -10.35 -9.57
CA LYS A 38 -5.16 -9.22 -9.55
C LYS A 38 -4.45 -7.96 -9.06
N MET A 39 -3.59 -8.10 -8.05
CA MET A 39 -2.82 -7.00 -7.48
C MET A 39 -1.93 -6.36 -8.53
N LYS A 40 -1.43 -7.11 -9.52
CA LYS A 40 -0.59 -6.56 -10.59
C LYS A 40 -1.22 -5.32 -11.23
N ARG A 41 -2.55 -5.30 -11.37
CA ARG A 41 -3.27 -4.18 -11.96
C ARG A 41 -3.05 -2.92 -11.12
N VAL A 42 -3.14 -3.05 -9.79
CA VAL A 42 -2.95 -1.95 -8.85
C VAL A 42 -1.48 -1.52 -8.78
N VAL A 43 -0.57 -2.48 -8.78
CA VAL A 43 0.87 -2.24 -8.72
C VAL A 43 1.29 -1.45 -9.96
N GLN A 44 0.80 -1.83 -11.16
CA GLN A 44 1.13 -1.12 -12.40
C GLN A 44 0.72 0.36 -12.29
N HIS A 45 -0.40 0.66 -11.63
CA HIS A 45 -0.83 2.03 -11.49
C HIS A 45 0.20 2.83 -10.71
N THR A 46 0.65 2.40 -9.52
CA THR A 46 1.64 3.17 -8.78
C THR A 46 2.99 3.24 -9.50
N LYS A 47 3.37 2.20 -10.26
CA LYS A 47 4.64 2.14 -10.98
C LYS A 47 4.83 3.41 -11.80
N GLY A 48 3.78 3.89 -12.45
CA GLY A 48 3.82 5.08 -13.27
C GLY A 48 2.81 6.14 -12.90
N CYS A 49 2.29 6.17 -11.66
CA CYS A 49 1.30 7.18 -11.32
C CYS A 49 1.84 8.62 -11.30
N LYS A 50 1.71 9.30 -12.43
CA LYS A 50 2.11 10.70 -12.58
C LYS A 50 1.03 11.57 -11.93
N ARG A 51 -0.20 11.06 -11.72
CA ARG A 51 -1.23 11.85 -11.07
C ARG A 51 -0.80 12.20 -9.64
N LYS A 52 0.19 11.52 -9.05
CA LYS A 52 0.65 11.85 -7.72
C LYS A 52 1.14 13.29 -7.69
N THR A 53 2.13 13.62 -8.52
CA THR A 53 2.71 14.95 -8.58
C THR A 53 1.64 16.00 -8.92
N ASN A 54 0.72 15.68 -9.84
CA ASN A 54 -0.36 16.58 -10.27
C ASN A 54 -1.27 17.06 -9.13
N GLY A 55 -1.35 16.31 -8.02
CA GLY A 55 -2.19 16.66 -6.88
C GLY A 55 -2.20 15.54 -5.85
N GLY A 56 -2.23 14.29 -6.29
CA GLY A 56 -2.21 13.13 -5.43
C GLY A 56 -3.51 12.35 -5.50
N CYS A 57 -3.62 11.40 -6.44
CA CYS A 57 -4.83 10.59 -6.53
C CYS A 57 -4.86 9.71 -5.26
N PRO A 58 -6.00 9.12 -4.88
CA PRO A 58 -6.10 8.33 -3.67
C PRO A 58 -5.27 7.06 -3.63
N ILE A 59 -5.11 6.32 -4.74
CA ILE A 59 -4.36 5.06 -4.73
C ILE A 59 -2.94 5.27 -4.21
N CYS A 60 -2.16 6.18 -4.82
CA CYS A 60 -0.80 6.39 -4.36
C CYS A 60 -0.74 6.99 -2.95
N LYS A 61 -1.68 7.91 -2.68
CA LYS A 61 -1.79 8.61 -1.42
C LYS A 61 -2.01 7.63 -0.27
N GLN A 62 -2.99 6.73 -0.37
CA GLN A 62 -3.25 5.75 0.70
C GLN A 62 -2.09 4.76 0.82
N LEU A 63 -1.39 4.46 -0.27
CA LEU A 63 -0.27 3.53 -0.25
C LEU A 63 0.86 4.03 0.68
N ILE A 64 1.00 5.35 0.88
CA ILE A 64 1.99 5.96 1.75
C ILE A 64 1.70 5.54 3.19
N ALA A 65 0.41 5.58 3.58
CA ALA A 65 -0.07 5.21 4.90
C ALA A 65 0.27 3.76 5.23
N LEU A 66 0.13 2.89 4.24
CA LEU A 66 0.40 1.47 4.39
C LEU A 66 1.88 1.16 4.43
N ALA A 67 2.69 1.86 3.64
CA ALA A 67 4.13 1.66 3.61
C ALA A 67 4.72 1.89 5.00
N ALA A 68 4.35 3.01 5.64
CA ALA A 68 4.80 3.40 6.97
C ALA A 68 4.42 2.33 8.00
N TYR A 69 3.16 1.95 8.01
CA TYR A 69 2.62 0.96 8.91
C TYR A 69 3.39 -0.36 8.78
N HIS A 70 3.76 -0.76 7.57
CA HIS A 70 4.50 -1.98 7.32
C HIS A 70 5.97 -1.85 7.71
N ALA A 71 6.59 -0.70 7.51
CA ALA A 71 8.00 -0.49 7.85
C ALA A 71 8.30 -0.70 9.34
N LYS A 72 7.31 -0.57 10.23
CA LYS A 72 7.60 -0.80 11.64
C LYS A 72 7.89 -2.28 11.94
N HIS A 73 7.46 -3.18 11.04
CA HIS A 73 7.68 -4.62 11.18
C HIS A 73 8.55 -5.17 10.03
N CYS A 74 8.72 -4.42 8.94
CA CYS A 74 9.53 -4.77 7.78
C CYS A 74 10.74 -3.86 7.85
N GLN A 75 11.86 -4.42 8.30
CA GLN A 75 13.12 -3.73 8.45
C GLN A 75 14.16 -4.75 8.00
N GLU A 76 14.43 -4.74 6.71
CA GLU A 76 15.37 -5.64 6.07
C GLU A 76 16.29 -4.87 5.13
N ASN A 77 17.33 -5.56 4.63
CA ASN A 77 18.32 -4.98 3.72
C ASN A 77 17.64 -4.41 2.47
N LYS A 78 16.81 -5.22 1.80
CA LYS A 78 16.11 -4.80 0.59
C LYS A 78 14.63 -5.16 0.72
N CYS A 79 13.89 -4.28 1.38
CA CYS A 79 12.46 -4.39 1.62
C CYS A 79 11.68 -4.70 0.33
N PRO A 80 10.65 -5.55 0.40
CA PRO A 80 9.84 -5.92 -0.76
C PRO A 80 8.99 -4.79 -1.32
N VAL A 81 8.30 -4.01 -0.46
CA VAL A 81 7.45 -2.92 -0.93
C VAL A 81 8.41 -1.78 -1.35
N PRO A 82 8.33 -1.26 -2.58
CA PRO A 82 9.23 -0.19 -3.00
C PRO A 82 9.05 1.11 -2.21
N PHE A 83 7.90 1.31 -1.56
CA PHE A 83 7.64 2.51 -0.78
C PHE A 83 8.32 2.40 0.60
N CYS A 84 8.09 1.29 1.34
CA CYS A 84 8.65 1.10 2.66
C CYS A 84 10.17 1.15 2.68
N LEU A 85 10.75 0.64 1.60
CA LEU A 85 12.19 0.57 1.35
C LEU A 85 12.82 1.96 1.50
N ASN A 86 12.09 3.02 1.14
CA ASN A 86 12.59 4.40 1.23
C ASN A 86 12.64 4.90 2.68
N ILE A 87 11.65 4.52 3.49
CA ILE A 87 11.48 4.90 4.91
C ILE A 87 12.75 4.53 5.66
N LYS A 88 13.18 3.27 5.56
CA LYS A 88 14.38 2.79 6.23
C LYS A 88 15.58 3.64 5.82
N GLN A 89 15.73 3.87 4.52
CA GLN A 89 16.83 4.67 3.96
C GLN A 89 16.74 6.16 4.34
N LYS A 90 15.68 6.63 5.01
CA LYS A 90 15.52 8.04 5.39
C LYS A 90 15.41 8.26 6.90
N GLY A 91 15.09 7.25 7.68
CA GLY A 91 14.94 7.28 9.13
C GLY A 91 14.39 8.62 9.63
N THR A 92 13.17 8.98 9.21
CA THR A 92 12.58 10.25 9.59
C THR A 92 12.10 10.29 11.04
N ILE A 93 11.51 9.21 11.55
CA ILE A 93 10.98 9.17 12.91
C ILE A 93 11.46 7.91 13.64
N GLU A 94 11.71 6.82 12.90
CA GLU A 94 12.17 5.52 13.40
C GLU A 94 11.61 5.20 14.80
N GLY A 95 10.28 5.15 14.94
CA GLY A 95 9.62 4.87 16.20
C GLY A 95 8.17 4.52 15.97
N ARG A 96 7.29 5.52 16.05
CA ARG A 96 5.84 5.42 15.86
C ARG A 96 5.38 6.50 14.88
N GLY A 97 6.10 6.64 13.76
CA GLY A 97 5.85 7.59 12.70
C GLY A 97 4.75 7.10 11.77
N ASN A 98 3.51 6.99 12.26
CA ASN A 98 2.37 6.53 11.49
C ASN A 98 1.10 7.29 11.90
N GLU A 99 0.61 8.17 11.04
CA GLU A 99 -0.59 8.97 11.24
C GLU A 99 -1.28 9.09 9.88
N PHE A 100 -2.42 8.41 9.68
CA PHE A 100 -3.17 8.47 8.44
C PHE A 100 -4.50 7.72 8.60
N LEU A 101 -5.67 8.36 8.43
CA LEU A 101 -6.96 7.66 8.57
C LEU A 101 -7.95 8.07 7.47
N SER A 102 -7.92 7.36 6.35
CA SER A 102 -8.84 7.59 5.23
C SER A 102 -10.18 6.86 5.51
N PRO A 103 -11.30 7.29 4.91
CA PRO A 103 -12.62 6.68 5.09
C PRO A 103 -12.76 5.41 4.22
N GLU A 104 -14.00 4.97 3.97
CA GLU A 104 -14.34 3.78 3.18
C GLU A 104 -13.64 3.74 1.81
N VAL A 105 -13.23 4.89 1.29
CA VAL A 105 -12.51 5.03 0.03
C VAL A 105 -11.23 4.17 0.06
N PHE A 106 -10.67 3.91 1.26
CA PHE A 106 -9.49 3.07 1.45
C PHE A 106 -9.82 1.67 0.91
N GLN A 107 -10.99 1.13 1.28
CA GLN A 107 -11.46 -0.18 0.84
C GLN A 107 -11.86 -0.13 -0.64
N HIS A 108 -12.33 1.01 -1.16
CA HIS A 108 -12.72 1.12 -2.56
C HIS A 108 -11.52 0.87 -3.48
N ILE A 109 -10.29 1.12 -3.02
CA ILE A 109 -9.07 0.90 -3.80
C ILE A 109 -8.91 -0.62 -3.94
N TRP A 110 -9.19 -1.39 -2.89
CA TRP A 110 -9.07 -2.84 -2.92
C TRP A 110 -10.21 -3.47 -3.74
N ASP A 111 -11.36 -2.81 -3.82
CA ASP A 111 -12.52 -3.28 -4.59
C ASP A 111 -12.34 -3.02 -6.09
N PHE A 112 -12.04 -1.79 -6.48
CA PHE A 112 -11.91 -1.49 -7.91
C PHE A 112 -10.70 -2.16 -8.53
N LEU A 113 -9.64 -2.48 -7.78
CA LEU A 113 -8.47 -3.11 -8.38
C LEU A 113 -8.80 -4.46 -8.98
N GLU A 114 -9.82 -5.16 -8.46
CA GLU A 114 -10.19 -6.47 -8.95
C GLU A 114 -10.80 -6.45 -10.35
N GLN A 115 -11.60 -5.43 -10.64
CA GLN A 115 -12.25 -5.30 -11.93
C GLN A 115 -11.33 -4.66 -12.98
N PRO A 116 -11.65 -4.76 -14.28
CA PRO A 116 -10.85 -4.12 -15.33
C PRO A 116 -11.21 -2.62 -15.28
N ILE A 117 -10.90 -1.87 -16.35
CA ILE A 117 -11.19 -0.44 -16.45
C ILE A 117 -10.43 0.29 -15.33
N SER A 118 -9.14 -0.01 -15.19
CA SER A 118 -8.24 0.60 -14.20
C SER A 118 -7.82 2.01 -14.66
N SER A 119 -8.66 2.68 -15.44
CA SER A 119 -8.50 4.01 -15.99
C SER A 119 -8.76 5.01 -14.87
N VAL A 120 -7.78 5.20 -13.98
CA VAL A 120 -7.90 6.13 -12.86
C VAL A 120 -7.90 7.56 -13.40
N GLN A 121 -9.09 8.04 -13.76
CA GLN A 121 -9.31 9.37 -14.28
C GLN A 121 -10.46 10.04 -13.51
N PRO A 122 -10.30 10.29 -12.19
CA PRO A 122 -11.35 10.95 -11.42
C PRO A 122 -11.52 12.35 -12.00
N ILE A 123 -12.74 12.88 -11.96
CA ILE A 123 -13.03 14.22 -12.47
C ILE A 123 -12.49 15.28 -11.49
N ASP A 124 -12.53 16.54 -11.91
CA ASP A 124 -12.10 17.72 -11.17
C ASP A 124 -13.17 18.77 -11.43
N ALA A 1 -0.81 -6.21 21.83
CA ALA A 1 -1.03 -4.97 22.61
C ALA A 1 -2.24 -4.20 22.10
N THR A 2 -2.74 -3.31 22.95
CA THR A 2 -3.87 -2.42 22.72
C THR A 2 -3.43 -1.12 23.39
N GLN A 3 -2.89 -0.20 22.60
CA GLN A 3 -2.38 1.07 23.08
C GLN A 3 -3.06 2.25 22.40
N SER A 4 -3.35 2.16 21.11
CA SER A 4 -4.01 3.23 20.36
C SER A 4 -5.41 2.79 19.89
N PRO A 5 -6.35 3.73 19.70
CA PRO A 5 -7.69 3.38 19.22
C PRO A 5 -7.60 2.84 17.79
N GLY A 6 -6.61 3.30 17.01
CA GLY A 6 -6.39 2.87 15.64
C GLY A 6 -5.54 1.59 15.55
N ASP A 7 -5.17 0.94 16.66
CA ASP A 7 -4.37 -0.29 16.61
C ASP A 7 -5.16 -1.39 15.89
N SER A 8 -6.47 -1.48 16.17
CA SER A 8 -7.43 -2.43 15.61
C SER A 8 -7.35 -2.52 14.09
N ARG A 9 -7.02 -1.42 13.42
CA ARG A 9 -6.88 -1.28 11.97
C ARG A 9 -5.98 -2.38 11.41
N ARG A 10 -5.01 -2.87 12.19
CA ARG A 10 -4.08 -3.92 11.80
C ARG A 10 -4.79 -5.15 11.22
N LEU A 11 -6.00 -5.49 11.70
CA LEU A 11 -6.74 -6.65 11.21
C LEU A 11 -6.97 -6.51 9.70
N SER A 12 -7.45 -5.34 9.28
CA SER A 12 -7.77 -5.00 7.91
C SER A 12 -6.50 -4.74 7.12
N ILE A 13 -5.64 -3.88 7.68
CA ILE A 13 -4.40 -3.48 7.07
C ILE A 13 -3.56 -4.70 6.71
N GLN A 14 -3.26 -5.62 7.63
CA GLN A 14 -2.46 -6.79 7.29
C GLN A 14 -3.15 -7.63 6.20
N ARG A 15 -4.48 -7.79 6.20
CA ARG A 15 -5.16 -8.55 5.14
C ARG A 15 -4.90 -7.92 3.78
N ALA A 16 -4.76 -6.60 3.72
CA ALA A 16 -4.47 -5.86 2.49
C ALA A 16 -2.99 -6.07 2.13
N ILE A 17 -2.10 -5.71 3.07
CA ILE A 17 -0.64 -5.78 2.99
C ILE A 17 -0.14 -7.17 2.60
N GLN A 18 -0.72 -8.25 3.13
CA GLN A 18 -0.32 -9.61 2.82
C GLN A 18 -0.37 -9.88 1.32
N SER A 19 -1.36 -9.31 0.62
CA SER A 19 -1.51 -9.47 -0.82
C SER A 19 -0.61 -8.47 -1.56
N LEU A 20 -0.51 -7.23 -1.07
CA LEU A 20 0.29 -6.14 -1.63
C LEU A 20 1.78 -6.51 -1.65
N VAL A 21 2.34 -6.90 -0.52
CA VAL A 21 3.75 -7.28 -0.35
C VAL A 21 4.10 -8.33 -1.39
N HIS A 22 3.31 -9.41 -1.42
CA HIS A 22 3.53 -10.50 -2.35
C HIS A 22 3.58 -9.98 -3.78
N ALA A 23 2.53 -9.27 -4.24
CA ALA A 23 2.48 -8.74 -5.59
C ALA A 23 3.62 -7.76 -5.89
N ALA A 24 4.11 -7.05 -4.88
CA ALA A 24 5.19 -6.09 -5.02
C ALA A 24 6.53 -6.79 -5.24
N GLN A 25 6.70 -8.05 -4.80
CA GLN A 25 7.96 -8.79 -4.97
C GLN A 25 7.86 -9.97 -5.96
N CYS A 26 6.64 -10.30 -6.42
CA CYS A 26 6.30 -11.38 -7.33
C CYS A 26 6.91 -11.18 -8.72
N ARG A 27 8.06 -11.80 -9.01
CA ARG A 27 8.66 -11.74 -10.33
C ARG A 27 9.32 -13.10 -10.54
N ASN A 28 8.57 -14.09 -11.02
CA ASN A 28 9.07 -15.44 -11.26
C ASN A 28 8.05 -16.22 -12.08
N ALA A 29 8.44 -17.35 -12.69
CA ALA A 29 7.51 -18.16 -13.47
C ALA A 29 6.64 -19.02 -12.56
N ASN A 30 7.23 -19.56 -11.49
CA ASN A 30 6.55 -20.41 -10.50
C ASN A 30 5.50 -19.63 -9.71
N CYS A 31 5.77 -18.35 -9.41
CA CYS A 31 4.86 -17.56 -8.63
C CYS A 31 3.54 -17.35 -9.37
N SER A 32 2.49 -17.95 -8.82
CA SER A 32 1.13 -17.88 -9.29
C SER A 32 0.20 -17.81 -8.09
N LEU A 33 -0.23 -16.63 -7.66
CA LEU A 33 -1.17 -16.45 -6.55
C LEU A 33 -2.45 -15.86 -7.14
N PRO A 34 -3.64 -16.20 -6.64
CA PRO A 34 -4.89 -15.67 -7.17
C PRO A 34 -5.00 -14.16 -6.95
N SER A 35 -4.64 -13.70 -5.76
CA SER A 35 -4.69 -12.29 -5.39
C SER A 35 -3.56 -11.50 -6.05
N CYS A 36 -2.41 -12.14 -6.35
CA CYS A 36 -1.24 -11.53 -6.97
C CYS A 36 -1.58 -10.92 -8.33
N GLN A 37 -2.09 -11.73 -9.26
CA GLN A 37 -2.42 -11.26 -10.60
C GLN A 37 -3.42 -10.08 -10.57
N LYS A 38 -4.35 -10.07 -9.62
CA LYS A 38 -5.33 -9.01 -9.46
C LYS A 38 -4.61 -7.77 -8.93
N MET A 39 -3.77 -7.94 -7.89
CA MET A 39 -2.99 -6.87 -7.28
C MET A 39 -2.04 -6.27 -8.32
N LYS A 40 -1.55 -7.05 -9.29
CA LYS A 40 -0.65 -6.60 -10.35
C LYS A 40 -1.24 -5.41 -11.11
N ARG A 41 -2.56 -5.30 -11.22
CA ARG A 41 -3.18 -4.18 -11.91
C ARG A 41 -2.83 -2.90 -11.14
N VAL A 42 -2.96 -2.95 -9.82
CA VAL A 42 -2.67 -1.85 -8.92
C VAL A 42 -1.16 -1.57 -8.93
N VAL A 43 -0.31 -2.61 -9.00
CA VAL A 43 1.15 -2.48 -9.05
C VAL A 43 1.54 -1.63 -10.27
N GLN A 44 0.93 -1.89 -11.43
CA GLN A 44 1.19 -1.16 -12.65
C GLN A 44 0.78 0.30 -12.53
N HIS A 45 -0.36 0.59 -11.88
CA HIS A 45 -0.80 1.96 -11.73
C HIS A 45 0.25 2.82 -10.99
N THR A 46 0.71 2.40 -9.81
CA THR A 46 1.69 3.19 -9.05
C THR A 46 3.02 3.35 -9.80
N LYS A 47 3.40 2.36 -10.62
CA LYS A 47 4.64 2.38 -11.39
C LYS A 47 4.82 3.66 -12.19
N GLY A 48 3.72 4.19 -12.75
CA GLY A 48 3.74 5.41 -13.54
C GLY A 48 2.77 6.49 -13.07
N CYS A 49 2.17 6.38 -11.88
CA CYS A 49 1.24 7.40 -11.41
C CYS A 49 1.97 8.70 -11.10
N LYS A 50 1.96 9.65 -12.03
CA LYS A 50 2.58 10.94 -11.81
C LYS A 50 1.59 11.90 -11.14
N ARG A 51 0.35 11.48 -10.81
CA ARG A 51 -0.64 12.33 -10.15
C ARG A 51 -0.06 12.92 -8.87
N LYS A 52 0.71 12.14 -8.11
CA LYS A 52 1.34 12.58 -6.87
C LYS A 52 2.19 13.84 -7.03
N THR A 53 2.72 14.12 -8.21
CA THR A 53 3.53 15.32 -8.45
C THR A 53 2.65 16.58 -8.39
N ASN A 54 1.41 16.49 -8.91
CA ASN A 54 0.42 17.56 -8.98
C ASN A 54 -0.65 17.52 -7.88
N GLY A 55 -0.72 16.44 -7.10
CA GLY A 55 -1.68 16.24 -6.03
C GLY A 55 -1.47 14.84 -5.48
N GLY A 56 -2.28 13.86 -5.88
CA GLY A 56 -2.16 12.49 -5.41
C GLY A 56 -3.45 11.72 -5.60
N CYS A 57 -3.43 10.73 -6.50
CA CYS A 57 -4.63 9.92 -6.76
C CYS A 57 -4.88 9.03 -5.52
N PRO A 58 -6.06 8.43 -5.39
CA PRO A 58 -6.38 7.61 -4.23
C PRO A 58 -5.58 6.33 -4.13
N ILE A 59 -5.01 5.77 -5.20
CA ILE A 59 -4.22 4.53 -5.05
C ILE A 59 -2.85 4.84 -4.46
N CYS A 60 -2.07 5.71 -5.12
CA CYS A 60 -0.74 6.04 -4.65
C CYS A 60 -0.78 6.70 -3.27
N LYS A 61 -1.74 7.60 -3.04
CA LYS A 61 -1.89 8.30 -1.78
C LYS A 61 -2.11 7.34 -0.61
N GLN A 62 -2.96 6.32 -0.76
CA GLN A 62 -3.21 5.36 0.33
C GLN A 62 -2.06 4.36 0.51
N LEU A 63 -1.26 4.09 -0.53
CA LEU A 63 -0.14 3.17 -0.40
C LEU A 63 0.83 3.68 0.67
N ILE A 64 0.94 5.00 0.83
CA ILE A 64 1.80 5.66 1.80
C ILE A 64 1.39 5.26 3.23
N ALA A 65 0.08 5.25 3.49
CA ALA A 65 -0.50 4.90 4.77
C ALA A 65 -0.11 3.49 5.19
N LEU A 66 -0.15 2.54 4.24
CA LEU A 66 0.20 1.14 4.46
C LEU A 66 1.71 0.96 4.55
N ALA A 67 2.48 1.68 3.72
CA ALA A 67 3.94 1.60 3.70
C ALA A 67 4.49 1.93 5.07
N ALA A 68 4.07 3.06 5.66
CA ALA A 68 4.53 3.49 6.98
C ALA A 68 4.11 2.51 8.07
N TYR A 69 2.94 1.88 7.92
CA TYR A 69 2.44 0.91 8.88
C TYR A 69 3.35 -0.32 8.86
N HIS A 70 3.60 -0.89 7.69
CA HIS A 70 4.43 -2.06 7.50
C HIS A 70 5.88 -1.76 7.87
N ALA A 71 6.42 -0.58 7.54
CA ALA A 71 7.80 -0.22 7.85
C ALA A 71 8.12 -0.26 9.35
N LYS A 72 7.11 -0.09 10.22
CA LYS A 72 7.34 -0.15 11.66
C LYS A 72 7.74 -1.57 12.10
N HIS A 73 7.45 -2.59 11.28
CA HIS A 73 7.78 -3.99 11.56
C HIS A 73 8.74 -4.57 10.51
N CYS A 74 8.64 -4.10 9.27
CA CYS A 74 9.44 -4.50 8.13
C CYS A 74 10.67 -3.62 8.21
N GLN A 75 11.78 -4.18 8.68
CA GLN A 75 13.02 -3.45 8.81
C GLN A 75 14.15 -4.39 8.45
N GLU A 76 14.45 -4.39 7.16
CA GLU A 76 15.50 -5.18 6.54
C GLU A 76 16.27 -4.22 5.62
N ASN A 77 17.45 -4.64 5.15
CA ASN A 77 18.26 -3.80 4.25
C ASN A 77 17.62 -3.73 2.86
N LYS A 78 16.71 -4.64 2.51
CA LYS A 78 16.01 -4.66 1.24
C LYS A 78 14.51 -4.82 1.46
N CYS A 79 13.86 -3.77 1.98
CA CYS A 79 12.42 -3.73 2.24
C CYS A 79 11.69 -4.16 0.95
N PRO A 80 10.73 -5.10 1.01
CA PRO A 80 10.03 -5.61 -0.17
C PRO A 80 9.12 -4.57 -0.82
N VAL A 81 8.28 -3.86 -0.06
CA VAL A 81 7.37 -2.87 -0.62
C VAL A 81 8.25 -1.73 -1.16
N PRO A 82 8.04 -1.26 -2.40
CA PRO A 82 8.86 -0.19 -2.97
C PRO A 82 8.71 1.14 -2.25
N PHE A 83 7.61 1.33 -1.50
CA PHE A 83 7.36 2.56 -0.76
C PHE A 83 8.09 2.51 0.57
N CYS A 84 8.01 1.39 1.31
CA CYS A 84 8.68 1.27 2.61
C CYS A 84 10.20 1.28 2.44
N LEU A 85 10.67 0.81 1.29
CA LEU A 85 12.09 0.81 0.96
C LEU A 85 12.59 2.25 0.96
N ASN A 86 11.74 3.21 0.59
CA ASN A 86 12.07 4.64 0.56
C ASN A 86 12.08 5.21 1.98
N ILE A 87 11.21 4.70 2.87
CA ILE A 87 11.10 5.10 4.26
C ILE A 87 12.45 4.80 4.94
N LYS A 88 13.10 3.68 4.59
CA LYS A 88 14.40 3.33 5.20
C LYS A 88 15.49 4.31 4.83
N GLN A 89 15.38 4.82 3.61
CA GLN A 89 16.31 5.79 3.04
C GLN A 89 16.13 7.16 3.69
N LYS A 90 14.91 7.70 3.68
CA LYS A 90 14.63 9.02 4.26
C LYS A 90 14.65 9.03 5.79
N GLY A 91 14.53 7.88 6.44
CA GLY A 91 14.50 7.77 7.88
C GLY A 91 13.17 8.34 8.34
N THR A 92 13.19 9.26 9.30
CA THR A 92 12.01 9.92 9.88
C THR A 92 10.90 8.90 10.24
N ILE A 93 11.25 7.66 10.56
CA ILE A 93 10.33 6.59 10.92
C ILE A 93 9.59 6.97 12.20
N GLU A 94 10.36 7.39 13.20
CA GLU A 94 9.89 7.81 14.52
C GLU A 94 9.24 9.19 14.44
N GLY A 95 7.97 9.29 14.81
CA GLY A 95 7.17 10.51 14.82
C GLY A 95 6.02 10.34 13.84
N ARG A 96 6.28 10.65 12.58
CA ARG A 96 5.31 10.56 11.48
C ARG A 96 5.22 9.11 11.03
N GLY A 97 4.70 8.24 11.90
CA GLY A 97 4.56 6.82 11.67
C GLY A 97 3.17 6.42 11.23
N ASN A 98 2.34 5.96 12.16
CA ASN A 98 0.96 5.50 11.94
C ASN A 98 -0.01 6.60 11.51
N GLU A 99 0.45 7.84 11.50
CA GLU A 99 -0.20 9.09 11.17
C GLU A 99 -0.82 9.17 9.79
N PHE A 100 -1.84 8.36 9.51
CA PHE A 100 -2.52 8.37 8.22
C PHE A 100 -3.98 7.94 8.35
N LEU A 101 -4.88 8.92 8.45
CA LEU A 101 -6.32 8.68 8.54
C LEU A 101 -6.87 8.80 7.13
N SER A 102 -6.94 7.67 6.43
CA SER A 102 -7.42 7.56 5.07
C SER A 102 -8.95 7.48 5.04
N PRO A 103 -9.61 8.01 3.99
CA PRO A 103 -11.05 7.97 3.85
C PRO A 103 -11.51 6.53 3.52
N GLU A 104 -12.81 6.29 3.42
CA GLU A 104 -13.35 4.96 3.11
C GLU A 104 -12.92 4.46 1.74
N VAL A 105 -12.39 5.36 0.90
CA VAL A 105 -11.89 5.08 -0.43
C VAL A 105 -10.80 4.01 -0.31
N PHE A 106 -10.15 3.87 0.84
CA PHE A 106 -9.14 2.86 1.09
C PHE A 106 -9.66 1.48 0.70
N GLN A 107 -10.89 1.15 1.12
CA GLN A 107 -11.53 -0.12 0.83
C GLN A 107 -11.90 -0.23 -0.66
N HIS A 108 -12.16 0.90 -1.33
CA HIS A 108 -12.50 0.91 -2.74
C HIS A 108 -11.34 0.36 -3.58
N ILE A 109 -10.08 0.57 -3.16
CA ILE A 109 -8.92 0.07 -3.88
C ILE A 109 -8.96 -1.47 -3.87
N TRP A 110 -9.25 -2.06 -2.70
CA TRP A 110 -9.31 -3.50 -2.55
C TRP A 110 -10.53 -4.10 -3.27
N ASP A 111 -11.56 -3.30 -3.48
CA ASP A 111 -12.76 -3.74 -4.17
C ASP A 111 -12.56 -3.77 -5.68
N PHE A 112 -12.09 -2.67 -6.28
CA PHE A 112 -11.90 -2.62 -7.73
C PHE A 112 -10.85 -3.59 -8.24
N LEU A 113 -9.82 -3.91 -7.43
CA LEU A 113 -8.79 -4.84 -7.86
C LEU A 113 -9.39 -6.21 -8.20
N GLU A 114 -10.55 -6.55 -7.63
CA GLU A 114 -11.23 -7.82 -7.88
C GLU A 114 -12.17 -7.72 -9.07
N GLN A 115 -12.87 -6.60 -9.19
CA GLN A 115 -13.83 -6.33 -10.26
C GLN A 115 -13.09 -6.11 -11.59
N PRO A 116 -13.76 -6.16 -12.75
CA PRO A 116 -13.13 -5.93 -14.05
C PRO A 116 -13.04 -4.42 -14.26
N ILE A 117 -12.29 -3.72 -13.40
CA ILE A 117 -12.10 -2.28 -13.41
C ILE A 117 -10.60 -2.01 -13.55
N SER A 118 -10.24 -1.07 -14.43
CA SER A 118 -8.85 -0.68 -14.69
C SER A 118 -8.66 0.82 -14.95
N SER A 119 -9.74 1.57 -15.15
CA SER A 119 -9.76 2.99 -15.45
C SER A 119 -9.51 3.87 -14.22
N VAL A 120 -8.25 4.05 -13.82
CA VAL A 120 -7.93 4.92 -12.69
C VAL A 120 -7.90 6.34 -13.28
N GLN A 121 -9.08 6.88 -13.58
CA GLN A 121 -9.24 8.21 -14.16
C GLN A 121 -10.42 8.92 -13.46
N PRO A 122 -10.41 9.05 -12.12
CA PRO A 122 -11.49 9.70 -11.40
C PRO A 122 -11.57 11.16 -11.85
N ILE A 123 -12.69 11.54 -12.44
CA ILE A 123 -12.91 12.91 -12.93
C ILE A 123 -13.36 13.83 -11.80
N ASP A 124 -13.86 13.27 -10.70
CA ASP A 124 -14.34 13.94 -9.50
C ASP A 124 -14.21 12.96 -8.34
N ALA A 1 -6.78 -0.13 28.99
CA ALA A 1 -8.08 0.38 28.56
C ALA A 1 -8.99 -0.78 28.17
N THR A 2 -10.29 -0.63 28.40
CA THR A 2 -11.33 -1.60 28.10
C THR A 2 -11.51 -1.81 26.59
N GLN A 3 -10.94 -0.93 25.77
CA GLN A 3 -10.98 -0.97 24.31
C GLN A 3 -9.54 -0.84 23.84
N SER A 4 -9.15 -1.72 22.93
CA SER A 4 -7.82 -1.76 22.35
C SER A 4 -7.56 -0.50 21.49
N PRO A 5 -6.30 -0.16 21.15
CA PRO A 5 -6.01 1.01 20.34
C PRO A 5 -6.23 0.61 18.86
N GLY A 6 -5.17 0.52 18.05
CA GLY A 6 -5.25 0.16 16.64
C GLY A 6 -5.39 -1.34 16.36
N ASP A 7 -5.95 -2.14 17.25
CA ASP A 7 -6.10 -3.59 17.05
C ASP A 7 -6.95 -3.88 15.81
N SER A 8 -8.11 -3.24 15.69
CA SER A 8 -8.98 -3.44 14.54
C SER A 8 -8.25 -3.01 13.27
N ARG A 9 -7.50 -1.91 13.36
CA ARG A 9 -6.73 -1.36 12.25
C ARG A 9 -5.66 -2.36 11.84
N ARG A 10 -4.92 -2.96 12.79
CA ARG A 10 -3.85 -3.91 12.47
C ARG A 10 -4.36 -5.12 11.68
N LEU A 11 -5.37 -5.85 12.19
CA LEU A 11 -5.88 -7.03 11.48
C LEU A 11 -6.50 -6.67 10.13
N SER A 12 -7.18 -5.52 10.05
CA SER A 12 -7.81 -5.06 8.83
C SER A 12 -6.76 -4.74 7.77
N ILE A 13 -5.74 -3.94 8.14
CA ILE A 13 -4.67 -3.54 7.24
C ILE A 13 -3.88 -4.76 6.76
N GLN A 14 -3.53 -5.70 7.66
CA GLN A 14 -2.79 -6.92 7.28
C GLN A 14 -3.47 -7.67 6.15
N ARG A 15 -4.82 -7.72 6.12
CA ARG A 15 -5.57 -8.41 5.09
C ARG A 15 -5.22 -7.88 3.69
N ALA A 16 -5.05 -6.56 3.53
CA ALA A 16 -4.68 -5.99 2.24
C ALA A 16 -3.19 -6.23 1.97
N ILE A 17 -2.37 -5.97 3.00
CA ILE A 17 -0.92 -6.10 2.96
C ILE A 17 -0.44 -7.50 2.56
N GLN A 18 -1.12 -8.58 2.97
CA GLN A 18 -0.71 -9.93 2.64
C GLN A 18 -0.60 -10.11 1.11
N SER A 19 -1.49 -9.47 0.35
CA SER A 19 -1.52 -9.53 -1.10
C SER A 19 -0.54 -8.49 -1.70
N LEU A 20 -0.36 -7.35 -1.04
CA LEU A 20 0.54 -6.28 -1.50
C LEU A 20 1.99 -6.74 -1.44
N VAL A 21 2.45 -7.22 -0.28
CA VAL A 21 3.81 -7.70 -0.08
C VAL A 21 4.09 -8.76 -1.14
N HIS A 22 3.16 -9.72 -1.31
CA HIS A 22 3.29 -10.77 -2.28
C HIS A 22 3.55 -10.22 -3.67
N ALA A 23 2.65 -9.36 -4.17
CA ALA A 23 2.78 -8.80 -5.51
C ALA A 23 4.03 -7.91 -5.67
N ALA A 24 4.55 -7.36 -4.58
CA ALA A 24 5.72 -6.51 -4.60
C ALA A 24 7.03 -7.30 -4.72
N GLN A 25 7.04 -8.58 -4.37
CA GLN A 25 8.22 -9.43 -4.43
C GLN A 25 8.12 -10.61 -5.40
N CYS A 26 6.91 -10.95 -5.85
CA CYS A 26 6.60 -12.04 -6.75
C CYS A 26 7.29 -11.86 -8.11
N ARG A 27 8.49 -12.45 -8.22
CA ARG A 27 9.30 -12.44 -9.42
C ARG A 27 9.97 -13.81 -9.45
N ASN A 28 9.28 -14.82 -9.97
CA ASN A 28 9.75 -16.20 -10.07
C ASN A 28 8.71 -16.99 -10.85
N ALA A 29 9.12 -17.90 -11.74
CA ALA A 29 8.20 -18.73 -12.52
C ALA A 29 7.35 -19.65 -11.64
N ASN A 30 7.87 -20.03 -10.46
CA ASN A 30 7.20 -20.90 -9.50
C ASN A 30 5.98 -20.21 -8.88
N CYS A 31 5.95 -18.87 -8.82
CA CYS A 31 4.84 -18.17 -8.23
C CYS A 31 3.61 -18.18 -9.11
N SER A 32 2.52 -18.70 -8.59
CA SER A 32 1.25 -18.72 -9.28
C SER A 32 0.13 -18.41 -8.29
N LEU A 33 -0.23 -17.13 -8.16
CA LEU A 33 -1.32 -16.65 -7.30
C LEU A 33 -2.27 -15.86 -8.20
N PRO A 34 -3.59 -16.04 -8.09
CA PRO A 34 -4.56 -15.32 -8.92
C PRO A 34 -4.72 -13.86 -8.51
N SER A 35 -4.50 -13.53 -7.25
CA SER A 35 -4.62 -12.19 -6.69
C SER A 35 -3.37 -11.35 -6.98
N CYS A 36 -2.20 -12.00 -7.10
CA CYS A 36 -0.90 -11.40 -7.35
C CYS A 36 -0.95 -10.46 -8.55
N GLN A 37 -1.33 -11.00 -9.71
CA GLN A 37 -1.45 -10.25 -10.96
C GLN A 37 -2.36 -9.02 -10.83
N LYS A 38 -3.43 -9.11 -10.03
CA LYS A 38 -4.39 -8.02 -9.83
C LYS A 38 -3.73 -6.97 -8.94
N MET A 39 -3.12 -7.36 -7.83
CA MET A 39 -2.44 -6.43 -6.93
C MET A 39 -1.35 -5.69 -7.70
N LYS A 40 -0.62 -6.40 -8.58
CA LYS A 40 0.44 -5.82 -9.40
C LYS A 40 -0.06 -4.65 -10.22
N ARG A 41 -1.32 -4.61 -10.68
CA ARG A 41 -1.86 -3.52 -11.46
C ARG A 41 -2.01 -2.26 -10.60
N VAL A 42 -2.24 -2.44 -9.31
CA VAL A 42 -2.38 -1.33 -8.36
C VAL A 42 -0.97 -0.75 -8.11
N VAL A 43 0.04 -1.62 -7.94
CA VAL A 43 1.42 -1.15 -7.73
C VAL A 43 1.88 -0.45 -9.03
N GLN A 44 1.51 -0.99 -10.20
CA GLN A 44 1.86 -0.37 -11.47
C GLN A 44 1.07 0.93 -11.65
N HIS A 45 -0.11 1.09 -11.03
CA HIS A 45 -0.88 2.32 -11.16
C HIS A 45 -0.06 3.45 -10.57
N THR A 46 0.43 3.36 -9.33
CA THR A 46 1.21 4.46 -8.74
C THR A 46 2.48 4.76 -9.53
N LYS A 47 3.10 3.75 -10.14
CA LYS A 47 4.34 3.95 -10.89
C LYS A 47 4.09 4.75 -12.19
N GLY A 48 2.88 4.74 -12.74
CA GLY A 48 2.54 5.44 -13.96
C GLY A 48 1.40 6.43 -13.80
N CYS A 49 0.95 6.70 -12.57
CA CYS A 49 -0.15 7.64 -12.34
C CYS A 49 0.35 9.06 -12.58
N LYS A 50 -0.26 9.77 -13.52
CA LYS A 50 0.07 11.16 -13.87
C LYS A 50 0.01 12.01 -12.59
N ARG A 51 -1.02 11.78 -11.77
CA ARG A 51 -1.24 12.48 -10.51
C ARG A 51 -0.05 12.37 -9.55
N LYS A 52 0.74 11.29 -9.61
CA LYS A 52 1.90 11.09 -8.73
C LYS A 52 2.83 12.30 -8.87
N THR A 53 3.17 12.62 -10.11
CA THR A 53 4.03 13.75 -10.44
C THR A 53 3.36 15.06 -10.02
N ASN A 54 2.07 15.22 -10.31
CA ASN A 54 1.25 16.40 -10.02
C ASN A 54 1.03 16.67 -8.52
N GLY A 55 1.55 15.85 -7.59
CA GLY A 55 1.39 16.07 -6.16
C GLY A 55 0.92 14.84 -5.38
N GLY A 56 0.31 13.85 -6.04
CA GLY A 56 -0.20 12.64 -5.44
C GLY A 56 -1.60 12.33 -5.96
N CYS A 57 -1.89 11.04 -6.11
CA CYS A 57 -3.13 10.46 -6.57
C CYS A 57 -3.97 10.03 -5.36
N PRO A 58 -5.28 9.78 -5.48
CA PRO A 58 -6.11 9.36 -4.35
C PRO A 58 -5.66 7.99 -3.85
N ILE A 59 -5.55 7.02 -4.77
CA ILE A 59 -5.13 5.65 -4.53
C ILE A 59 -3.75 5.66 -3.87
N CYS A 60 -2.78 6.21 -4.59
CA CYS A 60 -1.39 6.32 -4.24
C CYS A 60 -1.15 7.04 -2.90
N LYS A 61 -1.97 8.03 -2.55
CA LYS A 61 -1.86 8.75 -1.28
C LYS A 61 -2.21 7.78 -0.16
N GLN A 62 -3.35 7.09 -0.25
CA GLN A 62 -3.77 6.13 0.77
C GLN A 62 -2.80 4.93 0.82
N LEU A 63 -2.06 4.66 -0.25
CA LEU A 63 -1.09 3.57 -0.33
C LEU A 63 0.10 3.84 0.62
N ILE A 64 0.36 5.12 0.96
CA ILE A 64 1.45 5.52 1.86
C ILE A 64 1.10 5.08 3.29
N ALA A 65 -0.18 5.10 3.67
CA ALA A 65 -0.62 4.69 5.00
C ALA A 65 -0.17 3.26 5.31
N LEU A 66 -0.30 2.38 4.31
CA LEU A 66 0.07 0.97 4.42
C LEU A 66 1.58 0.79 4.40
N ALA A 67 2.29 1.61 3.63
CA ALA A 67 3.74 1.57 3.54
C ALA A 67 4.30 1.81 4.95
N ALA A 68 3.87 2.90 5.58
CA ALA A 68 4.28 3.29 6.92
C ALA A 68 3.87 2.23 7.94
N TYR A 69 2.64 1.69 7.83
CA TYR A 69 2.16 0.67 8.74
C TYR A 69 3.08 -0.56 8.69
N HIS A 70 3.50 -0.99 7.51
CA HIS A 70 4.37 -2.15 7.34
C HIS A 70 5.82 -1.82 7.70
N ALA A 71 6.32 -0.63 7.33
CA ALA A 71 7.70 -0.23 7.61
C ALA A 71 8.01 -0.18 9.10
N LYS A 72 7.00 0.01 9.97
CA LYS A 72 7.26 0.02 11.41
C LYS A 72 7.67 -1.38 11.89
N HIS A 73 7.54 -2.42 11.04
CA HIS A 73 7.89 -3.80 11.34
C HIS A 73 8.97 -4.29 10.35
N CYS A 74 8.79 -3.99 9.06
CA CYS A 74 9.68 -4.36 7.96
C CYS A 74 10.82 -3.36 7.87
N GLN A 75 12.01 -3.80 8.26
CA GLN A 75 13.22 -2.99 8.25
C GLN A 75 14.35 -3.90 7.80
N GLU A 76 14.57 -3.99 6.48
CA GLU A 76 15.62 -4.83 5.91
C GLU A 76 16.41 -4.04 4.86
N ASN A 77 17.45 -4.64 4.28
CA ASN A 77 18.28 -3.97 3.28
C ASN A 77 17.49 -3.61 2.01
N LYS A 78 16.74 -4.56 1.45
CA LYS A 78 15.95 -4.38 0.23
C LYS A 78 14.51 -4.87 0.44
N CYS A 79 13.69 -4.09 1.15
CA CYS A 79 12.29 -4.40 1.43
C CYS A 79 11.52 -4.77 0.14
N PRO A 80 10.53 -5.67 0.25
CA PRO A 80 9.73 -6.09 -0.89
C PRO A 80 8.82 -4.93 -1.33
N VAL A 81 8.04 -4.37 -0.42
CA VAL A 81 7.12 -3.27 -0.67
C VAL A 81 7.96 -2.08 -1.15
N PRO A 82 7.73 -1.55 -2.37
CA PRO A 82 8.51 -0.44 -2.91
C PRO A 82 8.35 0.87 -2.14
N PHE A 83 7.19 1.16 -1.55
CA PHE A 83 7.03 2.40 -0.79
C PHE A 83 7.81 2.28 0.54
N CYS A 84 7.78 1.10 1.16
CA CYS A 84 8.48 0.80 2.42
C CYS A 84 9.98 0.96 2.20
N LEU A 85 10.46 0.47 1.04
CA LEU A 85 11.86 0.55 0.65
C LEU A 85 12.30 2.01 0.67
N ASN A 86 11.42 2.95 0.29
CA ASN A 86 11.71 4.39 0.31
C ASN A 86 11.64 4.93 1.73
N ILE A 87 10.66 4.50 2.52
CA ILE A 87 10.49 4.94 3.91
C ILE A 87 11.76 4.70 4.70
N LYS A 88 12.44 3.56 4.52
CA LYS A 88 13.68 3.31 5.24
C LYS A 88 14.71 4.39 4.93
N GLN A 89 14.79 4.87 3.69
CA GLN A 89 15.73 5.94 3.30
C GLN A 89 15.43 7.24 4.05
N LYS A 90 14.22 7.37 4.58
CA LYS A 90 13.69 8.51 5.33
C LYS A 90 13.35 8.11 6.76
N GLY A 91 13.82 6.95 7.25
CA GLY A 91 13.56 6.49 8.61
C GLY A 91 14.04 7.54 9.61
N THR A 92 15.13 8.22 9.26
CA THR A 92 15.78 9.29 10.00
C THR A 92 14.84 10.48 10.29
N ILE A 93 13.74 10.63 9.54
CA ILE A 93 12.77 11.70 9.69
C ILE A 93 11.71 11.27 10.72
N GLU A 94 11.43 9.97 10.79
CA GLU A 94 10.46 9.36 11.68
C GLU A 94 11.06 9.13 13.06
N GLY A 95 10.17 8.91 14.03
CA GLY A 95 10.49 8.68 15.44
C GLY A 95 9.23 8.91 16.25
N ARG A 96 8.53 10.02 15.97
CA ARG A 96 7.29 10.36 16.66
C ARG A 96 6.24 9.28 16.39
N GLY A 97 6.15 8.82 15.16
CA GLY A 97 5.20 7.81 14.72
C GLY A 97 4.58 8.24 13.40
N ASN A 98 3.53 7.55 12.97
CA ASN A 98 2.78 7.79 11.74
C ASN A 98 1.31 7.47 11.97
N GLU A 99 0.42 8.46 11.92
CA GLU A 99 -1.00 8.29 12.10
C GLU A 99 -1.69 8.69 10.79
N PHE A 100 -2.22 7.68 10.11
CA PHE A 100 -2.94 7.82 8.85
C PHE A 100 -4.14 6.89 8.97
N LEU A 101 -5.27 7.46 9.41
CA LEU A 101 -6.54 6.78 9.59
C LEU A 101 -7.38 7.20 8.40
N SER A 102 -7.30 6.41 7.34
CA SER A 102 -8.00 6.64 6.09
C SER A 102 -9.51 6.40 6.28
N PRO A 103 -10.36 7.09 5.49
CA PRO A 103 -11.81 6.94 5.53
C PRO A 103 -12.20 5.60 4.88
N GLU A 104 -13.49 5.33 4.74
CA GLU A 104 -13.99 4.09 4.12
C GLU A 104 -13.46 3.85 2.71
N VAL A 105 -13.02 4.91 2.00
CA VAL A 105 -12.45 4.81 0.66
C VAL A 105 -11.26 3.85 0.70
N PHE A 106 -10.63 3.66 1.87
CA PHE A 106 -9.51 2.75 2.06
C PHE A 106 -9.89 1.35 1.59
N GLN A 107 -11.15 0.91 1.70
CA GLN A 107 -11.60 -0.39 1.19
C GLN A 107 -11.88 -0.41 -0.33
N HIS A 108 -12.35 0.72 -0.89
CA HIS A 108 -12.72 0.90 -2.30
C HIS A 108 -11.64 0.63 -3.34
N ILE A 109 -10.35 0.77 -3.03
CA ILE A 109 -9.28 0.53 -3.99
C ILE A 109 -9.19 -0.99 -4.22
N TRP A 110 -9.27 -1.76 -3.14
CA TRP A 110 -9.20 -3.21 -3.19
C TRP A 110 -10.41 -3.77 -3.91
N ASP A 111 -11.54 -3.07 -3.79
CA ASP A 111 -12.80 -3.45 -4.42
C ASP A 111 -12.66 -3.42 -5.94
N PHE A 112 -12.05 -2.36 -6.51
CA PHE A 112 -11.87 -2.30 -7.96
C PHE A 112 -10.71 -3.18 -8.42
N LEU A 113 -9.74 -3.51 -7.54
CA LEU A 113 -8.59 -4.36 -7.89
C LEU A 113 -9.01 -5.65 -8.58
N GLU A 114 -10.15 -6.23 -8.19
CA GLU A 114 -10.66 -7.49 -8.76
C GLU A 114 -12.02 -7.32 -9.44
N GLN A 115 -12.51 -6.10 -9.68
CA GLN A 115 -13.81 -5.86 -10.31
C GLN A 115 -13.73 -4.72 -11.34
N PRO A 116 -14.33 -4.86 -12.54
CA PRO A 116 -14.32 -3.79 -13.53
C PRO A 116 -15.23 -2.67 -13.02
N ILE A 117 -14.62 -1.58 -12.58
CA ILE A 117 -15.25 -0.37 -12.04
C ILE A 117 -14.34 0.78 -12.50
N SER A 118 -14.91 1.93 -12.84
CA SER A 118 -14.18 3.12 -13.28
C SER A 118 -14.75 4.30 -12.50
N SER A 119 -14.34 4.41 -11.24
CA SER A 119 -14.79 5.44 -10.31
C SER A 119 -13.58 6.13 -9.65
N VAL A 120 -12.55 6.41 -10.45
CA VAL A 120 -11.33 7.08 -10.01
C VAL A 120 -10.98 8.10 -11.10
N GLN A 121 -11.41 9.34 -10.92
CA GLN A 121 -11.20 10.44 -11.85
C GLN A 121 -11.05 11.76 -11.05
N PRO A 122 -9.93 11.95 -10.34
CA PRO A 122 -9.70 13.15 -9.55
C PRO A 122 -9.56 14.39 -10.43
N ILE A 123 -10.49 15.34 -10.34
CA ILE A 123 -10.43 16.57 -11.12
C ILE A 123 -9.72 17.68 -10.34
N ASP A 124 -9.48 17.53 -9.04
CA ASP A 124 -8.81 18.52 -8.18
C ASP A 124 -7.76 17.81 -7.36
N ALA A 1 -4.46 -3.66 26.61
CA ALA A 1 -3.71 -4.05 25.41
C ALA A 1 -4.31 -3.39 24.17
N THR A 2 -5.26 -4.05 23.49
CA THR A 2 -5.96 -3.61 22.29
C THR A 2 -6.97 -2.51 22.66
N GLN A 3 -6.48 -1.39 23.19
CA GLN A 3 -7.29 -0.27 23.64
C GLN A 3 -7.40 0.89 22.65
N SER A 4 -6.64 0.90 21.55
CA SER A 4 -6.73 1.97 20.56
C SER A 4 -7.30 1.40 19.25
N PRO A 5 -7.93 2.23 18.41
CA PRO A 5 -8.48 1.76 17.14
C PRO A 5 -7.33 1.44 16.18
N GLY A 6 -6.17 2.11 16.31
CA GLY A 6 -5.02 1.85 15.46
C GLY A 6 -4.50 0.43 15.69
N ASP A 7 -4.72 -0.13 16.89
CA ASP A 7 -4.30 -1.48 17.24
C ASP A 7 -5.23 -2.49 16.57
N SER A 8 -6.53 -2.20 16.43
CA SER A 8 -7.46 -3.11 15.76
C SER A 8 -7.41 -2.90 14.25
N ARG A 9 -6.92 -1.74 13.79
CA ARG A 9 -6.76 -1.42 12.36
C ARG A 9 -5.72 -2.32 11.72
N ARG A 10 -4.71 -2.70 12.50
CA ARG A 10 -3.58 -3.53 12.09
C ARG A 10 -4.00 -4.80 11.37
N LEU A 11 -4.99 -5.53 11.89
CA LEU A 11 -5.45 -6.78 11.28
C LEU A 11 -6.02 -6.58 9.87
N SER A 12 -6.75 -5.48 9.66
CA SER A 12 -7.40 -5.10 8.41
C SER A 12 -6.33 -4.65 7.42
N ILE A 13 -5.43 -3.74 7.84
CA ILE A 13 -4.37 -3.26 6.97
C ILE A 13 -3.50 -4.47 6.52
N GLN A 14 -3.27 -5.44 7.40
CA GLN A 14 -2.49 -6.64 7.09
C GLN A 14 -3.12 -7.40 5.91
N ARG A 15 -4.45 -7.50 5.81
CA ARG A 15 -5.07 -8.21 4.69
C ARG A 15 -4.69 -7.54 3.38
N ALA A 16 -4.66 -6.20 3.35
CA ALA A 16 -4.30 -5.46 2.15
C ALA A 16 -2.84 -5.75 1.79
N ILE A 17 -1.95 -5.46 2.74
CA ILE A 17 -0.51 -5.61 2.61
C ILE A 17 -0.05 -7.05 2.33
N GLN A 18 -0.74 -8.08 2.82
CA GLN A 18 -0.36 -9.48 2.57
C GLN A 18 -0.27 -9.76 1.08
N SER A 19 -1.18 -9.20 0.29
CA SER A 19 -1.18 -9.40 -1.14
C SER A 19 -0.18 -8.46 -1.81
N LEU A 20 -0.02 -7.22 -1.31
CA LEU A 20 0.89 -6.21 -1.85
C LEU A 20 2.35 -6.66 -1.78
N VAL A 21 2.82 -7.09 -0.60
CA VAL A 21 4.19 -7.53 -0.37
C VAL A 21 4.53 -8.61 -1.40
N HIS A 22 3.70 -9.64 -1.45
CA HIS A 22 3.88 -10.74 -2.38
C HIS A 22 3.84 -10.24 -3.83
N ALA A 23 2.89 -9.37 -4.17
CA ALA A 23 2.76 -8.82 -5.51
C ALA A 23 3.98 -8.00 -5.93
N ALA A 24 4.70 -7.40 -4.98
CA ALA A 24 5.90 -6.62 -5.26
C ALA A 24 7.03 -7.58 -5.65
N GLN A 25 7.16 -8.71 -4.94
CA GLN A 25 8.18 -9.73 -5.14
C GLN A 25 7.69 -10.89 -6.02
N CYS A 26 6.74 -10.66 -6.94
CA CYS A 26 6.23 -11.69 -7.82
C CYS A 26 6.83 -11.49 -9.21
N ARG A 27 8.04 -12.03 -9.41
CA ARG A 27 8.75 -11.99 -10.69
C ARG A 27 9.45 -13.35 -10.76
N ASN A 28 8.72 -14.36 -11.22
CA ASN A 28 9.18 -15.74 -11.34
C ASN A 28 8.10 -16.54 -12.08
N ALA A 29 8.33 -17.82 -12.35
CA ALA A 29 7.35 -18.68 -13.04
C ALA A 29 6.57 -19.52 -12.04
N ASN A 30 7.23 -20.00 -10.97
CA ASN A 30 6.58 -20.82 -9.95
C ASN A 30 5.56 -20.00 -9.18
N CYS A 31 5.91 -18.75 -8.83
CA CYS A 31 5.03 -17.86 -8.10
C CYS A 31 3.72 -17.75 -8.89
N SER A 32 2.66 -18.31 -8.32
CA SER A 32 1.32 -18.32 -8.88
C SER A 32 0.29 -18.13 -7.78
N LEU A 33 -0.18 -16.91 -7.52
CA LEU A 33 -1.18 -16.62 -6.51
C LEU A 33 -2.35 -15.90 -7.19
N PRO A 34 -3.62 -16.28 -6.92
CA PRO A 34 -4.78 -15.65 -7.55
C PRO A 34 -4.99 -14.20 -7.14
N SER A 35 -4.52 -13.81 -5.94
CA SER A 35 -4.62 -12.45 -5.43
C SER A 35 -3.59 -11.57 -6.14
N CYS A 36 -2.38 -12.12 -6.28
CA CYS A 36 -1.21 -11.51 -6.90
C CYS A 36 -1.50 -11.01 -8.32
N GLN A 37 -2.08 -11.86 -9.17
CA GLN A 37 -2.38 -11.49 -10.55
C GLN A 37 -3.24 -10.23 -10.61
N LYS A 38 -4.25 -10.10 -9.74
CA LYS A 38 -5.10 -8.91 -9.72
C LYS A 38 -4.33 -7.74 -9.10
N MET A 39 -3.48 -8.00 -8.09
CA MET A 39 -2.69 -6.96 -7.44
C MET A 39 -1.76 -6.30 -8.45
N LYS A 40 -1.26 -7.04 -9.44
CA LYS A 40 -0.36 -6.50 -10.47
C LYS A 40 -0.99 -5.25 -11.12
N ARG A 41 -2.30 -5.18 -11.28
CA ARG A 41 -2.98 -4.01 -11.84
C ARG A 41 -2.65 -2.77 -11.01
N VAL A 42 -2.83 -2.87 -9.69
CA VAL A 42 -2.60 -1.81 -8.71
C VAL A 42 -1.09 -1.49 -8.60
N VAL A 43 -0.23 -2.49 -8.83
CA VAL A 43 1.22 -2.30 -8.78
C VAL A 43 1.64 -1.49 -10.03
N GLN A 44 1.15 -1.85 -11.21
CA GLN A 44 1.44 -1.16 -12.46
C GLN A 44 1.01 0.30 -12.36
N HIS A 45 -0.09 0.57 -11.67
CA HIS A 45 -0.60 1.91 -11.53
C HIS A 45 0.42 2.84 -10.87
N THR A 46 0.97 2.51 -9.68
CA THR A 46 1.93 3.40 -9.01
C THR A 46 3.21 3.60 -9.83
N LYS A 47 3.58 2.59 -10.64
CA LYS A 47 4.78 2.61 -11.48
C LYS A 47 4.84 3.82 -12.40
N GLY A 48 3.68 4.33 -12.83
CA GLY A 48 3.59 5.50 -13.70
C GLY A 48 2.70 6.61 -13.14
N CYS A 49 2.21 6.53 -11.89
CA CYS A 49 1.34 7.57 -11.38
C CYS A 49 2.03 8.86 -10.92
N LYS A 50 2.27 9.77 -11.86
CA LYS A 50 2.85 11.09 -11.56
C LYS A 50 1.71 12.06 -11.23
N ARG A 51 0.45 11.61 -11.29
CA ARG A 51 -0.77 12.37 -11.00
C ARG A 51 -0.86 12.87 -9.56
N LYS A 52 -0.07 12.31 -8.63
CA LYS A 52 -0.11 12.71 -7.21
C LYS A 52 0.17 14.19 -7.08
N THR A 53 1.33 14.62 -7.57
CA THR A 53 1.76 16.02 -7.50
C THR A 53 0.88 16.94 -8.36
N ASN A 54 0.11 16.41 -9.33
CA ASN A 54 -0.77 17.21 -10.20
C ASN A 54 -2.23 17.22 -9.73
N GLY A 55 -2.57 16.50 -8.66
CA GLY A 55 -3.90 16.43 -8.12
C GLY A 55 -3.83 15.64 -6.83
N GLY A 56 -3.81 14.31 -6.93
CA GLY A 56 -3.74 13.45 -5.76
C GLY A 56 -4.45 12.11 -5.99
N CYS A 57 -3.73 11.15 -6.57
CA CYS A 57 -4.29 9.83 -6.86
C CYS A 57 -4.60 9.09 -5.54
N PRO A 58 -5.82 8.56 -5.34
CA PRO A 58 -6.19 7.85 -4.12
C PRO A 58 -5.35 6.59 -3.89
N ILE A 59 -5.09 5.80 -4.94
CA ILE A 59 -4.34 4.56 -4.86
C ILE A 59 -2.96 4.84 -4.26
N CYS A 60 -2.20 5.71 -4.92
CA CYS A 60 -0.85 6.08 -4.49
C CYS A 60 -0.83 6.75 -3.12
N LYS A 61 -1.77 7.66 -2.85
CA LYS A 61 -1.83 8.35 -1.56
C LYS A 61 -1.92 7.31 -0.46
N GLN A 62 -2.94 6.47 -0.49
CA GLN A 62 -3.12 5.44 0.53
C GLN A 62 -1.94 4.46 0.58
N LEU A 63 -1.22 4.24 -0.52
CA LEU A 63 -0.09 3.32 -0.52
C LEU A 63 1.03 3.81 0.41
N ILE A 64 1.13 5.13 0.66
CA ILE A 64 2.12 5.72 1.55
C ILE A 64 1.78 5.29 2.98
N ALA A 65 0.50 5.39 3.35
CA ALA A 65 0.01 5.01 4.67
C ALA A 65 0.37 3.56 4.96
N LEU A 66 0.16 2.68 3.96
CA LEU A 66 0.43 1.26 4.05
C LEU A 66 1.92 1.01 4.25
N ALA A 67 2.77 1.71 3.48
CA ALA A 67 4.22 1.58 3.57
C ALA A 67 4.69 1.95 4.96
N ALA A 68 4.23 3.08 5.50
CA ALA A 68 4.59 3.56 6.82
C ALA A 68 4.19 2.54 7.90
N TYR A 69 2.93 2.07 7.86
CA TYR A 69 2.43 1.08 8.81
C TYR A 69 3.28 -0.18 8.74
N HIS A 70 3.61 -0.66 7.55
CA HIS A 70 4.40 -1.85 7.34
C HIS A 70 5.78 -1.65 7.92
N ALA A 71 6.41 -0.49 7.68
CA ALA A 71 7.73 -0.15 8.17
C ALA A 71 7.78 -0.12 9.70
N LYS A 72 6.64 0.00 10.41
CA LYS A 72 6.66 -0.02 11.87
C LYS A 72 7.19 -1.38 12.34
N HIS A 73 7.12 -2.41 11.48
CA HIS A 73 7.59 -3.75 11.77
C HIS A 73 8.70 -4.19 10.81
N CYS A 74 8.54 -3.91 9.51
CA CYS A 74 9.47 -4.26 8.45
C CYS A 74 10.71 -3.37 8.51
N GLN A 75 11.83 -3.95 8.91
CA GLN A 75 13.12 -3.30 8.98
C GLN A 75 14.10 -4.37 8.52
N GLU A 76 14.38 -4.48 7.23
CA GLU A 76 15.32 -5.47 6.69
C GLU A 76 16.28 -4.77 5.73
N ASN A 77 17.31 -5.49 5.29
CA ASN A 77 18.33 -4.94 4.40
C ASN A 77 17.74 -4.53 3.04
N LYS A 78 16.90 -5.36 2.41
CA LYS A 78 16.29 -5.06 1.12
C LYS A 78 14.79 -5.31 1.21
N CYS A 79 14.05 -4.38 1.82
CA CYS A 79 12.61 -4.42 2.02
C CYS A 79 11.86 -4.74 0.71
N PRO A 80 10.74 -5.49 0.80
CA PRO A 80 9.96 -5.90 -0.36
C PRO A 80 9.11 -4.76 -0.93
N VAL A 81 8.35 -4.05 -0.09
CA VAL A 81 7.51 -2.95 -0.53
C VAL A 81 8.47 -1.84 -0.99
N PRO A 82 8.36 -1.32 -2.23
CA PRO A 82 9.29 -0.30 -2.70
C PRO A 82 9.11 1.02 -1.97
N PHE A 83 7.88 1.32 -1.52
CA PHE A 83 7.63 2.56 -0.80
C PHE A 83 8.32 2.47 0.56
N CYS A 84 8.27 1.31 1.26
CA CYS A 84 8.92 1.17 2.54
C CYS A 84 10.44 1.11 2.39
N LEU A 85 10.93 0.67 1.23
CA LEU A 85 12.36 0.61 0.98
C LEU A 85 12.91 2.04 1.08
N ASN A 86 12.10 3.05 0.74
CA ASN A 86 12.47 4.47 0.81
C ASN A 86 12.45 4.92 2.27
N ILE A 87 11.56 4.34 3.09
CA ILE A 87 11.40 4.62 4.51
C ILE A 87 12.62 4.07 5.25
N LYS A 88 13.12 2.88 4.90
CA LYS A 88 14.29 2.29 5.55
C LYS A 88 15.49 3.23 5.45
N GLN A 89 15.59 4.01 4.36
CA GLN A 89 16.68 4.97 4.16
C GLN A 89 16.78 5.98 5.31
N LYS A 90 15.68 6.26 6.01
CA LYS A 90 15.59 7.19 7.15
C LYS A 90 15.25 6.46 8.46
N GLY A 91 14.75 5.23 8.38
CA GLY A 91 14.36 4.40 9.52
C GLY A 91 13.03 4.95 10.00
N THR A 92 13.05 5.82 11.01
CA THR A 92 11.87 6.47 11.60
C THR A 92 10.78 5.46 12.02
N ILE A 93 11.16 4.20 12.23
CA ILE A 93 10.27 3.10 12.59
C ILE A 93 9.77 3.18 14.04
N GLU A 94 10.56 3.74 14.95
CA GLU A 94 10.21 3.84 16.36
C GLU A 94 10.75 5.17 16.89
N GLY A 95 9.91 5.95 17.55
CA GLY A 95 10.24 7.25 18.10
C GLY A 95 9.90 8.24 17.00
N ARG A 96 8.82 8.98 17.18
CA ARG A 96 8.27 9.96 16.29
C ARG A 96 7.96 9.32 14.94
N GLY A 97 7.11 8.30 14.96
CA GLY A 97 6.66 7.55 13.80
C GLY A 97 5.61 8.34 13.01
N ASN A 98 5.02 7.70 12.01
CA ASN A 98 4.00 8.23 11.12
C ASN A 98 3.07 7.06 10.81
N GLU A 99 1.78 7.32 10.96
CA GLU A 99 0.69 6.41 10.71
C GLU A 99 -0.30 7.17 9.82
N PHE A 100 -1.55 6.73 9.70
CA PHE A 100 -2.58 7.36 8.89
C PHE A 100 -3.96 6.90 9.35
N LEU A 101 -4.95 7.78 9.22
CA LEU A 101 -6.35 7.57 9.56
C LEU A 101 -7.14 8.11 8.37
N SER A 102 -7.47 7.26 7.39
CA SER A 102 -8.21 7.65 6.19
C SER A 102 -9.62 7.06 6.16
N PRO A 103 -10.54 7.67 5.39
CA PRO A 103 -11.92 7.22 5.25
C PRO A 103 -12.03 5.93 4.43
N GLU A 104 -13.27 5.49 4.17
CA GLU A 104 -13.61 4.29 3.40
C GLU A 104 -12.99 4.29 2.00
N VAL A 105 -12.50 5.43 1.50
CA VAL A 105 -11.86 5.50 0.19
C VAL A 105 -10.66 4.53 0.16
N PHE A 106 -10.09 4.21 1.33
CA PHE A 106 -9.00 3.27 1.47
C PHE A 106 -9.44 1.90 0.93
N GLN A 107 -10.68 1.51 1.23
CA GLN A 107 -11.33 0.27 0.82
C GLN A 107 -11.79 0.34 -0.63
N HIS A 108 -12.13 1.53 -1.14
CA HIS A 108 -12.56 1.71 -2.53
C HIS A 108 -11.43 1.31 -3.50
N ILE A 109 -10.18 1.36 -3.04
CA ILE A 109 -9.00 0.99 -3.83
C ILE A 109 -8.98 -0.53 -3.99
N TRP A 110 -9.46 -1.27 -3.00
CA TRP A 110 -9.47 -2.73 -3.09
C TRP A 110 -10.66 -3.15 -3.95
N ASP A 111 -11.74 -2.37 -3.94
CA ASP A 111 -12.95 -2.68 -4.70
C ASP A 111 -12.67 -2.80 -6.20
N PHE A 112 -12.02 -1.79 -6.79
CA PHE A 112 -11.74 -1.79 -8.22
C PHE A 112 -10.69 -2.83 -8.64
N LEU A 113 -9.92 -3.39 -7.70
CA LEU A 113 -8.90 -4.40 -8.03
C LEU A 113 -9.52 -5.61 -8.74
N GLU A 114 -10.76 -5.97 -8.41
CA GLU A 114 -11.47 -7.10 -9.03
C GLU A 114 -12.36 -6.65 -10.18
N GLN A 115 -12.64 -5.36 -10.31
CA GLN A 115 -13.48 -4.81 -11.36
C GLN A 115 -12.72 -4.78 -12.70
N PRO A 116 -13.42 -4.60 -13.84
CA PRO A 116 -12.77 -4.51 -15.14
C PRO A 116 -12.10 -3.13 -15.27
N ILE A 117 -11.65 -2.77 -16.47
CA ILE A 117 -10.98 -1.54 -16.88
C ILE A 117 -11.67 -0.37 -16.18
N SER A 118 -11.03 0.17 -15.14
CA SER A 118 -11.53 1.25 -14.33
C SER A 118 -10.42 2.26 -14.03
N SER A 119 -10.78 3.41 -13.44
CA SER A 119 -9.85 4.47 -13.08
C SER A 119 -10.38 5.20 -11.84
N VAL A 120 -9.91 4.85 -10.63
CA VAL A 120 -10.36 5.53 -9.42
C VAL A 120 -9.52 6.81 -9.27
N GLN A 121 -9.86 7.83 -10.07
CA GLN A 121 -9.19 9.12 -10.05
C GLN A 121 -9.86 10.03 -9.01
N PRO A 122 -9.17 11.04 -8.45
CA PRO A 122 -9.80 11.94 -7.49
C PRO A 122 -10.80 12.83 -8.24
N ILE A 123 -11.73 13.45 -7.53
CA ILE A 123 -12.71 14.33 -8.18
C ILE A 123 -11.98 15.53 -8.78
N ASP A 124 -12.56 16.10 -9.83
CA ASP A 124 -12.03 17.25 -10.54
C ASP A 124 -11.86 18.45 -9.63
N ALA A 1 -6.45 1.53 29.95
CA ALA A 1 -6.99 2.86 30.25
C ALA A 1 -7.39 3.57 28.95
N THR A 2 -8.67 3.49 28.58
CA THR A 2 -9.31 4.07 27.39
C THR A 2 -8.39 3.96 26.17
N GLN A 3 -7.75 2.80 26.00
CA GLN A 3 -6.83 2.56 24.91
C GLN A 3 -7.56 2.49 23.57
N SER A 4 -7.02 3.17 22.57
CA SER A 4 -7.60 3.17 21.23
C SER A 4 -7.49 1.75 20.66
N PRO A 5 -8.36 1.36 19.72
CA PRO A 5 -8.35 0.05 19.09
C PRO A 5 -7.26 0.01 18.00
N GLY A 6 -6.03 0.40 18.32
CA GLY A 6 -4.90 0.42 17.39
C GLY A 6 -4.63 -0.97 16.81
N ASP A 7 -4.98 -2.04 17.56
CA ASP A 7 -4.81 -3.42 17.12
C ASP A 7 -5.79 -3.70 15.98
N SER A 8 -6.97 -3.10 15.99
CA SER A 8 -7.97 -3.26 14.95
C SER A 8 -7.38 -2.71 13.65
N ARG A 9 -6.67 -1.57 13.73
CA ARG A 9 -6.05 -0.98 12.56
C ARG A 9 -4.96 -1.92 12.04
N ARG A 10 -4.16 -2.52 12.94
CA ARG A 10 -3.09 -3.41 12.55
C ARG A 10 -3.62 -4.61 11.77
N LEU A 11 -4.58 -5.36 12.31
CA LEU A 11 -5.13 -6.53 11.64
C LEU A 11 -5.84 -6.17 10.34
N SER A 12 -6.59 -5.06 10.34
CA SER A 12 -7.32 -4.67 9.15
C SER A 12 -6.35 -4.34 7.99
N ILE A 13 -5.26 -3.64 8.29
CA ILE A 13 -4.26 -3.28 7.30
C ILE A 13 -3.48 -4.54 6.86
N GLN A 14 -3.16 -5.47 7.77
CA GLN A 14 -2.43 -6.69 7.44
C GLN A 14 -3.11 -7.43 6.28
N ARG A 15 -4.44 -7.53 6.29
CA ARG A 15 -5.20 -8.20 5.22
C ARG A 15 -4.90 -7.61 3.84
N ALA A 16 -4.73 -6.29 3.73
CA ALA A 16 -4.42 -5.62 2.47
C ALA A 16 -2.94 -5.87 2.12
N ILE A 17 -2.04 -5.58 3.05
CA ILE A 17 -0.60 -5.72 2.88
C ILE A 17 -0.15 -7.13 2.52
N GLN A 18 -0.84 -8.18 2.99
CA GLN A 18 -0.48 -9.57 2.68
C GLN A 18 -0.38 -9.80 1.16
N SER A 19 -1.28 -9.18 0.40
CA SER A 19 -1.32 -9.29 -1.04
C SER A 19 -0.32 -8.33 -1.69
N LEU A 20 -0.11 -7.14 -1.09
CA LEU A 20 0.81 -6.13 -1.61
C LEU A 20 2.26 -6.64 -1.56
N VAL A 21 2.71 -7.09 -0.38
CA VAL A 21 4.05 -7.60 -0.17
C VAL A 21 4.34 -8.70 -1.19
N HIS A 22 3.41 -9.65 -1.33
CA HIS A 22 3.58 -10.73 -2.28
C HIS A 22 3.72 -10.20 -3.71
N ALA A 23 2.81 -9.35 -4.18
CA ALA A 23 2.87 -8.81 -5.54
C ALA A 23 4.12 -7.97 -5.80
N ALA A 24 4.65 -7.33 -4.75
CA ALA A 24 5.83 -6.49 -4.82
C ALA A 24 7.09 -7.33 -5.06
N GLN A 25 7.11 -8.58 -4.58
CA GLN A 25 8.24 -9.50 -4.71
C GLN A 25 7.94 -10.70 -5.64
N CYS A 26 6.80 -10.68 -6.34
CA CYS A 26 6.36 -11.72 -7.26
C CYS A 26 7.21 -11.65 -8.53
N ARG A 27 8.37 -12.29 -8.50
CA ARG A 27 9.28 -12.35 -9.65
C ARG A 27 9.95 -13.71 -9.64
N ASN A 28 9.29 -14.72 -10.19
CA ASN A 28 9.76 -16.10 -10.29
C ASN A 28 8.73 -16.91 -11.07
N ALA A 29 9.12 -17.98 -11.76
CA ALA A 29 8.19 -18.83 -12.50
C ALA A 29 7.25 -19.58 -11.55
N ASN A 30 7.75 -20.02 -10.40
CA ASN A 30 6.97 -20.74 -9.40
C ASN A 30 5.89 -19.85 -8.76
N CYS A 31 6.00 -18.52 -8.82
CA CYS A 31 5.02 -17.66 -8.22
C CYS A 31 3.76 -17.54 -9.10
N SER A 32 2.66 -18.10 -8.63
CA SER A 32 1.34 -18.07 -9.27
C SER A 32 0.26 -17.89 -8.20
N LEU A 33 -0.18 -16.66 -7.89
CA LEU A 33 -1.23 -16.42 -6.89
C LEU A 33 -2.38 -15.63 -7.53
N PRO A 34 -3.64 -15.86 -7.10
CA PRO A 34 -4.84 -15.17 -7.61
C PRO A 34 -4.79 -13.68 -7.32
N SER A 35 -4.63 -13.33 -6.03
CA SER A 35 -4.56 -11.95 -5.56
C SER A 35 -3.40 -11.22 -6.26
N CYS A 36 -2.28 -11.92 -6.47
CA CYS A 36 -1.09 -11.40 -7.09
C CYS A 36 -1.37 -10.83 -8.49
N GLN A 37 -1.97 -11.63 -9.37
CA GLN A 37 -2.27 -11.20 -10.73
C GLN A 37 -3.04 -9.88 -10.74
N LYS A 38 -4.06 -9.76 -9.89
CA LYS A 38 -4.87 -8.55 -9.80
C LYS A 38 -4.06 -7.41 -9.18
N MET A 39 -3.27 -7.71 -8.14
CA MET A 39 -2.44 -6.75 -7.42
C MET A 39 -1.45 -6.07 -8.36
N LYS A 40 -0.95 -6.77 -9.37
CA LYS A 40 -0.01 -6.20 -10.33
C LYS A 40 -0.59 -4.94 -10.97
N ARG A 41 -1.91 -4.87 -11.23
CA ARG A 41 -2.50 -3.69 -11.81
C ARG A 41 -2.35 -2.49 -10.87
N VAL A 42 -2.38 -2.73 -9.55
CA VAL A 42 -2.22 -1.72 -8.53
C VAL A 42 -0.74 -1.32 -8.46
N VAL A 43 0.19 -2.26 -8.61
CA VAL A 43 1.62 -1.93 -8.61
C VAL A 43 1.88 -1.03 -9.83
N GLN A 44 1.24 -1.35 -10.97
CA GLN A 44 1.37 -0.56 -12.18
C GLN A 44 0.75 0.82 -12.02
N HIS A 45 -0.23 1.02 -11.13
CA HIS A 45 -0.82 2.34 -10.94
C HIS A 45 0.27 3.33 -10.57
N THR A 46 1.06 3.05 -9.52
CA THR A 46 2.11 3.96 -9.11
C THR A 46 3.18 4.10 -10.20
N LYS A 47 3.38 3.06 -11.03
CA LYS A 47 4.36 3.06 -12.12
C LYS A 47 4.10 4.22 -13.10
N GLY A 48 2.85 4.62 -13.29
CA GLY A 48 2.48 5.71 -14.19
C GLY A 48 1.68 6.80 -13.50
N CYS A 49 1.63 6.84 -12.16
CA CYS A 49 0.85 7.86 -11.48
C CYS A 49 1.41 9.28 -11.59
N LYS A 50 1.08 9.95 -12.69
CA LYS A 50 1.47 11.34 -12.90
C LYS A 50 0.59 12.14 -11.94
N ARG A 51 -0.68 11.72 -11.76
CA ARG A 51 -1.66 12.35 -10.88
C ARG A 51 -1.12 12.54 -9.46
N LYS A 52 -0.08 11.82 -9.02
CA LYS A 52 0.49 11.96 -7.68
C LYS A 52 0.89 13.41 -7.41
N THR A 53 1.77 14.00 -8.21
CA THR A 53 2.19 15.40 -8.00
C THR A 53 1.11 16.34 -8.55
N ASN A 54 0.47 15.96 -9.66
CA ASN A 54 -0.59 16.71 -10.34
C ASN A 54 -1.92 16.62 -9.56
N GLY A 55 -1.90 16.29 -8.27
CA GLY A 55 -3.07 16.16 -7.45
C GLY A 55 -2.75 15.27 -6.26
N GLY A 56 -3.01 13.98 -6.42
CA GLY A 56 -2.81 12.92 -5.46
C GLY A 56 -4.04 12.04 -5.48
N CYS A 57 -4.04 11.02 -6.35
CA CYS A 57 -5.17 10.11 -6.43
C CYS A 57 -5.24 9.29 -5.12
N PRO A 58 -6.36 8.60 -4.85
CA PRO A 58 -6.48 7.82 -3.63
C PRO A 58 -5.48 6.66 -3.52
N ILE A 59 -5.16 5.97 -4.63
CA ILE A 59 -4.26 4.83 -4.61
C ILE A 59 -2.84 5.23 -4.21
N CYS A 60 -2.18 6.10 -4.98
CA CYS A 60 -0.81 6.50 -4.67
C CYS A 60 -0.70 7.07 -3.24
N LYS A 61 -1.73 7.77 -2.78
CA LYS A 61 -1.78 8.35 -1.45
C LYS A 61 -1.86 7.27 -0.37
N GLN A 62 -2.86 6.39 -0.41
CA GLN A 62 -3.01 5.33 0.59
C GLN A 62 -1.82 4.38 0.58
N LEU A 63 -1.13 4.23 -0.55
CA LEU A 63 0.04 3.37 -0.63
C LEU A 63 1.14 3.85 0.32
N ILE A 64 1.26 5.17 0.53
CA ILE A 64 2.25 5.74 1.44
C ILE A 64 1.85 5.38 2.88
N ALA A 65 0.56 5.44 3.19
CA ALA A 65 0.03 5.10 4.51
C ALA A 65 0.39 3.66 4.85
N LEU A 66 0.12 2.73 3.92
CA LEU A 66 0.40 1.33 4.13
C LEU A 66 1.90 1.05 4.15
N ALA A 67 2.71 1.76 3.35
CA ALA A 67 4.16 1.58 3.34
C ALA A 67 4.72 1.93 4.72
N ALA A 68 4.33 3.10 5.24
CA ALA A 68 4.75 3.60 6.54
C ALA A 68 4.32 2.65 7.66
N TYR A 69 3.10 2.12 7.59
CA TYR A 69 2.60 1.19 8.60
C TYR A 69 3.41 -0.12 8.55
N HIS A 70 3.65 -0.70 7.37
CA HIS A 70 4.38 -1.94 7.18
C HIS A 70 5.79 -1.82 7.70
N ALA A 71 6.44 -0.66 7.50
CA ALA A 71 7.80 -0.41 7.96
C ALA A 71 7.88 -0.50 9.50
N LYS A 72 6.75 -0.36 10.21
CA LYS A 72 6.74 -0.47 11.66
C LYS A 72 7.24 -1.86 12.05
N HIS A 73 7.09 -2.87 11.17
CA HIS A 73 7.53 -4.24 11.44
C HIS A 73 8.61 -4.70 10.44
N CYS A 74 8.49 -4.28 9.18
CA CYS A 74 9.37 -4.61 8.07
C CYS A 74 10.66 -3.79 8.11
N GLN A 75 11.75 -4.49 8.42
CA GLN A 75 13.08 -3.93 8.45
C GLN A 75 14.03 -4.99 7.93
N GLU A 76 14.27 -4.97 6.63
CA GLU A 76 15.18 -5.88 5.96
C GLU A 76 16.08 -5.04 5.06
N ASN A 77 17.22 -5.60 4.68
CA ASN A 77 18.19 -4.95 3.83
C ASN A 77 17.54 -4.59 2.50
N LYS A 78 16.61 -5.40 2.00
CA LYS A 78 15.90 -5.18 0.76
C LYS A 78 14.40 -5.36 1.01
N CYS A 79 13.76 -4.33 1.57
CA CYS A 79 12.33 -4.29 1.87
C CYS A 79 11.55 -4.71 0.60
N PRO A 80 10.52 -5.57 0.71
CA PRO A 80 9.75 -6.03 -0.44
C PRO A 80 8.96 -4.90 -1.11
N VAL A 81 8.21 -4.12 -0.34
CA VAL A 81 7.40 -3.03 -0.88
C VAL A 81 8.38 -1.91 -1.32
N PRO A 82 8.32 -1.41 -2.56
CA PRO A 82 9.24 -0.37 -3.00
C PRO A 82 9.01 0.95 -2.27
N PHE A 83 7.77 1.29 -1.88
CA PHE A 83 7.52 2.54 -1.16
C PHE A 83 8.10 2.49 0.25
N CYS A 84 8.04 1.34 0.94
CA CYS A 84 8.55 1.23 2.29
C CYS A 84 10.09 1.25 2.30
N LEU A 85 10.70 0.79 1.21
CA LEU A 85 12.15 0.77 1.03
C LEU A 85 12.73 2.19 1.23
N ASN A 86 11.93 3.24 1.02
CA ASN A 86 12.33 4.63 1.23
C ASN A 86 12.44 4.82 2.74
N ILE A 87 11.39 4.49 3.52
CA ILE A 87 11.38 4.61 4.98
C ILE A 87 12.54 3.81 5.59
N LYS A 88 12.95 2.69 5.00
CA LYS A 88 14.06 1.87 5.51
C LYS A 88 15.31 2.73 5.70
N GLN A 89 15.58 3.63 4.75
CA GLN A 89 16.72 4.53 4.78
C GLN A 89 16.49 5.68 5.78
N LYS A 90 15.26 6.17 5.92
CA LYS A 90 14.93 7.26 6.84
C LYS A 90 15.05 6.81 8.30
N GLY A 91 14.64 5.57 8.57
CA GLY A 91 14.63 4.95 9.87
C GLY A 91 13.19 4.91 10.39
N THR A 92 13.00 4.11 11.43
CA THR A 92 11.71 3.87 12.09
C THR A 92 11.78 4.21 13.59
N ILE A 93 12.69 5.12 13.95
CA ILE A 93 12.93 5.59 15.32
C ILE A 93 11.68 6.31 15.87
N GLU A 94 10.94 7.00 15.00
CA GLU A 94 9.74 7.76 15.32
C GLU A 94 8.70 6.93 16.08
N GLY A 95 7.92 7.58 16.94
CA GLY A 95 6.89 6.94 17.75
C GLY A 95 5.59 6.88 16.96
N ARG A 96 5.64 6.24 15.80
CA ARG A 96 4.54 6.07 14.87
C ARG A 96 3.87 7.42 14.55
N GLY A 97 4.67 8.48 14.47
CA GLY A 97 4.26 9.85 14.19
C GLY A 97 3.91 10.01 12.72
N ASN A 98 2.85 9.35 12.27
CA ASN A 98 2.33 9.35 10.90
C ASN A 98 0.82 9.51 11.00
N GLU A 99 0.29 10.73 10.95
CA GLU A 99 -1.13 10.99 11.02
C GLU A 99 -1.72 10.63 9.66
N PHE A 100 -2.24 9.41 9.53
CA PHE A 100 -2.83 8.95 8.29
C PHE A 100 -4.16 8.23 8.54
N LEU A 101 -5.23 9.02 8.61
CA LEU A 101 -6.58 8.52 8.80
C LEU A 101 -7.07 8.13 7.41
N SER A 102 -7.29 6.85 7.18
CA SER A 102 -7.76 6.32 5.91
C SER A 102 -9.26 6.60 5.73
N PRO A 103 -9.69 7.29 4.65
CA PRO A 103 -11.10 7.54 4.39
C PRO A 103 -11.75 6.25 3.88
N GLU A 104 -13.06 6.28 3.63
CA GLU A 104 -13.81 5.12 3.12
C GLU A 104 -13.25 4.64 1.78
N VAL A 105 -12.66 5.57 1.01
CA VAL A 105 -12.05 5.32 -0.29
C VAL A 105 -10.95 4.26 -0.16
N PHE A 106 -10.38 4.05 1.05
CA PHE A 106 -9.36 3.05 1.28
C PHE A 106 -9.90 1.68 0.84
N GLN A 107 -11.15 1.36 1.18
CA GLN A 107 -11.75 0.09 0.79
C GLN A 107 -12.16 0.11 -0.68
N HIS A 108 -12.49 1.27 -1.24
CA HIS A 108 -12.86 1.39 -2.66
C HIS A 108 -11.66 0.97 -3.51
N ILE A 109 -10.44 1.36 -3.09
CA ILE A 109 -9.20 1.02 -3.78
C ILE A 109 -9.08 -0.50 -3.85
N TRP A 110 -9.46 -1.21 -2.78
CA TRP A 110 -9.34 -2.66 -2.77
C TRP A 110 -10.42 -3.36 -3.60
N ASP A 111 -11.57 -2.73 -3.84
CA ASP A 111 -12.63 -3.36 -4.63
C ASP A 111 -12.36 -3.32 -6.13
N PHE A 112 -12.05 -2.14 -6.68
CA PHE A 112 -11.81 -1.99 -8.11
C PHE A 112 -10.64 -2.81 -8.62
N LEU A 113 -9.74 -3.27 -7.74
CA LEU A 113 -8.60 -4.09 -8.13
C LEU A 113 -9.05 -5.37 -8.83
N GLU A 114 -10.25 -5.87 -8.51
CA GLU A 114 -10.80 -7.07 -9.12
C GLU A 114 -11.92 -6.76 -10.12
N GLN A 115 -12.71 -5.70 -9.90
CA GLN A 115 -13.78 -5.32 -10.83
C GLN A 115 -13.21 -4.82 -12.16
N PRO A 116 -13.94 -4.89 -13.29
CA PRO A 116 -13.46 -4.42 -14.59
C PRO A 116 -13.52 -2.88 -14.62
N ILE A 117 -12.51 -2.21 -14.07
CA ILE A 117 -12.39 -0.77 -13.98
C ILE A 117 -11.02 -0.38 -14.55
N SER A 118 -10.98 0.47 -15.57
CA SER A 118 -9.75 0.92 -16.22
C SER A 118 -9.46 2.42 -16.01
N SER A 119 -10.26 3.14 -15.23
CA SER A 119 -10.06 4.55 -14.94
C SER A 119 -10.27 4.67 -13.45
N VAL A 120 -9.27 5.19 -12.76
CA VAL A 120 -9.29 5.38 -11.32
C VAL A 120 -8.83 6.80 -10.95
N GLN A 121 -9.14 7.76 -11.82
CA GLN A 121 -8.79 9.15 -11.55
C GLN A 121 -9.60 9.54 -10.29
N PRO A 122 -9.10 10.45 -9.45
CA PRO A 122 -9.80 10.83 -8.23
C PRO A 122 -11.17 11.44 -8.57
N ILE A 123 -12.10 11.36 -7.61
CA ILE A 123 -13.46 11.85 -7.73
C ILE A 123 -13.83 12.70 -6.51
N ASP A 124 -15.02 13.28 -6.52
CA ASP A 124 -15.49 14.13 -5.42
C ASP A 124 -15.71 13.34 -4.14
N ALA A 1 1.09 6.81 26.09
CA ALA A 1 0.59 5.90 25.07
C ALA A 1 -0.79 5.40 25.46
N THR A 2 -1.82 5.72 24.68
CA THR A 2 -3.20 5.32 24.94
C THR A 2 -3.48 3.83 24.70
N GLN A 3 -2.70 3.16 23.83
CA GLN A 3 -2.90 1.74 23.48
C GLN A 3 -4.39 1.48 23.22
N SER A 4 -4.96 2.27 22.32
CA SER A 4 -6.34 2.26 21.90
C SER A 4 -6.73 0.90 21.31
N PRO A 5 -8.02 0.59 21.16
CA PRO A 5 -8.49 -0.68 20.60
C PRO A 5 -8.34 -0.65 19.06
N GLY A 6 -7.09 -0.59 18.58
CA GLY A 6 -6.72 -0.53 17.18
C GLY A 6 -6.38 -1.89 16.57
N ASP A 7 -6.67 -3.01 17.22
CA ASP A 7 -6.33 -4.31 16.63
C ASP A 7 -7.12 -4.53 15.34
N SER A 8 -8.28 -3.89 15.20
CA SER A 8 -9.11 -3.98 14.00
C SER A 8 -8.37 -3.37 12.82
N ARG A 9 -7.67 -2.24 13.03
CA ARG A 9 -6.93 -1.58 11.96
C ARG A 9 -5.80 -2.47 11.48
N ARG A 10 -5.07 -3.12 12.39
CA ARG A 10 -3.98 -3.97 11.92
C ARG A 10 -4.54 -5.12 11.09
N LEU A 11 -5.57 -5.85 11.53
CA LEU A 11 -6.06 -6.97 10.73
C LEU A 11 -6.66 -6.55 9.38
N SER A 12 -7.31 -5.39 9.30
CA SER A 12 -7.89 -4.91 8.04
C SER A 12 -6.75 -4.59 7.07
N ILE A 13 -5.75 -3.84 7.55
CA ILE A 13 -4.58 -3.43 6.80
C ILE A 13 -3.76 -4.66 6.40
N GLN A 14 -3.38 -5.51 7.36
CA GLN A 14 -2.58 -6.72 7.16
C GLN A 14 -3.18 -7.57 6.03
N ARG A 15 -4.51 -7.70 5.94
CA ARG A 15 -5.12 -8.50 4.87
C ARG A 15 -4.72 -7.92 3.51
N ALA A 16 -4.88 -6.62 3.29
CA ALA A 16 -4.49 -5.98 2.02
C ALA A 16 -2.97 -6.09 1.82
N ILE A 17 -2.20 -5.78 2.86
CA ILE A 17 -0.73 -5.81 2.83
C ILE A 17 -0.17 -7.18 2.47
N GLN A 18 -0.73 -8.29 2.95
CA GLN A 18 -0.22 -9.62 2.62
C GLN A 18 -0.22 -9.83 1.10
N SER A 19 -1.25 -9.33 0.41
CA SER A 19 -1.36 -9.43 -1.03
C SER A 19 -0.44 -8.40 -1.72
N LEU A 20 -0.37 -7.17 -1.20
CA LEU A 20 0.45 -6.08 -1.72
C LEU A 20 1.95 -6.39 -1.71
N VAL A 21 2.49 -6.82 -0.57
CA VAL A 21 3.91 -7.16 -0.43
C VAL A 21 4.27 -8.24 -1.45
N HIS A 22 3.48 -9.31 -1.46
CA HIS A 22 3.66 -10.45 -2.32
C HIS A 22 3.68 -10.01 -3.79
N ALA A 23 2.75 -9.15 -4.20
CA ALA A 23 2.68 -8.67 -5.58
C ALA A 23 3.92 -7.90 -6.03
N ALA A 24 4.69 -7.32 -5.10
CA ALA A 24 5.90 -6.59 -5.46
C ALA A 24 7.04 -7.59 -5.69
N GLN A 25 7.24 -8.49 -4.74
CA GLN A 25 8.29 -9.51 -4.79
C GLN A 25 8.02 -10.63 -5.80
N CYS A 26 6.77 -10.80 -6.26
CA CYS A 26 6.39 -11.82 -7.22
C CYS A 26 6.94 -11.55 -8.62
N ARG A 27 8.14 -12.07 -8.87
CA ARG A 27 8.80 -12.00 -10.16
C ARG A 27 9.55 -13.32 -10.23
N ASN A 28 8.88 -14.40 -10.63
CA ASN A 28 9.47 -15.72 -10.76
C ASN A 28 8.43 -16.67 -11.34
N ALA A 29 8.88 -17.71 -12.02
CA ALA A 29 8.00 -18.70 -12.62
C ALA A 29 7.25 -19.53 -11.59
N ASN A 30 7.91 -19.88 -10.48
CA ASN A 30 7.32 -20.69 -9.42
C ASN A 30 6.23 -19.95 -8.64
N CYS A 31 6.29 -18.62 -8.58
CA CYS A 31 5.31 -17.84 -7.86
C CYS A 31 3.99 -17.80 -8.66
N SER A 32 2.96 -18.42 -8.12
CA SER A 32 1.62 -18.45 -8.71
C SER A 32 0.54 -18.31 -7.64
N LEU A 33 0.07 -17.09 -7.37
CA LEU A 33 -0.98 -16.80 -6.39
C LEU A 33 -2.10 -16.05 -7.13
N PRO A 34 -3.39 -16.25 -6.79
CA PRO A 34 -4.50 -15.57 -7.46
C PRO A 34 -4.52 -14.08 -7.16
N SER A 35 -4.48 -13.73 -5.87
CA SER A 35 -4.49 -12.35 -5.41
C SER A 35 -3.28 -11.58 -5.93
N CYS A 36 -2.16 -12.26 -6.21
CA CYS A 36 -0.96 -11.66 -6.74
C CYS A 36 -1.30 -10.99 -8.07
N GLN A 37 -1.91 -11.74 -8.99
CA GLN A 37 -2.29 -11.22 -10.30
C GLN A 37 -3.27 -10.06 -10.15
N LYS A 38 -4.27 -10.22 -9.29
CA LYS A 38 -5.28 -9.18 -9.06
C LYS A 38 -4.59 -7.90 -8.54
N MET A 39 -3.59 -8.03 -7.67
CA MET A 39 -2.82 -6.93 -7.10
C MET A 39 -1.86 -6.34 -8.14
N LYS A 40 -1.29 -7.15 -9.03
CA LYS A 40 -0.35 -6.70 -10.06
C LYS A 40 -0.91 -5.52 -10.81
N ARG A 41 -2.21 -5.55 -11.14
CA ARG A 41 -2.85 -4.46 -11.85
C ARG A 41 -2.74 -3.15 -11.06
N VAL A 42 -3.00 -3.19 -9.75
CA VAL A 42 -2.92 -2.04 -8.86
C VAL A 42 -1.46 -1.57 -8.83
N VAL A 43 -0.50 -2.50 -8.81
CA VAL A 43 0.93 -2.17 -8.81
C VAL A 43 1.28 -1.48 -10.15
N GLN A 44 0.71 -1.93 -11.27
CA GLN A 44 0.96 -1.32 -12.57
C GLN A 44 0.44 0.12 -12.58
N HIS A 45 -0.57 0.50 -11.78
CA HIS A 45 -1.04 1.88 -11.76
C HIS A 45 0.08 2.77 -11.22
N THR A 46 0.64 2.45 -10.04
CA THR A 46 1.69 3.28 -9.46
C THR A 46 3.00 3.32 -10.25
N LYS A 47 3.27 2.35 -11.13
CA LYS A 47 4.51 2.26 -11.91
C LYS A 47 4.92 3.55 -12.61
N GLY A 48 3.93 4.29 -13.09
CA GLY A 48 4.14 5.56 -13.77
C GLY A 48 3.36 6.69 -13.13
N CYS A 49 2.65 6.42 -12.04
CA CYS A 49 1.85 7.42 -11.35
C CYS A 49 2.76 8.39 -10.58
N LYS A 50 2.88 9.62 -11.08
CA LYS A 50 3.65 10.69 -10.46
C LYS A 50 2.78 11.94 -10.24
N ARG A 51 1.46 11.83 -10.45
CA ARG A 51 0.45 12.88 -10.27
C ARG A 51 0.39 13.37 -8.82
N LYS A 52 1.15 12.78 -7.89
CA LYS A 52 1.21 13.15 -6.49
C LYS A 52 1.49 14.65 -6.38
N THR A 53 2.46 15.14 -7.17
CA THR A 53 2.86 16.53 -7.22
C THR A 53 1.75 17.49 -7.65
N ASN A 54 0.80 17.02 -8.47
CA ASN A 54 -0.31 17.79 -8.98
C ASN A 54 -1.61 17.52 -8.20
N GLY A 55 -1.58 16.63 -7.21
CA GLY A 55 -2.74 16.29 -6.39
C GLY A 55 -2.49 14.97 -5.69
N GLY A 56 -2.53 13.86 -6.45
CA GLY A 56 -2.32 12.51 -5.96
C GLY A 56 -3.64 11.77 -5.93
N CYS A 57 -3.78 10.76 -6.79
CA CYS A 57 -4.97 9.93 -6.89
C CYS A 57 -5.09 9.05 -5.61
N PRO A 58 -6.24 8.41 -5.34
CA PRO A 58 -6.45 7.63 -4.13
C PRO A 58 -5.62 6.35 -3.98
N ILE A 59 -5.44 5.58 -5.05
CA ILE A 59 -4.69 4.32 -5.00
C ILE A 59 -3.29 4.56 -4.46
N CYS A 60 -2.49 5.39 -5.13
CA CYS A 60 -1.14 5.65 -4.67
C CYS A 60 -1.09 6.45 -3.37
N LYS A 61 -2.04 7.38 -3.16
CA LYS A 61 -2.09 8.18 -1.92
C LYS A 61 -2.19 7.24 -0.73
N GLN A 62 -3.09 6.25 -0.78
CA GLN A 62 -3.25 5.32 0.32
C GLN A 62 -2.11 4.30 0.38
N LEU A 63 -1.40 4.04 -0.72
CA LEU A 63 -0.29 3.10 -0.70
C LEU A 63 0.80 3.61 0.26
N ILE A 64 0.96 4.94 0.37
CA ILE A 64 1.92 5.59 1.26
C ILE A 64 1.61 5.18 2.70
N ALA A 65 0.33 5.25 3.09
CA ALA A 65 -0.15 4.90 4.41
C ALA A 65 0.17 3.45 4.75
N LEU A 66 -0.05 2.54 3.80
CA LEU A 66 0.23 1.11 4.00
C LEU A 66 1.72 0.87 4.13
N ALA A 67 2.52 1.53 3.29
CA ALA A 67 3.96 1.39 3.32
C ALA A 67 4.48 1.79 4.70
N ALA A 68 4.00 2.92 5.25
CA ALA A 68 4.41 3.41 6.56
C ALA A 68 3.99 2.44 7.66
N TYR A 69 2.79 1.88 7.56
CA TYR A 69 2.30 0.92 8.52
C TYR A 69 3.19 -0.34 8.49
N HIS A 70 3.45 -0.91 7.32
CA HIS A 70 4.27 -2.11 7.15
C HIS A 70 5.71 -1.84 7.57
N ALA A 71 6.25 -0.65 7.28
CA ALA A 71 7.61 -0.28 7.65
C ALA A 71 7.84 -0.32 9.16
N LYS A 72 6.78 -0.27 9.97
CA LYS A 72 6.93 -0.35 11.42
C LYS A 72 7.37 -1.76 11.84
N HIS A 73 7.15 -2.77 11.00
CA HIS A 73 7.49 -4.17 11.23
C HIS A 73 8.48 -4.71 10.16
N CYS A 74 8.69 -3.98 9.06
CA CYS A 74 9.55 -4.35 7.96
C CYS A 74 10.68 -3.35 7.86
N GLN A 75 11.85 -3.74 8.33
CA GLN A 75 13.02 -2.90 8.28
C GLN A 75 14.15 -3.88 8.00
N GLU A 76 14.39 -4.16 6.72
CA GLU A 76 15.43 -5.09 6.30
C GLU A 76 16.37 -4.39 5.33
N ASN A 77 17.46 -5.05 4.95
CA ASN A 77 18.44 -4.47 4.05
C ASN A 77 17.81 -4.06 2.72
N LYS A 78 16.97 -4.93 2.15
CA LYS A 78 16.28 -4.70 0.88
C LYS A 78 14.79 -5.02 1.01
N CYS A 79 14.01 -4.10 1.58
CA CYS A 79 12.56 -4.26 1.74
C CYS A 79 11.91 -4.64 0.40
N PRO A 80 10.91 -5.55 0.40
CA PRO A 80 10.23 -5.99 -0.81
C PRO A 80 9.32 -4.90 -1.38
N VAL A 81 8.63 -4.13 -0.52
CA VAL A 81 7.73 -3.06 -0.93
C VAL A 81 8.60 -1.88 -1.38
N PRO A 82 8.49 -1.39 -2.63
CA PRO A 82 9.31 -0.27 -3.09
C PRO A 82 8.94 1.04 -2.39
N PHE A 83 7.68 1.20 -2.00
CA PHE A 83 7.23 2.40 -1.31
C PHE A 83 7.86 2.47 0.08
N CYS A 84 7.87 1.36 0.83
CA CYS A 84 8.43 1.29 2.18
C CYS A 84 9.96 1.35 2.16
N LEU A 85 10.56 0.88 1.08
CA LEU A 85 12.00 0.91 0.91
C LEU A 85 12.49 2.36 1.00
N ASN A 86 11.68 3.32 0.51
CA ASN A 86 12.03 4.74 0.57
C ASN A 86 11.99 5.22 2.03
N ILE A 87 10.99 4.77 2.79
CA ILE A 87 10.78 5.12 4.20
C ILE A 87 12.03 4.81 4.98
N LYS A 88 12.60 3.60 4.84
CA LYS A 88 13.81 3.25 5.57
C LYS A 88 14.95 4.21 5.24
N GLN A 89 15.23 4.42 3.96
CA GLN A 89 16.31 5.29 3.50
C GLN A 89 16.13 6.74 3.98
N LYS A 90 14.91 7.27 3.93
CA LYS A 90 14.60 8.64 4.33
C LYS A 90 14.22 8.82 5.79
N GLY A 91 14.10 7.77 6.59
CA GLY A 91 13.72 7.81 8.01
C GLY A 91 14.75 8.43 8.96
N THR A 92 15.78 9.07 8.42
CA THR A 92 16.88 9.70 9.13
C THR A 92 16.51 10.83 10.10
N ILE A 93 15.36 11.49 9.93
CA ILE A 93 14.89 12.61 10.76
C ILE A 93 13.71 12.17 11.64
N GLU A 94 13.35 10.89 11.65
CA GLU A 94 12.24 10.35 12.41
C GLU A 94 12.59 9.01 13.09
N GLY A 95 11.59 8.16 13.34
CA GLY A 95 11.79 6.86 13.98
C GLY A 95 10.50 6.09 14.24
N ARG A 96 9.38 6.78 14.53
CA ARG A 96 8.07 6.18 14.81
C ARG A 96 6.92 6.91 14.09
N GLY A 97 7.17 7.44 12.89
CA GLY A 97 6.18 8.14 12.09
C GLY A 97 5.19 7.13 11.50
N ASN A 98 4.35 6.53 12.33
CA ASN A 98 3.35 5.54 11.96
C ASN A 98 1.98 6.14 12.25
N GLU A 99 1.59 7.15 11.48
CA GLU A 99 0.32 7.83 11.64
C GLU A 99 -0.16 8.31 10.29
N PHE A 100 -1.42 7.99 9.99
CA PHE A 100 -2.14 8.36 8.78
C PHE A 100 -3.62 8.38 9.13
N LEU A 101 -4.45 9.01 8.29
CA LEU A 101 -5.89 9.10 8.44
C LEU A 101 -6.40 8.55 7.12
N SER A 102 -6.63 7.24 7.11
CA SER A 102 -7.11 6.49 5.98
C SER A 102 -8.64 6.49 6.02
N PRO A 103 -9.33 7.34 5.23
CA PRO A 103 -10.79 7.39 5.22
C PRO A 103 -11.32 6.13 4.53
N GLU A 104 -12.65 6.01 4.41
CA GLU A 104 -13.32 4.88 3.77
C GLU A 104 -12.87 4.65 2.33
N VAL A 105 -12.29 5.67 1.68
CA VAL A 105 -11.78 5.60 0.31
C VAL A 105 -10.70 4.50 0.25
N PHE A 106 -10.08 4.17 1.39
CA PHE A 106 -9.07 3.13 1.51
C PHE A 106 -9.68 1.82 1.00
N GLN A 107 -10.91 1.51 1.41
CA GLN A 107 -11.58 0.30 0.99
C GLN A 107 -12.13 0.40 -0.44
N HIS A 108 -12.45 1.61 -0.92
CA HIS A 108 -12.97 1.82 -2.27
C HIS A 108 -11.96 1.32 -3.31
N ILE A 109 -10.67 1.48 -3.00
CA ILE A 109 -9.55 1.08 -3.85
C ILE A 109 -9.58 -0.44 -4.07
N TRP A 110 -10.03 -1.21 -3.08
CA TRP A 110 -10.07 -2.65 -3.22
C TRP A 110 -11.31 -3.15 -3.97
N ASP A 111 -12.41 -2.40 -3.96
CA ASP A 111 -13.64 -2.82 -4.65
C ASP A 111 -13.44 -2.84 -6.16
N PHE A 112 -12.78 -1.80 -6.69
CA PHE A 112 -12.53 -1.70 -8.12
C PHE A 112 -11.39 -2.63 -8.55
N LEU A 113 -10.58 -3.13 -7.61
CA LEU A 113 -9.47 -4.03 -7.96
C LEU A 113 -10.03 -5.30 -8.62
N GLU A 114 -11.21 -5.76 -8.19
CA GLU A 114 -11.86 -6.94 -8.77
C GLU A 114 -12.91 -6.53 -9.81
N GLN A 115 -13.42 -5.29 -9.80
CA GLN A 115 -14.39 -4.80 -10.77
C GLN A 115 -14.11 -3.34 -11.15
N PRO A 116 -13.15 -3.07 -12.06
CA PRO A 116 -12.87 -1.72 -12.48
C PRO A 116 -14.00 -1.28 -13.41
N ILE A 117 -14.40 -0.02 -13.31
CA ILE A 117 -15.44 0.56 -14.14
C ILE A 117 -14.79 1.73 -14.84
N SER A 118 -14.94 2.88 -14.26
CA SER A 118 -14.44 4.18 -14.67
C SER A 118 -14.07 4.96 -13.41
N SER A 119 -14.11 6.29 -13.49
CA SER A 119 -13.84 7.27 -12.44
C SER A 119 -12.85 6.80 -11.36
N VAL A 120 -11.57 6.96 -11.65
CA VAL A 120 -10.47 6.61 -10.76
C VAL A 120 -9.84 7.94 -10.37
N GLN A 121 -10.51 8.74 -9.54
CA GLN A 121 -10.01 10.05 -9.12
C GLN A 121 -10.20 10.27 -7.61
N PRO A 122 -9.38 11.14 -6.98
CA PRO A 122 -9.49 11.44 -5.57
C PRO A 122 -10.68 12.37 -5.36
N ILE A 123 -11.56 11.98 -4.46
CA ILE A 123 -12.73 12.76 -4.10
C ILE A 123 -12.30 13.81 -3.07
N ASP A 124 -13.21 14.72 -2.72
CA ASP A 124 -12.96 15.77 -1.74
C ASP A 124 -14.23 15.94 -0.94
N ALA A 1 -0.15 15.50 22.58
CA ALA A 1 -0.16 14.24 21.83
C ALA A 1 -1.52 13.57 21.98
N THR A 2 -2.17 13.25 20.87
CA THR A 2 -3.49 12.62 20.83
C THR A 2 -3.44 11.55 19.74
N GLN A 3 -2.61 10.52 19.93
CA GLN A 3 -2.49 9.45 18.95
C GLN A 3 -3.85 8.80 18.77
N SER A 4 -4.26 8.58 17.53
CA SER A 4 -5.53 7.94 17.24
C SER A 4 -5.40 6.48 17.69
N PRO A 5 -6.43 5.85 18.29
CA PRO A 5 -6.40 4.46 18.73
C PRO A 5 -6.41 3.53 17.51
N GLY A 6 -5.22 3.31 16.93
CA GLY A 6 -5.02 2.49 15.75
C GLY A 6 -4.65 1.04 15.99
N ASP A 7 -4.57 0.55 17.23
CA ASP A 7 -4.20 -0.85 17.49
C ASP A 7 -5.17 -1.82 16.80
N SER A 8 -6.48 -1.58 16.89
CA SER A 8 -7.51 -2.43 16.29
C SER A 8 -7.47 -2.40 14.74
N ARG A 9 -6.97 -1.32 14.15
CA ARG A 9 -6.88 -1.16 12.70
C ARG A 9 -5.91 -2.16 12.07
N ARG A 10 -4.89 -2.58 12.83
CA ARG A 10 -3.86 -3.49 12.36
C ARG A 10 -4.41 -4.73 11.67
N LEU A 11 -5.48 -5.34 12.18
CA LEU A 11 -6.05 -6.54 11.57
C LEU A 11 -6.44 -6.31 10.11
N SER A 12 -7.16 -5.21 9.86
CA SER A 12 -7.67 -4.80 8.58
C SER A 12 -6.54 -4.37 7.65
N ILE A 13 -5.64 -3.52 8.14
CA ILE A 13 -4.53 -3.01 7.37
C ILE A 13 -3.62 -4.17 6.92
N GLN A 14 -3.13 -4.99 7.84
CA GLN A 14 -2.26 -6.13 7.56
C GLN A 14 -2.89 -7.07 6.54
N ARG A 15 -4.21 -7.27 6.61
CA ARG A 15 -4.94 -8.14 5.69
C ARG A 15 -4.73 -7.69 4.24
N ALA A 16 -4.77 -6.39 3.96
CA ALA A 16 -4.55 -5.89 2.61
C ALA A 16 -3.06 -5.97 2.25
N ILE A 17 -2.17 -5.66 3.21
CA ILE A 17 -0.73 -5.66 2.99
C ILE A 17 -0.19 -7.04 2.64
N GLN A 18 -0.74 -8.14 3.17
CA GLN A 18 -0.24 -9.48 2.87
C GLN A 18 -0.26 -9.75 1.35
N SER A 19 -1.28 -9.23 0.66
CA SER A 19 -1.43 -9.37 -0.78
C SER A 19 -0.49 -8.39 -1.49
N LEU A 20 -0.35 -7.17 -0.97
CA LEU A 20 0.50 -6.11 -1.52
C LEU A 20 1.96 -6.51 -1.57
N VAL A 21 2.53 -6.95 -0.43
CA VAL A 21 3.93 -7.36 -0.31
C VAL A 21 4.22 -8.40 -1.36
N HIS A 22 3.43 -9.47 -1.38
CA HIS A 22 3.59 -10.57 -2.30
C HIS A 22 3.61 -10.06 -3.73
N ALA A 23 2.64 -9.22 -4.13
CA ALA A 23 2.61 -8.71 -5.50
C ALA A 23 3.81 -7.82 -5.85
N ALA A 24 4.41 -7.15 -4.87
CA ALA A 24 5.57 -6.30 -5.11
C ALA A 24 6.79 -7.16 -5.42
N GLN A 25 7.05 -8.17 -4.59
CA GLN A 25 8.18 -9.08 -4.74
C GLN A 25 7.97 -10.15 -5.83
N CYS A 26 6.73 -10.37 -6.27
CA CYS A 26 6.33 -11.35 -7.28
C CYS A 26 7.01 -11.07 -8.62
N ARG A 27 8.22 -11.59 -8.78
CA ARG A 27 9.03 -11.49 -9.99
C ARG A 27 9.75 -12.82 -10.05
N ASN A 28 9.10 -13.84 -10.61
CA ASN A 28 9.58 -15.21 -10.77
C ASN A 28 8.55 -15.97 -11.61
N ALA A 29 8.98 -16.97 -12.38
CA ALA A 29 8.09 -17.77 -13.22
C ALA A 29 7.19 -18.69 -12.39
N ASN A 30 7.71 -19.26 -11.30
CA ASN A 30 6.94 -20.18 -10.45
C ASN A 30 5.86 -19.50 -9.60
N CYS A 31 6.01 -18.22 -9.28
CA CYS A 31 5.06 -17.49 -8.46
C CYS A 31 3.66 -17.47 -9.08
N SER A 32 2.71 -18.10 -8.41
CA SER A 32 1.31 -18.20 -8.83
C SER A 32 0.34 -18.03 -7.65
N LEU A 33 -0.14 -16.82 -7.38
CA LEU A 33 -1.11 -16.54 -6.29
C LEU A 33 -2.38 -15.91 -6.89
N PRO A 34 -3.58 -16.17 -6.32
CA PRO A 34 -4.83 -15.60 -6.82
C PRO A 34 -4.95 -14.10 -6.55
N SER A 35 -4.43 -13.62 -5.42
CA SER A 35 -4.48 -12.19 -5.11
C SER A 35 -3.45 -11.49 -6.01
N CYS A 36 -2.31 -12.15 -6.26
CA CYS A 36 -1.21 -11.64 -7.06
C CYS A 36 -1.65 -11.26 -8.46
N GLN A 37 -2.35 -12.15 -9.18
CA GLN A 37 -2.78 -11.86 -10.54
C GLN A 37 -3.56 -10.55 -10.63
N LYS A 38 -4.51 -10.30 -9.72
CA LYS A 38 -5.29 -9.06 -9.73
C LYS A 38 -4.44 -7.89 -9.24
N MET A 39 -3.63 -8.09 -8.19
CA MET A 39 -2.76 -7.05 -7.65
C MET A 39 -1.74 -6.58 -8.68
N LYS A 40 -1.29 -7.44 -9.62
CA LYS A 40 -0.33 -7.09 -10.66
C LYS A 40 -0.79 -5.86 -11.43
N ARG A 41 -2.10 -5.73 -11.66
CA ARG A 41 -2.66 -4.58 -12.37
C ARG A 41 -2.34 -3.32 -11.56
N VAL A 42 -2.59 -3.36 -10.25
CA VAL A 42 -2.36 -2.25 -9.33
C VAL A 42 -0.88 -1.90 -9.29
N VAL A 43 0.01 -2.88 -9.42
CA VAL A 43 1.45 -2.62 -9.40
C VAL A 43 1.81 -1.71 -10.60
N GLN A 44 1.11 -1.86 -11.74
CA GLN A 44 1.35 -1.05 -12.94
C GLN A 44 0.94 0.41 -12.68
N HIS A 45 -0.14 0.68 -11.95
CA HIS A 45 -0.58 2.05 -11.70
C HIS A 45 0.50 2.91 -11.04
N THR A 46 1.07 2.46 -9.91
CA THR A 46 2.08 3.25 -9.22
C THR A 46 3.36 3.41 -10.06
N LYS A 47 3.59 2.52 -11.02
CA LYS A 47 4.76 2.59 -11.88
C LYS A 47 4.78 3.92 -12.62
N GLY A 48 3.61 4.48 -12.96
CA GLY A 48 3.49 5.75 -13.67
C GLY A 48 2.65 6.80 -12.97
N CYS A 49 2.34 6.66 -11.68
CA CYS A 49 1.53 7.66 -11.00
C CYS A 49 2.33 8.94 -10.73
N LYS A 50 2.33 9.83 -11.71
CA LYS A 50 2.97 11.13 -11.71
C LYS A 50 1.88 12.17 -11.38
N ARG A 51 0.60 11.77 -11.38
CA ARG A 51 -0.57 12.58 -11.06
C ARG A 51 -0.48 13.12 -9.63
N LYS A 52 0.35 12.49 -8.77
CA LYS A 52 0.56 12.89 -7.38
C LYS A 52 1.01 14.34 -7.31
N THR A 53 2.13 14.63 -7.97
CA THR A 53 2.74 15.95 -8.04
C THR A 53 1.82 17.02 -8.64
N ASN A 54 0.83 16.61 -9.43
CA ASN A 54 -0.16 17.48 -10.10
C ASN A 54 -1.49 17.56 -9.35
N GLY A 55 -1.70 16.77 -8.31
CA GLY A 55 -2.91 16.74 -7.53
C GLY A 55 -2.80 15.72 -6.41
N GLY A 56 -3.07 14.45 -6.68
CA GLY A 56 -3.00 13.41 -5.66
C GLY A 56 -3.96 12.27 -5.91
N CYS A 57 -3.48 11.22 -6.58
CA CYS A 57 -4.26 10.03 -6.88
C CYS A 57 -4.55 9.31 -5.54
N PRO A 58 -5.71 8.66 -5.36
CA PRO A 58 -6.08 7.97 -4.12
C PRO A 58 -5.31 6.66 -3.87
N ILE A 59 -5.03 5.85 -4.90
CA ILE A 59 -4.33 4.57 -4.75
C ILE A 59 -2.97 4.75 -4.10
N CYS A 60 -2.08 5.50 -4.75
CA CYS A 60 -0.74 5.75 -4.24
C CYS A 60 -0.80 6.46 -2.88
N LYS A 61 -1.81 7.32 -2.68
CA LYS A 61 -2.04 8.04 -1.43
C LYS A 61 -2.09 7.01 -0.30
N GLN A 62 -3.02 6.05 -0.42
CA GLN A 62 -3.18 4.99 0.56
C GLN A 62 -2.00 4.03 0.55
N LEU A 63 -1.25 3.93 -0.56
CA LEU A 63 -0.09 3.07 -0.65
C LEU A 63 0.97 3.55 0.34
N ILE A 64 1.15 4.87 0.46
CA ILE A 64 2.10 5.48 1.39
C ILE A 64 1.68 5.13 2.81
N ALA A 65 0.38 5.30 3.11
CA ALA A 65 -0.21 5.01 4.42
C ALA A 65 0.16 3.60 4.89
N LEU A 66 -0.12 2.62 4.03
CA LEU A 66 0.13 1.21 4.33
C LEU A 66 1.61 0.86 4.32
N ALA A 67 2.40 1.43 3.41
CA ALA A 67 3.83 1.18 3.34
C ALA A 67 4.48 1.58 4.66
N ALA A 68 4.14 2.76 5.18
CA ALA A 68 4.67 3.25 6.44
C ALA A 68 4.23 2.35 7.60
N TYR A 69 2.97 1.90 7.63
CA TYR A 69 2.46 1.01 8.68
C TYR A 69 3.28 -0.29 8.66
N HIS A 70 3.57 -0.82 7.47
CA HIS A 70 4.33 -2.04 7.30
C HIS A 70 5.78 -1.80 7.69
N ALA A 71 6.37 -0.66 7.34
CA ALA A 71 7.74 -0.29 7.63
C ALA A 71 8.06 -0.31 9.12
N LYS A 72 7.06 -0.12 10.00
CA LYS A 72 7.33 -0.15 11.44
C LYS A 72 7.71 -1.58 11.89
N HIS A 73 7.39 -2.60 11.08
CA HIS A 73 7.67 -4.01 11.33
C HIS A 73 8.68 -4.55 10.31
N CYS A 74 8.57 -4.12 9.05
CA CYS A 74 9.43 -4.49 7.95
C CYS A 74 10.62 -3.55 7.94
N GLN A 75 11.76 -4.01 8.44
CA GLN A 75 13.01 -3.30 8.51
C GLN A 75 14.00 -4.39 8.17
N GLU A 76 14.26 -4.58 6.88
CA GLU A 76 15.18 -5.60 6.39
C GLU A 76 16.13 -5.00 5.37
N ASN A 77 17.20 -5.72 5.04
CA ASN A 77 18.23 -5.27 4.12
C ASN A 77 17.62 -4.89 2.76
N LYS A 78 16.70 -5.69 2.22
CA LYS A 78 16.06 -5.42 0.94
C LYS A 78 14.54 -5.53 1.04
N CYS A 79 13.92 -4.49 1.59
CA CYS A 79 12.48 -4.41 1.76
C CYS A 79 11.78 -4.74 0.42
N PRO A 80 10.76 -5.63 0.43
CA PRO A 80 10.04 -6.03 -0.77
C PRO A 80 9.16 -4.93 -1.36
N VAL A 81 8.44 -4.16 -0.54
CA VAL A 81 7.57 -3.10 -1.03
C VAL A 81 8.49 -1.92 -1.40
N PRO A 82 8.48 -1.41 -2.64
CA PRO A 82 9.34 -0.29 -2.99
C PRO A 82 9.01 0.97 -2.16
N PHE A 83 7.77 1.12 -1.70
CA PHE A 83 7.38 2.28 -0.90
C PHE A 83 8.01 2.21 0.50
N CYS A 84 7.96 1.05 1.17
CA CYS A 84 8.52 0.93 2.50
C CYS A 84 10.04 1.05 2.47
N LEU A 85 10.64 0.64 1.35
CA LEU A 85 12.07 0.74 1.14
C LEU A 85 12.48 2.22 1.21
N ASN A 86 11.59 3.14 0.81
CA ASN A 86 11.89 4.57 0.91
C ASN A 86 11.81 4.99 2.37
N ILE A 87 10.88 4.46 3.17
CA ILE A 87 10.78 4.79 4.59
C ILE A 87 12.09 4.33 5.24
N LYS A 88 12.51 3.08 4.99
CA LYS A 88 13.74 2.48 5.52
C LYS A 88 14.96 3.36 5.28
N GLN A 89 15.19 3.79 4.03
CA GLN A 89 16.34 4.64 3.70
C GLN A 89 16.24 6.06 4.27
N LYS A 90 15.07 6.50 4.72
CA LYS A 90 14.86 7.84 5.29
C LYS A 90 14.98 7.78 6.81
N GLY A 91 14.26 6.87 7.47
CA GLY A 91 14.26 6.72 8.91
C GLY A 91 13.53 7.86 9.63
N THR A 92 13.02 8.87 8.92
CA THR A 92 12.33 10.01 9.50
C THR A 92 10.84 9.74 9.77
N ILE A 93 10.18 8.95 8.91
CA ILE A 93 8.76 8.61 9.06
C ILE A 93 8.61 7.83 10.37
N GLU A 94 9.50 6.86 10.58
CA GLU A 94 9.54 6.02 11.79
C GLU A 94 10.11 6.75 13.01
N GLY A 95 10.46 8.01 12.80
CA GLY A 95 11.03 8.92 13.77
C GLY A 95 9.87 9.64 14.41
N ARG A 96 8.96 8.85 14.99
CA ARG A 96 7.73 9.25 15.66
C ARG A 96 6.89 10.19 14.79
N GLY A 97 7.01 10.13 13.46
CA GLY A 97 6.32 11.00 12.53
C GLY A 97 5.33 10.33 11.58
N ASN A 98 4.35 9.57 12.06
CA ASN A 98 3.39 8.95 11.13
C ASN A 98 2.01 8.65 11.70
N GLU A 99 0.99 9.37 11.23
CA GLU A 99 -0.42 9.26 11.58
C GLU A 99 -1.21 9.57 10.31
N PHE A 100 -1.81 8.58 9.65
CA PHE A 100 -2.60 8.77 8.43
C PHE A 100 -4.01 8.24 8.68
N LEU A 101 -5.04 9.08 8.49
CA LEU A 101 -6.43 8.69 8.70
C LEU A 101 -7.21 8.95 7.43
N SER A 102 -7.93 7.94 6.95
CA SER A 102 -8.75 7.99 5.75
C SER A 102 -10.07 7.24 6.03
N PRO A 103 -11.20 7.61 5.41
CA PRO A 103 -12.50 6.97 5.59
C PRO A 103 -12.58 5.70 4.72
N GLU A 104 -13.81 5.20 4.47
CA GLU A 104 -14.10 4.01 3.65
C GLU A 104 -13.44 4.05 2.26
N VAL A 105 -13.08 5.22 1.75
CA VAL A 105 -12.43 5.38 0.46
C VAL A 105 -11.16 4.51 0.41
N PHE A 106 -10.53 4.23 1.56
CA PHE A 106 -9.35 3.38 1.64
C PHE A 106 -9.69 1.99 1.08
N GLN A 107 -10.91 1.50 1.31
CA GLN A 107 -11.39 0.21 0.84
C GLN A 107 -11.76 0.26 -0.64
N HIS A 108 -12.03 1.44 -1.19
CA HIS A 108 -12.38 1.58 -2.61
C HIS A 108 -11.18 1.16 -3.47
N ILE A 109 -9.95 1.26 -2.92
CA ILE A 109 -8.74 0.85 -3.58
C ILE A 109 -8.77 -0.69 -3.73
N TRP A 110 -9.38 -1.40 -2.77
CA TRP A 110 -9.48 -2.85 -2.81
C TRP A 110 -10.64 -3.31 -3.67
N ASP A 111 -11.69 -2.50 -3.78
CA ASP A 111 -12.87 -2.82 -4.60
C ASP A 111 -12.49 -2.88 -6.07
N PHE A 112 -11.71 -1.90 -6.54
CA PHE A 112 -11.27 -1.86 -7.92
C PHE A 112 -10.07 -2.79 -8.16
N LEU A 113 -9.36 -3.25 -7.10
CA LEU A 113 -8.19 -4.12 -7.25
C LEU A 113 -8.48 -5.32 -8.13
N GLU A 114 -9.68 -5.89 -8.01
CA GLU A 114 -10.09 -7.04 -8.78
C GLU A 114 -10.77 -6.67 -10.09
N GLN A 115 -11.33 -5.47 -10.20
CA GLN A 115 -12.00 -5.02 -11.42
C GLN A 115 -10.94 -4.56 -12.45
N PRO A 116 -11.28 -4.47 -13.76
CA PRO A 116 -10.37 -4.01 -14.79
C PRO A 116 -10.16 -2.48 -14.67
N ILE A 117 -9.38 -1.87 -15.57
CA ILE A 117 -9.16 -0.42 -15.53
C ILE A 117 -10.31 0.20 -16.30
N SER A 118 -11.30 0.72 -15.59
CA SER A 118 -12.48 1.34 -16.14
C SER A 118 -12.82 2.66 -15.42
N SER A 119 -12.64 2.74 -14.11
CA SER A 119 -12.92 3.90 -13.26
C SER A 119 -11.94 3.89 -12.08
N VAL A 120 -11.09 4.92 -12.03
CA VAL A 120 -10.08 5.12 -11.01
C VAL A 120 -10.15 6.59 -10.61
N GLN A 121 -11.06 6.90 -9.70
CA GLN A 121 -11.32 8.21 -9.14
C GLN A 121 -11.96 8.04 -7.76
N PRO A 122 -11.74 8.96 -6.79
CA PRO A 122 -12.36 8.85 -5.47
C PRO A 122 -13.83 9.24 -5.63
N ILE A 123 -14.71 8.26 -5.46
CA ILE A 123 -16.17 8.43 -5.58
C ILE A 123 -16.79 9.06 -4.34
N ASP A 124 -16.03 9.15 -3.24
CA ASP A 124 -16.43 9.71 -1.96
C ASP A 124 -15.19 10.30 -1.30
N ALA A 1 -5.33 -9.86 25.55
CA ALA A 1 -5.35 -8.40 25.72
C ALA A 1 -6.01 -7.75 24.52
N THR A 2 -7.15 -7.09 24.75
CA THR A 2 -7.90 -6.38 23.74
C THR A 2 -8.50 -5.15 24.45
N GLN A 3 -7.86 -4.00 24.27
CA GLN A 3 -8.23 -2.71 24.85
C GLN A 3 -7.88 -1.55 23.89
N SER A 4 -6.80 -1.68 23.11
CA SER A 4 -6.36 -0.68 22.15
C SER A 4 -7.21 -0.78 20.87
N PRO A 5 -7.66 0.33 20.27
CA PRO A 5 -8.44 0.29 19.03
C PRO A 5 -7.57 -0.10 17.83
N GLY A 6 -6.24 -0.02 17.97
CA GLY A 6 -5.27 -0.38 16.96
C GLY A 6 -5.32 -1.86 16.58
N ASP A 7 -6.16 -2.65 17.25
CA ASP A 7 -6.39 -4.07 17.02
C ASP A 7 -7.19 -4.24 15.72
N SER A 8 -8.29 -3.50 15.56
CA SER A 8 -9.08 -3.56 14.33
C SER A 8 -8.20 -3.05 13.19
N ARG A 9 -7.49 -1.94 13.42
CA ARG A 9 -6.60 -1.38 12.42
C ARG A 9 -5.51 -2.38 12.02
N ARG A 10 -4.82 -3.03 12.97
CA ARG A 10 -3.76 -3.99 12.64
C ARG A 10 -4.31 -5.15 11.78
N LEU A 11 -5.35 -5.85 12.24
CA LEU A 11 -5.89 -6.99 11.50
C LEU A 11 -6.52 -6.62 10.16
N SER A 12 -7.04 -5.40 10.02
CA SER A 12 -7.66 -4.95 8.79
C SER A 12 -6.58 -4.54 7.78
N ILE A 13 -5.60 -3.73 8.20
CA ILE A 13 -4.52 -3.28 7.32
C ILE A 13 -3.72 -4.50 6.86
N GLN A 14 -3.38 -5.42 7.79
CA GLN A 14 -2.64 -6.63 7.47
C GLN A 14 -3.32 -7.42 6.35
N ARG A 15 -4.65 -7.50 6.30
CA ARG A 15 -5.36 -8.24 5.27
C ARG A 15 -4.98 -7.77 3.86
N ALA A 16 -4.83 -6.45 3.66
CA ALA A 16 -4.45 -5.90 2.37
C ALA A 16 -2.96 -6.19 2.13
N ILE A 17 -2.12 -5.81 3.11
CA ILE A 17 -0.66 -5.97 3.07
C ILE A 17 -0.19 -7.39 2.80
N GLN A 18 -0.93 -8.41 3.25
CA GLN A 18 -0.57 -9.80 3.03
C GLN A 18 -0.40 -10.10 1.53
N SER A 19 -1.31 -9.55 0.72
CA SER A 19 -1.32 -9.74 -0.73
C SER A 19 -0.40 -8.72 -1.42
N LEU A 20 -0.32 -7.49 -0.89
CA LEU A 20 0.52 -6.43 -1.44
C LEU A 20 1.98 -6.84 -1.54
N VAL A 21 2.54 -7.31 -0.42
CA VAL A 21 3.93 -7.74 -0.35
C VAL A 21 4.19 -8.82 -1.38
N HIS A 22 3.31 -9.82 -1.44
CA HIS A 22 3.43 -10.93 -2.38
C HIS A 22 3.49 -10.41 -3.81
N ALA A 23 2.58 -9.52 -4.21
CA ALA A 23 2.54 -8.97 -5.55
C ALA A 23 3.80 -8.21 -5.95
N ALA A 24 4.51 -7.65 -4.98
CA ALA A 24 5.74 -6.90 -5.23
C ALA A 24 6.88 -7.86 -5.54
N GLN A 25 7.11 -8.82 -4.66
CA GLN A 25 8.18 -9.80 -4.77
C GLN A 25 7.92 -10.95 -5.73
N CYS A 26 6.71 -11.06 -6.28
CA CYS A 26 6.35 -12.13 -7.21
C CYS A 26 7.12 -11.98 -8.54
N ARG A 27 8.25 -12.68 -8.66
CA ARG A 27 9.06 -12.73 -9.87
C ARG A 27 9.63 -14.13 -9.95
N ASN A 28 8.88 -15.09 -10.49
CA ASN A 28 9.33 -16.47 -10.62
C ASN A 28 8.28 -17.23 -11.43
N ALA A 29 8.72 -18.22 -12.21
CA ALA A 29 7.84 -19.03 -13.02
C ALA A 29 6.94 -19.94 -12.16
N ASN A 30 7.33 -20.27 -10.93
CA ASN A 30 6.52 -21.13 -10.05
C ASN A 30 5.44 -20.36 -9.30
N CYS A 31 5.60 -19.04 -9.12
CA CYS A 31 4.63 -18.24 -8.39
C CYS A 31 3.32 -18.08 -9.16
N SER A 32 2.24 -18.64 -8.62
CA SER A 32 0.91 -18.56 -9.19
C SER A 32 -0.11 -18.35 -8.09
N LEU A 33 -0.48 -17.11 -7.78
CA LEU A 33 -1.47 -16.80 -6.76
C LEU A 33 -2.68 -16.13 -7.43
N PRO A 34 -3.90 -16.36 -6.90
CA PRO A 34 -5.13 -15.81 -7.47
C PRO A 34 -5.25 -14.29 -7.39
N SER A 35 -4.81 -13.68 -6.28
CA SER A 35 -4.89 -12.24 -6.10
C SER A 35 -3.64 -11.54 -6.63
N CYS A 36 -2.48 -12.21 -6.71
CA CYS A 36 -1.22 -11.66 -7.19
C CYS A 36 -1.42 -10.96 -8.54
N GLN A 37 -1.92 -11.70 -9.54
CA GLN A 37 -2.17 -11.18 -10.89
C GLN A 37 -3.08 -9.94 -10.87
N LYS A 38 -4.04 -9.86 -9.95
CA LYS A 38 -4.95 -8.72 -9.85
C LYS A 38 -4.16 -7.54 -9.26
N MET A 39 -3.44 -7.77 -8.17
CA MET A 39 -2.62 -6.77 -7.49
C MET A 39 -1.59 -6.18 -8.45
N LYS A 40 -1.09 -6.95 -9.42
CA LYS A 40 -0.12 -6.47 -10.41
C LYS A 40 -0.68 -5.25 -11.13
N ARG A 41 -1.99 -5.18 -11.37
CA ARG A 41 -2.61 -4.02 -12.04
C ARG A 41 -2.46 -2.77 -11.18
N VAL A 42 -2.56 -2.92 -9.86
CA VAL A 42 -2.43 -1.86 -8.89
C VAL A 42 -0.97 -1.37 -8.95
N VAL A 43 -0.01 -2.29 -8.89
CA VAL A 43 1.42 -1.98 -8.96
C VAL A 43 1.72 -1.20 -10.25
N GLN A 44 1.16 -1.63 -11.39
CA GLN A 44 1.39 -0.97 -12.67
C GLN A 44 0.86 0.47 -12.72
N HIS A 45 -0.19 0.81 -11.98
CA HIS A 45 -0.72 2.17 -11.98
C HIS A 45 0.25 3.08 -11.23
N THR A 46 0.61 2.73 -9.98
CA THR A 46 1.52 3.53 -9.18
C THR A 46 2.93 3.56 -9.81
N LYS A 47 3.31 2.55 -10.60
CA LYS A 47 4.61 2.49 -11.28
C LYS A 47 4.78 3.74 -12.14
N GLY A 48 3.75 4.09 -12.90
CA GLY A 48 3.78 5.25 -13.78
C GLY A 48 3.31 6.54 -13.14
N CYS A 49 2.51 6.45 -12.09
CA CYS A 49 1.98 7.60 -11.40
C CYS A 49 3.04 8.32 -10.57
N LYS A 50 3.28 9.58 -10.92
CA LYS A 50 4.21 10.47 -10.25
C LYS A 50 3.42 11.70 -9.75
N ARG A 51 2.11 11.76 -10.01
CA ARG A 51 1.20 12.84 -9.62
C ARG A 51 1.00 12.91 -8.11
N LYS A 52 1.35 11.84 -7.39
CA LYS A 52 1.23 11.72 -5.94
C LYS A 52 1.98 12.81 -5.17
N THR A 53 2.95 13.48 -5.79
CA THR A 53 3.72 14.54 -5.17
C THR A 53 2.93 15.83 -4.99
N ASN A 54 2.04 16.15 -5.93
CA ASN A 54 1.22 17.37 -5.93
C ASN A 54 -0.19 17.11 -5.42
N GLY A 55 -0.87 16.07 -5.91
CA GLY A 55 -2.23 15.78 -5.47
C GLY A 55 -3.09 15.04 -6.49
N GLY A 56 -2.49 14.27 -7.40
CA GLY A 56 -3.22 13.53 -8.44
C GLY A 56 -3.98 12.29 -8.01
N CYS A 57 -3.41 11.11 -8.28
CA CYS A 57 -4.06 9.85 -7.99
C CYS A 57 -4.29 9.60 -6.49
N PRO A 58 -5.56 9.40 -6.09
CA PRO A 58 -5.89 9.13 -4.70
C PRO A 58 -5.33 7.77 -4.30
N ILE A 59 -5.31 6.76 -5.18
CA ILE A 59 -4.78 5.43 -4.88
C ILE A 59 -3.32 5.56 -4.45
N CYS A 60 -2.48 6.22 -5.25
CA CYS A 60 -1.07 6.42 -4.98
C CYS A 60 -0.85 7.18 -3.66
N LYS A 61 -1.70 8.18 -3.35
CA LYS A 61 -1.60 8.95 -2.12
C LYS A 61 -2.00 8.11 -0.92
N GLN A 62 -3.09 7.35 -1.00
CA GLN A 62 -3.62 6.48 0.05
C GLN A 62 -2.75 5.25 0.32
N LEU A 63 -1.93 4.83 -0.65
CA LEU A 63 -1.04 3.66 -0.50
C LEU A 63 0.07 3.92 0.54
N ILE A 64 0.41 5.21 0.73
CA ILE A 64 1.43 5.70 1.66
C ILE A 64 1.10 5.34 3.11
N ALA A 65 -0.19 5.29 3.49
CA ALA A 65 -0.63 4.96 4.83
C ALA A 65 -0.18 3.54 5.19
N LEU A 66 -0.30 2.62 4.23
CA LEU A 66 0.06 1.21 4.37
C LEU A 66 1.56 1.06 4.34
N ALA A 67 2.24 1.86 3.51
CA ALA A 67 3.68 1.82 3.41
C ALA A 67 4.29 2.11 4.78
N ALA A 68 3.85 3.21 5.44
CA ALA A 68 4.33 3.59 6.76
C ALA A 68 3.98 2.52 7.79
N TYR A 69 2.75 1.99 7.75
CA TYR A 69 2.30 0.96 8.67
C TYR A 69 3.22 -0.26 8.58
N HIS A 70 3.67 -0.64 7.38
CA HIS A 70 4.56 -1.77 7.21
C HIS A 70 6.01 -1.38 7.49
N ALA A 71 6.45 -0.15 7.20
CA ALA A 71 7.82 0.28 7.42
C ALA A 71 8.24 0.22 8.89
N LYS A 72 7.31 0.28 9.85
CA LYS A 72 7.68 0.19 11.26
C LYS A 72 7.90 -1.28 11.65
N HIS A 73 7.53 -2.22 10.78
CA HIS A 73 7.61 -3.67 10.93
C HIS A 73 8.52 -4.33 9.88
N CYS A 74 9.07 -3.56 8.93
CA CYS A 74 9.94 -3.99 7.84
C CYS A 74 11.12 -3.02 7.84
N GLN A 75 12.25 -3.46 8.37
CA GLN A 75 13.46 -2.67 8.41
C GLN A 75 14.59 -3.64 8.04
N GLU A 76 14.80 -3.76 6.74
CA GLU A 76 15.82 -4.61 6.14
C GLU A 76 16.57 -3.86 5.02
N ASN A 77 17.74 -4.36 4.62
CA ASN A 77 18.57 -3.76 3.56
C ASN A 77 17.80 -3.69 2.25
N LYS A 78 16.99 -4.71 1.95
CA LYS A 78 16.21 -4.81 0.73
C LYS A 78 14.73 -4.98 1.05
N CYS A 79 14.10 -3.91 1.55
CA CYS A 79 12.67 -3.85 1.88
C CYS A 79 11.92 -4.34 0.62
N PRO A 80 11.09 -5.40 0.68
CA PRO A 80 10.39 -5.96 -0.48
C PRO A 80 9.33 -5.09 -1.16
N VAL A 81 8.82 -4.01 -0.54
CA VAL A 81 7.80 -3.17 -1.15
C VAL A 81 8.47 -1.90 -1.71
N PRO A 82 8.10 -1.40 -2.90
CA PRO A 82 8.73 -0.20 -3.45
C PRO A 82 8.49 1.06 -2.61
N PHE A 83 7.35 1.19 -1.93
CA PHE A 83 7.07 2.37 -1.11
C PHE A 83 7.82 2.32 0.22
N CYS A 84 7.96 1.14 0.85
CA CYS A 84 8.67 1.04 2.14
C CYS A 84 10.17 1.28 1.94
N LEU A 85 10.68 0.84 0.79
CA LEU A 85 12.08 1.02 0.43
C LEU A 85 12.36 2.53 0.32
N ASN A 86 11.36 3.32 -0.09
CA ASN A 86 11.47 4.77 -0.19
C ASN A 86 11.50 5.33 1.24
N ILE A 87 10.59 4.89 2.13
CA ILE A 87 10.51 5.34 3.52
C ILE A 87 11.84 5.14 4.23
N LYS A 88 12.53 4.01 4.00
CA LYS A 88 13.82 3.73 4.63
C LYS A 88 14.79 4.89 4.39
N GLN A 89 14.81 5.37 3.14
CA GLN A 89 15.63 6.45 2.62
C GLN A 89 15.10 7.87 2.92
N LYS A 90 14.01 8.00 3.69
CA LYS A 90 13.42 9.29 4.07
C LYS A 90 13.46 9.46 5.57
N GLY A 91 13.06 8.43 6.33
CA GLY A 91 13.03 8.41 7.78
C GLY A 91 12.51 9.71 8.39
N THR A 92 11.19 9.90 8.42
CA THR A 92 10.55 11.09 8.97
C THR A 92 10.51 11.06 10.52
N ILE A 93 11.56 10.49 11.14
CA ILE A 93 11.80 10.35 12.58
C ILE A 93 10.64 9.65 13.30
N GLU A 94 10.02 8.71 12.60
CA GLU A 94 8.90 7.83 12.98
C GLU A 94 7.83 8.58 13.78
N GLY A 95 6.85 9.16 13.07
CA GLY A 95 5.77 9.89 13.71
C GLY A 95 4.74 10.31 12.68
N ARG A 96 4.96 11.46 12.03
CA ARG A 96 4.07 11.99 11.01
C ARG A 96 4.29 11.21 9.73
N GLY A 97 3.75 10.00 9.72
CA GLY A 97 3.80 9.04 8.64
C GLY A 97 2.92 7.88 9.05
N ASN A 98 3.15 7.36 10.27
CA ASN A 98 2.39 6.26 10.84
C ASN A 98 0.96 6.70 11.15
N GLU A 99 0.79 7.97 11.52
CA GLU A 99 -0.49 8.56 11.85
C GLU A 99 -1.19 9.03 10.57
N PHE A 100 -2.01 8.17 9.96
CA PHE A 100 -2.77 8.46 8.74
C PHE A 100 -4.22 8.05 8.93
N LEU A 101 -5.17 8.86 8.44
CA LEU A 101 -6.60 8.59 8.52
C LEU A 101 -7.19 8.75 7.12
N SER A 102 -7.99 7.78 6.67
CA SER A 102 -8.66 7.79 5.37
C SER A 102 -10.14 7.40 5.49
N PRO A 103 -10.98 7.80 4.52
CA PRO A 103 -12.41 7.47 4.49
C PRO A 103 -12.56 6.00 4.07
N GLU A 104 -13.80 5.51 3.94
CA GLU A 104 -14.04 4.11 3.53
C GLU A 104 -13.45 3.84 2.14
N VAL A 105 -13.11 4.87 1.35
CA VAL A 105 -12.51 4.72 0.03
C VAL A 105 -11.25 3.85 0.15
N PHE A 106 -10.57 3.87 1.30
CA PHE A 106 -9.39 3.04 1.51
C PHE A 106 -9.78 1.58 1.26
N GLN A 107 -10.94 1.15 1.73
CA GLN A 107 -11.43 -0.20 1.52
C GLN A 107 -11.97 -0.37 0.10
N HIS A 108 -12.44 0.69 -0.56
CA HIS A 108 -12.93 0.59 -1.94
C HIS A 108 -11.76 0.28 -2.88
N ILE A 109 -10.52 0.64 -2.48
CA ILE A 109 -9.34 0.35 -3.28
C ILE A 109 -9.22 -1.17 -3.44
N TRP A 110 -9.66 -1.97 -2.45
CA TRP A 110 -9.58 -3.42 -2.53
C TRP A 110 -10.75 -4.03 -3.31
N ASP A 111 -11.81 -3.26 -3.58
CA ASP A 111 -12.95 -3.70 -4.36
C ASP A 111 -12.58 -3.65 -5.84
N PHE A 112 -12.07 -2.50 -6.31
CA PHE A 112 -11.72 -2.35 -7.71
C PHE A 112 -10.50 -3.23 -8.06
N LEU A 113 -9.70 -3.65 -7.08
CA LEU A 113 -8.54 -4.50 -7.31
C LEU A 113 -8.97 -5.71 -8.14
N GLU A 114 -10.15 -6.26 -7.86
CA GLU A 114 -10.68 -7.43 -8.54
C GLU A 114 -11.39 -7.13 -9.86
N GLN A 115 -11.77 -5.89 -10.14
CA GLN A 115 -12.44 -5.48 -11.38
C GLN A 115 -11.66 -4.31 -11.99
N PRO A 116 -10.56 -4.60 -12.72
CA PRO A 116 -9.74 -3.56 -13.34
C PRO A 116 -10.51 -2.91 -14.48
N ILE A 117 -10.45 -1.58 -14.57
CA ILE A 117 -11.13 -0.78 -15.59
C ILE A 117 -10.16 0.34 -15.96
N SER A 118 -10.17 0.77 -17.22
CA SER A 118 -9.32 1.85 -17.73
C SER A 118 -10.01 3.21 -17.46
N SER A 119 -10.48 3.38 -16.22
CA SER A 119 -11.16 4.55 -15.71
C SER A 119 -10.73 4.61 -14.25
N VAL A 120 -9.82 5.54 -13.98
CA VAL A 120 -9.11 5.98 -12.80
C VAL A 120 -7.84 6.74 -13.25
N GLN A 121 -7.99 7.64 -14.22
CA GLN A 121 -6.94 8.47 -14.76
C GLN A 121 -7.40 9.93 -14.62
N PRO A 122 -7.33 10.48 -13.40
CA PRO A 122 -7.73 11.84 -13.17
C PRO A 122 -6.77 12.83 -13.84
N ILE A 123 -7.18 14.08 -13.88
CA ILE A 123 -6.55 15.26 -14.41
C ILE A 123 -6.46 16.20 -13.20
N ASP A 124 -5.48 17.09 -13.17
CA ASP A 124 -5.22 18.06 -12.11
C ASP A 124 -4.97 19.40 -12.77
N ALA A 1 -4.69 -9.14 26.38
CA ALA A 1 -3.32 -8.82 26.84
C ALA A 1 -2.94 -7.37 26.46
N THR A 2 -1.98 -7.13 25.56
CA THR A 2 -1.50 -5.79 25.14
C THR A 2 -2.64 -4.81 24.79
N GLN A 3 -3.76 -5.29 24.25
CA GLN A 3 -4.94 -4.52 23.87
C GLN A 3 -4.57 -3.19 23.19
N SER A 4 -3.89 -3.27 22.05
CA SER A 4 -3.45 -2.11 21.29
C SER A 4 -4.67 -1.29 20.86
N PRO A 5 -4.66 0.05 20.98
CA PRO A 5 -5.79 0.87 20.56
C PRO A 5 -5.99 0.82 19.04
N GLY A 6 -4.93 0.48 18.30
CA GLY A 6 -4.94 0.38 16.85
C GLY A 6 -4.90 -1.08 16.39
N ASP A 7 -5.29 -2.05 17.21
CA ASP A 7 -5.28 -3.48 16.85
C ASP A 7 -6.09 -3.74 15.58
N SER A 8 -7.25 -3.10 15.53
CA SER A 8 -8.22 -3.16 14.46
C SER A 8 -7.62 -2.56 13.20
N ARG A 9 -6.82 -1.49 13.32
CA ARG A 9 -6.19 -0.87 12.17
C ARG A 9 -5.09 -1.82 11.68
N ARG A 10 -4.18 -2.28 12.54
CA ARG A 10 -3.10 -3.17 12.12
C ARG A 10 -3.60 -4.43 11.42
N LEU A 11 -4.67 -5.08 11.90
CA LEU A 11 -5.16 -6.29 11.25
C LEU A 11 -5.85 -5.99 9.93
N SER A 12 -6.67 -4.93 9.89
CA SER A 12 -7.40 -4.55 8.68
C SER A 12 -6.41 -4.13 7.58
N ILE A 13 -5.38 -3.37 7.96
CA ILE A 13 -4.34 -2.89 7.06
C ILE A 13 -3.57 -4.11 6.56
N GLN A 14 -3.12 -5.00 7.47
CA GLN A 14 -2.38 -6.20 7.08
C GLN A 14 -3.14 -7.03 6.06
N ARG A 15 -4.47 -7.07 6.11
CA ARG A 15 -5.26 -7.85 5.15
C ARG A 15 -4.89 -7.43 3.72
N ALA A 16 -4.80 -6.12 3.46
CA ALA A 16 -4.42 -5.60 2.15
C ALA A 16 -2.92 -5.77 1.92
N ILE A 17 -2.09 -5.36 2.89
CA ILE A 17 -0.62 -5.44 2.79
C ILE A 17 -0.11 -6.84 2.47
N GLN A 18 -0.75 -7.89 3.00
CA GLN A 18 -0.38 -9.28 2.76
C GLN A 18 -0.46 -9.59 1.25
N SER A 19 -1.38 -8.94 0.53
CA SER A 19 -1.56 -9.11 -0.90
C SER A 19 -0.60 -8.20 -1.69
N LEU A 20 -0.40 -6.97 -1.22
CA LEU A 20 0.46 -5.95 -1.83
C LEU A 20 1.92 -6.36 -1.82
N VAL A 21 2.45 -6.72 -0.65
CA VAL A 21 3.85 -7.13 -0.48
C VAL A 21 4.14 -8.30 -1.40
N HIS A 22 3.30 -9.33 -1.36
CA HIS A 22 3.47 -10.50 -2.19
C HIS A 22 3.56 -10.12 -3.67
N ALA A 23 2.61 -9.32 -4.16
CA ALA A 23 2.60 -8.90 -5.55
C ALA A 23 3.81 -8.06 -5.94
N ALA A 24 4.41 -7.32 -4.99
CA ALA A 24 5.58 -6.50 -5.26
C ALA A 24 6.78 -7.40 -5.56
N GLN A 25 7.02 -8.41 -4.72
CA GLN A 25 8.12 -9.37 -4.84
C GLN A 25 7.80 -10.57 -5.74
N CYS A 26 6.62 -10.59 -6.38
CA CYS A 26 6.19 -11.66 -7.26
C CYS A 26 6.93 -11.59 -8.59
N ARG A 27 8.10 -12.22 -8.62
CA ARG A 27 8.95 -12.31 -9.80
C ARG A 27 9.61 -13.68 -9.76
N ASN A 28 8.93 -14.71 -10.24
CA ASN A 28 9.36 -16.10 -10.29
C ASN A 28 8.27 -16.91 -11.01
N ALA A 29 8.63 -17.96 -11.74
CA ALA A 29 7.64 -18.79 -12.43
C ALA A 29 6.85 -19.65 -11.44
N ASN A 30 7.42 -19.93 -10.27
CA ASN A 30 6.81 -20.74 -9.21
C ASN A 30 5.75 -19.96 -8.42
N CYS A 31 5.74 -18.63 -8.55
CA CYS A 31 4.80 -17.77 -7.84
C CYS A 31 3.43 -17.80 -8.53
N SER A 32 2.43 -18.35 -7.86
CA SER A 32 1.06 -18.44 -8.35
C SER A 32 0.08 -18.17 -7.22
N LEU A 33 -0.37 -16.92 -7.06
CA LEU A 33 -1.35 -16.56 -6.03
C LEU A 33 -2.60 -16.03 -6.73
N PRO A 34 -3.81 -16.45 -6.32
CA PRO A 34 -5.03 -16.00 -6.96
C PRO A 34 -5.25 -14.48 -6.84
N SER A 35 -4.78 -13.83 -5.78
CA SER A 35 -4.93 -12.38 -5.61
C SER A 35 -3.75 -11.61 -6.22
N CYS A 36 -2.57 -12.23 -6.36
CA CYS A 36 -1.38 -11.63 -6.93
C CYS A 36 -1.64 -11.09 -8.33
N GLN A 37 -2.19 -11.94 -9.20
CA GLN A 37 -2.51 -11.58 -10.58
C GLN A 37 -3.38 -10.33 -10.66
N LYS A 38 -4.33 -10.17 -9.73
CA LYS A 38 -5.22 -9.00 -9.69
C LYS A 38 -4.42 -7.78 -9.23
N MET A 39 -3.65 -7.94 -8.13
CA MET A 39 -2.83 -6.86 -7.56
C MET A 39 -1.84 -6.30 -8.57
N LYS A 40 -1.33 -7.12 -9.50
CA LYS A 40 -0.39 -6.70 -10.53
C LYS A 40 -0.95 -5.51 -11.32
N ARG A 41 -2.26 -5.51 -11.58
CA ARG A 41 -2.92 -4.43 -12.31
C ARG A 41 -2.73 -3.10 -11.57
N VAL A 42 -2.82 -3.12 -10.24
CA VAL A 42 -2.66 -1.96 -9.39
C VAL A 42 -1.17 -1.57 -9.33
N VAL A 43 -0.24 -2.53 -9.32
CA VAL A 43 1.20 -2.28 -9.30
C VAL A 43 1.59 -1.49 -10.56
N GLN A 44 0.86 -1.66 -11.66
CA GLN A 44 1.12 -0.95 -12.90
C GLN A 44 0.65 0.51 -12.79
N HIS A 45 -0.44 0.83 -12.07
CA HIS A 45 -0.91 2.21 -11.95
C HIS A 45 0.17 3.06 -11.27
N THR A 46 0.65 2.63 -10.10
CA THR A 46 1.66 3.39 -9.38
C THR A 46 2.97 3.51 -10.19
N LYS A 47 3.27 2.55 -11.08
CA LYS A 47 4.49 2.53 -11.88
C LYS A 47 4.68 3.82 -12.69
N GLY A 48 3.59 4.42 -13.19
CA GLY A 48 3.66 5.65 -13.96
C GLY A 48 3.09 6.85 -13.21
N CYS A 49 2.20 6.62 -12.24
CA CYS A 49 1.58 7.67 -11.46
C CYS A 49 2.59 8.46 -10.63
N LYS A 50 2.94 9.66 -11.08
CA LYS A 50 3.86 10.56 -10.37
C LYS A 50 3.06 11.68 -9.70
N ARG A 51 1.77 11.83 -10.06
CA ARG A 51 0.86 12.83 -9.48
C ARG A 51 0.69 12.61 -7.96
N LYS A 52 1.13 11.46 -7.44
CA LYS A 52 1.07 11.12 -6.03
C LYS A 52 1.75 12.19 -5.16
N THR A 53 2.77 12.88 -5.68
CA THR A 53 3.49 13.91 -4.95
C THR A 53 2.52 15.00 -4.46
N ASN A 54 1.45 15.32 -5.21
CA ASN A 54 0.44 16.32 -4.83
C ASN A 54 -0.79 15.65 -4.23
N GLY A 55 -0.75 14.35 -3.96
CA GLY A 55 -1.87 13.59 -3.42
C GLY A 55 -2.99 13.62 -4.44
N GLY A 56 -2.68 13.25 -5.69
CA GLY A 56 -3.58 13.22 -6.82
C GLY A 56 -4.63 12.13 -6.66
N CYS A 57 -4.45 11.01 -7.34
CA CYS A 57 -5.41 9.91 -7.29
C CYS A 57 -5.48 9.24 -5.89
N PRO A 58 -6.55 8.47 -5.62
CA PRO A 58 -6.76 7.79 -4.34
C PRO A 58 -5.88 6.56 -4.08
N ILE A 59 -5.62 5.72 -5.09
CA ILE A 59 -4.83 4.48 -4.93
C ILE A 59 -3.46 4.82 -4.36
N CYS A 60 -2.68 5.62 -5.09
CA CYS A 60 -1.35 6.03 -4.66
C CYS A 60 -1.36 6.72 -3.29
N LYS A 61 -2.37 7.54 -3.01
CA LYS A 61 -2.52 8.22 -1.72
C LYS A 61 -2.49 7.15 -0.63
N GLN A 62 -3.27 6.07 -0.78
CA GLN A 62 -3.31 5.00 0.20
C GLN A 62 -2.00 4.19 0.20
N LEU A 63 -1.35 3.98 -0.96
CA LEU A 63 -0.09 3.24 -0.99
C LEU A 63 0.94 3.95 -0.11
N ILE A 64 0.95 5.29 -0.11
CA ILE A 64 1.86 6.10 0.70
C ILE A 64 1.56 5.82 2.18
N ALA A 65 0.27 5.90 2.56
CA ALA A 65 -0.18 5.66 3.91
C ALA A 65 0.28 4.29 4.41
N LEU A 66 -0.01 3.25 3.63
CA LEU A 66 0.33 1.88 3.95
C LEU A 66 1.84 1.61 3.95
N ALA A 67 2.63 2.35 3.16
CA ALA A 67 4.08 2.17 3.11
C ALA A 67 4.70 2.46 4.48
N ALA A 68 4.39 3.60 5.07
CA ALA A 68 4.91 4.01 6.38
C ALA A 68 4.54 2.97 7.45
N TYR A 69 3.31 2.47 7.39
CA TYR A 69 2.81 1.48 8.33
C TYR A 69 3.62 0.19 8.17
N HIS A 70 3.77 -0.34 6.95
CA HIS A 70 4.51 -1.58 6.71
C HIS A 70 5.97 -1.42 7.12
N ALA A 71 6.59 -0.25 6.94
CA ALA A 71 7.98 -0.01 7.31
C ALA A 71 8.28 -0.33 8.77
N LYS A 72 7.32 -0.14 9.69
CA LYS A 72 7.61 -0.46 11.09
C LYS A 72 7.83 -1.97 11.29
N HIS A 73 7.34 -2.82 10.38
CA HIS A 73 7.47 -4.27 10.45
C HIS A 73 8.32 -4.83 9.30
N CYS A 74 8.91 -3.96 8.48
CA CYS A 74 9.76 -4.31 7.36
C CYS A 74 11.06 -3.55 7.57
N GLN A 75 12.06 -4.26 8.07
CA GLN A 75 13.35 -3.69 8.35
C GLN A 75 14.42 -4.62 7.83
N GLU A 76 14.76 -4.47 6.55
CA GLU A 76 15.80 -5.26 5.90
C GLU A 76 16.67 -4.31 5.10
N ASN A 77 17.88 -4.74 4.72
CA ASN A 77 18.79 -3.92 3.93
C ASN A 77 18.22 -3.61 2.54
N LYS A 78 17.36 -4.49 2.02
CA LYS A 78 16.73 -4.44 0.72
C LYS A 78 15.21 -4.67 0.85
N CYS A 79 14.49 -3.66 1.34
CA CYS A 79 13.03 -3.70 1.51
C CYS A 79 12.35 -4.15 0.19
N PRO A 80 11.34 -5.04 0.26
CA PRO A 80 10.63 -5.58 -0.89
C PRO A 80 9.69 -4.59 -1.59
N VAL A 81 8.87 -3.84 -0.86
CA VAL A 81 7.94 -2.90 -1.49
C VAL A 81 8.77 -1.69 -1.96
N PRO A 82 8.57 -1.20 -3.20
CA PRO A 82 9.35 -0.05 -3.69
C PRO A 82 9.11 1.23 -2.89
N PHE A 83 7.93 1.38 -2.27
CA PHE A 83 7.58 2.55 -1.49
C PHE A 83 8.22 2.48 -0.10
N CYS A 84 8.16 1.33 0.59
CA CYS A 84 8.72 1.20 1.94
C CYS A 84 10.22 1.43 2.00
N LEU A 85 10.91 1.09 0.90
CA LEU A 85 12.34 1.27 0.78
C LEU A 85 12.69 2.75 0.99
N ASN A 86 11.77 3.65 0.64
CA ASN A 86 11.99 5.08 0.81
C ASN A 86 11.97 5.40 2.31
N ILE A 87 10.98 4.90 3.07
CA ILE A 87 10.92 5.14 4.51
C ILE A 87 12.17 4.59 5.18
N LYS A 88 12.74 3.46 4.72
CA LYS A 88 13.96 2.89 5.31
C LYS A 88 15.05 3.95 5.37
N GLN A 89 15.27 4.67 4.27
CA GLN A 89 16.28 5.71 4.16
C GLN A 89 16.04 6.90 5.10
N LYS A 90 14.84 7.04 5.68
CA LYS A 90 14.47 8.14 6.57
C LYS A 90 14.08 7.70 7.98
N GLY A 91 14.01 6.40 8.26
CA GLY A 91 13.64 5.82 9.55
C GLY A 91 14.61 6.13 10.70
N THR A 92 15.65 6.92 10.43
CA THR A 92 16.66 7.32 11.37
C THR A 92 16.06 8.28 12.41
N ILE A 93 15.00 9.03 12.06
CA ILE A 93 14.33 9.97 12.96
C ILE A 93 12.84 9.68 13.12
N GLU A 94 12.23 8.99 12.16
CA GLU A 94 10.81 8.63 12.20
C GLU A 94 10.69 7.12 12.36
N GLY A 95 9.55 6.66 12.88
CA GLY A 95 9.32 5.24 13.07
C GLY A 95 7.86 4.91 12.83
N ARG A 96 7.12 4.72 13.92
CA ARG A 96 5.70 4.35 13.98
C ARG A 96 4.71 5.40 13.43
N GLY A 97 5.16 6.33 12.59
CA GLY A 97 4.34 7.37 11.98
C GLY A 97 3.23 6.73 11.16
N ASN A 98 1.97 7.02 11.51
CA ASN A 98 0.76 6.53 10.86
C ASN A 98 -0.32 7.60 10.74
N GLU A 99 0.09 8.88 10.77
CA GLU A 99 -0.80 10.01 10.67
C GLU A 99 -1.35 10.16 9.25
N PHE A 100 -2.35 9.36 8.94
CA PHE A 100 -3.02 9.36 7.66
C PHE A 100 -4.41 8.80 7.91
N LEU A 101 -5.39 9.69 8.00
CA LEU A 101 -6.78 9.32 8.19
C LEU A 101 -7.31 9.09 6.79
N SER A 102 -7.91 7.94 6.52
CA SER A 102 -8.43 7.63 5.20
C SER A 102 -9.94 7.38 5.23
N PRO A 103 -10.69 7.92 4.26
CA PRO A 103 -12.14 7.74 4.16
C PRO A 103 -12.45 6.30 3.73
N GLU A 104 -13.71 6.05 3.39
CA GLU A 104 -14.19 4.75 2.93
C GLU A 104 -13.48 4.33 1.64
N VAL A 105 -12.94 5.28 0.88
CA VAL A 105 -12.21 5.09 -0.37
C VAL A 105 -11.10 4.05 -0.21
N PHE A 106 -10.55 3.90 1.00
CA PHE A 106 -9.52 2.92 1.29
C PHE A 106 -9.99 1.55 0.80
N GLN A 107 -11.22 1.17 1.14
CA GLN A 107 -11.83 -0.09 0.74
C GLN A 107 -12.31 -0.04 -0.71
N HIS A 108 -12.72 1.13 -1.23
CA HIS A 108 -13.18 1.26 -2.61
C HIS A 108 -12.02 0.88 -3.56
N ILE A 109 -10.77 1.09 -3.16
CA ILE A 109 -9.62 0.74 -3.95
C ILE A 109 -9.56 -0.79 -4.04
N TRP A 110 -9.71 -1.48 -2.92
CA TRP A 110 -9.65 -2.94 -2.91
C TRP A 110 -10.85 -3.54 -3.68
N ASP A 111 -11.97 -2.83 -3.77
CA ASP A 111 -13.15 -3.26 -4.50
C ASP A 111 -12.86 -3.39 -6.00
N PHE A 112 -12.16 -2.40 -6.58
CA PHE A 112 -11.82 -2.46 -8.01
C PHE A 112 -10.58 -3.33 -8.25
N LEU A 113 -9.76 -3.63 -7.24
CA LEU A 113 -8.56 -4.48 -7.43
C LEU A 113 -8.92 -5.78 -8.14
N GLU A 114 -10.09 -6.34 -7.83
CA GLU A 114 -10.61 -7.58 -8.40
C GLU A 114 -11.58 -7.35 -9.57
N GLN A 115 -11.97 -6.09 -9.83
CA GLN A 115 -12.86 -5.66 -10.90
C GLN A 115 -12.21 -4.43 -11.56
N PRO A 116 -11.19 -4.63 -12.38
CA PRO A 116 -10.54 -3.53 -13.07
C PRO A 116 -11.49 -3.05 -14.19
N ILE A 117 -10.99 -2.19 -15.07
CA ILE A 117 -11.71 -1.64 -16.21
C ILE A 117 -12.78 -0.64 -15.78
N SER A 118 -12.32 0.53 -15.34
CA SER A 118 -13.16 1.65 -14.95
C SER A 118 -12.29 2.90 -15.07
N SER A 119 -12.94 4.06 -15.17
CA SER A 119 -12.29 5.35 -15.28
C SER A 119 -11.66 5.80 -13.94
N VAL A 120 -10.73 5.02 -13.37
CA VAL A 120 -10.03 5.35 -12.12
C VAL A 120 -8.88 6.32 -12.47
N GLN A 121 -9.28 7.44 -13.04
CA GLN A 121 -8.49 8.58 -13.47
C GLN A 121 -9.30 9.79 -13.00
N PRO A 122 -9.48 9.99 -11.69
CA PRO A 122 -10.25 11.13 -11.22
C PRO A 122 -9.50 12.43 -11.53
N ILE A 123 -10.20 13.54 -11.47
CA ILE A 123 -9.67 14.87 -11.71
C ILE A 123 -9.98 15.73 -10.49
N ASP A 124 -9.24 16.84 -10.34
CA ASP A 124 -9.38 17.81 -9.26
C ASP A 124 -9.35 17.16 -7.88
N ALA A 1 0.08 4.87 16.33
CA ALA A 1 -0.33 5.32 17.67
C ALA A 1 0.26 4.37 18.71
N THR A 2 -0.25 4.40 19.94
CA THR A 2 0.20 3.55 21.03
C THR A 2 -1.02 2.98 21.75
N GLN A 3 -1.53 3.68 22.76
CA GLN A 3 -2.67 3.35 23.60
C GLN A 3 -4.01 3.10 22.87
N SER A 4 -4.13 3.54 21.63
CA SER A 4 -5.35 3.41 20.83
C SER A 4 -5.65 1.91 20.60
N PRO A 5 -6.93 1.51 20.50
CA PRO A 5 -7.36 0.12 20.29
C PRO A 5 -7.20 -0.29 18.83
N GLY A 6 -6.02 -0.07 18.23
CA GLY A 6 -5.67 -0.38 16.85
C GLY A 6 -5.58 -1.85 16.50
N ASP A 7 -6.24 -2.73 17.26
CA ASP A 7 -6.26 -4.17 17.04
C ASP A 7 -7.08 -4.48 15.79
N SER A 8 -8.24 -3.85 15.64
CA SER A 8 -9.10 -4.04 14.48
C SER A 8 -8.31 -3.61 13.24
N ARG A 9 -7.58 -2.49 13.36
CA ARG A 9 -6.78 -1.97 12.28
C ARG A 9 -5.62 -2.89 11.93
N ARG A 10 -4.78 -3.29 12.90
CA ARG A 10 -3.64 -4.15 12.63
C ARG A 10 -4.05 -5.42 11.87
N LEU A 11 -5.01 -6.17 12.38
CA LEU A 11 -5.43 -7.41 11.73
C LEU A 11 -6.10 -7.20 10.39
N SER A 12 -6.85 -6.10 10.23
CA SER A 12 -7.53 -5.81 8.98
C SER A 12 -6.52 -5.42 7.90
N ILE A 13 -5.63 -4.46 8.21
CA ILE A 13 -4.59 -3.94 7.34
C ILE A 13 -3.70 -5.08 6.83
N GLN A 14 -3.27 -6.00 7.71
CA GLN A 14 -2.44 -7.13 7.33
C GLN A 14 -3.05 -7.94 6.17
N ARG A 15 -4.38 -8.03 6.03
CA ARG A 15 -5.01 -8.78 4.93
C ARG A 15 -4.58 -8.18 3.59
N ALA A 16 -4.60 -6.85 3.48
CA ALA A 16 -4.21 -6.14 2.27
C ALA A 16 -2.70 -6.24 2.07
N ILE A 17 -1.93 -6.19 3.16
CA ILE A 17 -0.48 -6.25 3.09
C ILE A 17 0.01 -7.62 2.61
N GLN A 18 -0.62 -8.73 3.02
CA GLN A 18 -0.20 -10.06 2.56
C GLN A 18 -0.25 -10.18 1.04
N SER A 19 -1.24 -9.54 0.40
CA SER A 19 -1.42 -9.56 -1.04
C SER A 19 -0.54 -8.50 -1.71
N LEU A 20 -0.37 -7.33 -1.08
CA LEU A 20 0.43 -6.21 -1.59
C LEU A 20 1.91 -6.57 -1.64
N VAL A 21 2.47 -7.10 -0.54
CA VAL A 21 3.86 -7.50 -0.44
C VAL A 21 4.12 -8.57 -1.51
N HIS A 22 3.27 -9.59 -1.54
CA HIS A 22 3.35 -10.71 -2.46
C HIS A 22 3.40 -10.21 -3.91
N ALA A 23 2.50 -9.31 -4.29
CA ALA A 23 2.45 -8.76 -5.64
C ALA A 23 3.75 -8.08 -6.08
N ALA A 24 4.57 -7.61 -5.13
CA ALA A 24 5.84 -6.97 -5.46
C ALA A 24 6.94 -8.03 -5.55
N GLN A 25 7.01 -8.95 -4.59
CA GLN A 25 8.06 -9.99 -4.58
C GLN A 25 7.87 -11.07 -5.66
N CYS A 26 6.67 -11.18 -6.23
CA CYS A 26 6.29 -12.15 -7.24
C CYS A 26 7.08 -11.98 -8.54
N ARG A 27 8.25 -12.61 -8.65
CA ARG A 27 9.04 -12.61 -9.86
C ARG A 27 9.68 -13.98 -9.94
N ASN A 28 8.96 -14.96 -10.44
CA ASN A 28 9.43 -16.34 -10.61
C ASN A 28 8.33 -17.15 -11.28
N ALA A 29 8.68 -18.14 -12.10
CA ALA A 29 7.69 -18.97 -12.79
C ALA A 29 6.85 -19.82 -11.85
N ASN A 30 7.41 -20.19 -10.69
CA ASN A 30 6.75 -21.02 -9.69
C ASN A 30 5.71 -20.24 -8.85
N CYS A 31 5.76 -18.90 -8.86
CA CYS A 31 4.82 -18.09 -8.11
C CYS A 31 3.55 -18.00 -8.96
N SER A 32 2.46 -18.56 -8.46
CA SER A 32 1.17 -18.56 -9.15
C SER A 32 0.06 -18.30 -8.14
N LEU A 33 -0.36 -17.04 -7.93
CA LEU A 33 -1.43 -16.70 -6.99
C LEU A 33 -2.55 -15.96 -7.74
N PRO A 34 -3.83 -16.18 -7.38
CA PRO A 34 -4.96 -15.51 -8.03
C PRO A 34 -5.05 -14.04 -7.63
N SER A 35 -4.74 -13.72 -6.36
CA SER A 35 -4.78 -12.35 -5.89
C SER A 35 -3.57 -11.56 -6.39
N CYS A 36 -2.40 -12.22 -6.57
CA CYS A 36 -1.16 -11.63 -7.02
C CYS A 36 -1.32 -10.86 -8.34
N GLN A 37 -1.74 -11.58 -9.38
CA GLN A 37 -1.95 -11.07 -10.71
C GLN A 37 -2.92 -9.87 -10.70
N LYS A 38 -4.00 -9.95 -9.91
CA LYS A 38 -4.95 -8.86 -9.82
C LYS A 38 -4.30 -7.68 -9.11
N MET A 39 -3.59 -7.90 -7.99
CA MET A 39 -2.91 -6.83 -7.24
C MET A 39 -1.85 -6.17 -8.11
N LYS A 40 -1.21 -6.94 -9.01
CA LYS A 40 -0.17 -6.45 -9.92
C LYS A 40 -0.69 -5.22 -10.66
N ARG A 41 -1.97 -5.14 -11.01
CA ARG A 41 -2.55 -3.99 -11.71
C ARG A 41 -2.42 -2.74 -10.84
N VAL A 42 -2.76 -2.82 -9.56
CA VAL A 42 -2.68 -1.71 -8.62
C VAL A 42 -1.20 -1.30 -8.51
N VAL A 43 -0.27 -2.25 -8.47
CA VAL A 43 1.15 -1.93 -8.38
C VAL A 43 1.60 -1.23 -9.67
N GLN A 44 0.99 -1.56 -10.81
CA GLN A 44 1.30 -0.96 -12.11
C GLN A 44 0.70 0.46 -12.19
N HIS A 45 -0.37 0.78 -11.45
CA HIS A 45 -0.98 2.10 -11.49
C HIS A 45 0.00 3.13 -10.98
N THR A 46 0.59 2.95 -9.78
CA THR A 46 1.53 3.93 -9.24
C THR A 46 2.72 4.19 -10.18
N LYS A 47 3.15 3.17 -10.94
CA LYS A 47 4.26 3.31 -11.88
C LYS A 47 3.96 4.35 -12.96
N GLY A 48 2.71 4.42 -13.44
CA GLY A 48 2.29 5.35 -14.48
C GLY A 48 1.60 6.60 -13.91
N CYS A 49 1.08 6.53 -12.69
CA CYS A 49 0.41 7.63 -12.03
C CYS A 49 1.47 8.58 -11.47
N LYS A 50 1.91 9.51 -12.32
CA LYS A 50 2.91 10.51 -11.94
C LYS A 50 2.23 11.73 -11.34
N ARG A 51 0.92 11.69 -11.05
CA ARG A 51 0.18 12.80 -10.44
C ARG A 51 0.86 13.26 -9.15
N LYS A 52 1.49 12.31 -8.43
CA LYS A 52 2.21 12.54 -7.18
C LYS A 52 3.29 13.60 -7.25
N THR A 53 3.86 13.92 -8.41
CA THR A 53 4.88 14.95 -8.51
C THR A 53 4.25 16.30 -8.11
N ASN A 54 3.21 16.72 -8.83
CA ASN A 54 2.52 17.98 -8.61
C ASN A 54 1.45 17.94 -7.51
N GLY A 55 0.57 16.95 -7.54
CA GLY A 55 -0.52 16.80 -6.58
C GLY A 55 -0.44 15.47 -5.87
N GLY A 56 -1.17 14.47 -6.35
CA GLY A 56 -1.20 13.15 -5.75
C GLY A 56 -2.42 12.34 -6.13
N CYS A 57 -2.18 11.13 -6.63
CA CYS A 57 -3.21 10.20 -7.04
C CYS A 57 -3.96 9.71 -5.78
N PRO A 58 -5.24 9.31 -5.88
CA PRO A 58 -6.03 8.82 -4.76
C PRO A 58 -5.54 7.45 -4.28
N ILE A 59 -5.49 6.45 -5.18
CA ILE A 59 -5.05 5.09 -4.84
C ILE A 59 -3.65 5.19 -4.22
N CYS A 60 -2.74 5.89 -4.89
CA CYS A 60 -1.38 6.07 -4.45
C CYS A 60 -1.27 6.77 -3.09
N LYS A 61 -2.15 7.73 -2.76
CA LYS A 61 -2.12 8.42 -1.47
C LYS A 61 -2.46 7.43 -0.37
N GLN A 62 -3.56 6.69 -0.51
CA GLN A 62 -3.99 5.71 0.49
C GLN A 62 -2.96 4.59 0.67
N LEU A 63 -2.10 4.33 -0.32
CA LEU A 63 -1.07 3.29 -0.25
C LEU A 63 0.02 3.62 0.77
N ILE A 64 0.34 4.90 0.94
CA ILE A 64 1.36 5.41 1.85
C ILE A 64 1.03 4.97 3.29
N ALA A 65 -0.27 4.89 3.63
CA ALA A 65 -0.73 4.48 4.95
C ALA A 65 -0.25 3.07 5.32
N LEU A 66 -0.39 2.14 4.37
CA LEU A 66 -0.03 0.73 4.52
C LEU A 66 1.47 0.53 4.47
N ALA A 67 2.16 1.28 3.61
CA ALA A 67 3.61 1.17 3.48
C ALA A 67 4.27 1.48 4.82
N ALA A 68 3.86 2.58 5.45
CA ALA A 68 4.39 3.01 6.74
C ALA A 68 4.05 2.03 7.84
N TYR A 69 2.79 1.57 7.88
CA TYR A 69 2.33 0.61 8.87
C TYR A 69 3.23 -0.64 8.80
N HIS A 70 3.59 -1.10 7.60
CA HIS A 70 4.44 -2.27 7.43
C HIS A 70 5.88 -1.90 7.77
N ALA A 71 6.36 -0.67 7.45
CA ALA A 71 7.71 -0.24 7.75
C ALA A 71 7.99 -0.27 9.25
N LYS A 72 6.96 -0.13 10.09
CA LYS A 72 7.11 -0.18 11.54
C LYS A 72 7.61 -1.57 12.00
N HIS A 73 7.58 -2.56 11.10
CA HIS A 73 8.02 -3.94 11.31
C HIS A 73 9.14 -4.26 10.32
N CYS A 74 9.00 -3.87 9.05
CA CYS A 74 9.91 -4.10 7.96
C CYS A 74 11.08 -3.11 7.95
N GLN A 75 12.25 -3.59 8.37
CA GLN A 75 13.49 -2.84 8.41
C GLN A 75 14.56 -3.80 7.86
N GLU A 76 14.74 -3.82 6.53
CA GLU A 76 15.71 -4.72 5.92
C GLU A 76 16.59 -3.95 4.94
N ASN A 77 17.62 -4.61 4.42
CA ASN A 77 18.57 -4.06 3.46
C ASN A 77 17.84 -3.67 2.18
N LYS A 78 16.93 -4.52 1.67
CA LYS A 78 16.15 -4.26 0.46
C LYS A 78 14.67 -4.52 0.72
N CYS A 79 13.96 -3.55 1.29
CA CYS A 79 12.53 -3.66 1.59
C CYS A 79 11.75 -4.11 0.33
N PRO A 80 10.75 -5.01 0.48
CA PRO A 80 9.97 -5.52 -0.63
C PRO A 80 8.94 -4.55 -1.20
N VAL A 81 8.13 -3.88 -0.36
CA VAL A 81 7.12 -2.94 -0.83
C VAL A 81 7.89 -1.74 -1.42
N PRO A 82 7.56 -1.28 -2.64
CA PRO A 82 8.26 -0.16 -3.25
C PRO A 82 8.11 1.16 -2.48
N PHE A 83 7.05 1.29 -1.68
CA PHE A 83 6.78 2.47 -0.89
C PHE A 83 7.48 2.44 0.46
N CYS A 84 7.58 1.30 1.17
CA CYS A 84 8.25 1.26 2.47
C CYS A 84 9.75 1.51 2.30
N LEU A 85 10.27 1.11 1.14
CA LEU A 85 11.65 1.28 0.76
C LEU A 85 11.97 2.79 0.76
N ASN A 86 10.99 3.62 0.41
CA ASN A 86 11.12 5.07 0.40
C ASN A 86 11.02 5.62 1.83
N ILE A 87 10.25 4.99 2.72
CA ILE A 87 10.06 5.40 4.11
C ILE A 87 11.35 5.32 4.91
N LYS A 88 12.24 4.35 4.65
CA LYS A 88 13.51 4.27 5.40
C LYS A 88 14.32 5.57 5.29
N GLN A 89 14.20 6.27 4.18
CA GLN A 89 14.90 7.53 3.92
C GLN A 89 14.46 8.61 4.93
N LYS A 90 13.29 8.44 5.58
CA LYS A 90 12.70 9.32 6.57
C LYS A 90 12.74 8.71 7.98
N GLY A 91 13.22 7.47 8.15
CA GLY A 91 13.30 6.79 9.43
C GLY A 91 11.92 6.52 9.99
N THR A 92 11.63 7.08 11.18
CA THR A 92 10.40 6.97 11.94
C THR A 92 9.94 5.51 12.17
N ILE A 93 10.88 4.55 12.20
CA ILE A 93 10.59 3.15 12.44
C ILE A 93 9.96 3.00 13.83
N GLU A 94 10.34 3.86 14.78
CA GLU A 94 9.86 3.88 16.15
C GLU A 94 9.35 5.29 16.49
N GLY A 95 8.08 5.57 16.19
CA GLY A 95 7.45 6.84 16.47
C GLY A 95 6.10 6.94 15.76
N ARG A 96 6.06 7.72 14.68
CA ARG A 96 4.85 7.96 13.89
C ARG A 96 4.75 7.11 12.63
N GLY A 97 5.37 5.93 12.63
CA GLY A 97 5.34 5.00 11.50
C GLY A 97 3.91 4.53 11.20
N ASN A 98 2.98 4.71 12.14
CA ASN A 98 1.58 4.36 12.00
C ASN A 98 0.80 5.58 12.45
N GLU A 99 0.76 6.59 11.60
CA GLU A 99 0.07 7.85 11.84
C GLU A 99 -0.60 8.33 10.55
N PHE A 100 -1.49 7.52 9.97
CA PHE A 100 -2.20 7.89 8.75
C PHE A 100 -3.63 7.43 8.85
N LEU A 101 -4.56 8.39 8.86
CA LEU A 101 -5.98 8.12 8.94
C LEU A 101 -6.52 8.37 7.53
N SER A 102 -7.39 7.50 7.05
CA SER A 102 -8.00 7.57 5.72
C SER A 102 -9.51 7.29 5.77
N PRO A 103 -10.29 7.77 4.79
CA PRO A 103 -11.74 7.51 4.73
C PRO A 103 -11.97 6.06 4.26
N GLU A 104 -13.23 5.66 4.04
CA GLU A 104 -13.55 4.31 3.56
C GLU A 104 -12.94 4.05 2.17
N VAL A 105 -12.46 5.10 1.48
CA VAL A 105 -11.83 5.00 0.17
C VAL A 105 -10.65 4.02 0.24
N PHE A 106 -10.07 3.79 1.43
CA PHE A 106 -8.98 2.84 1.63
C PHE A 106 -9.42 1.44 1.21
N GLN A 107 -10.67 1.07 1.50
CA GLN A 107 -11.23 -0.23 1.15
C GLN A 107 -11.56 -0.28 -0.34
N HIS A 108 -11.87 0.88 -0.94
CA HIS A 108 -12.23 0.98 -2.35
C HIS A 108 -11.09 0.50 -3.25
N ILE A 109 -9.82 0.63 -2.82
CA ILE A 109 -8.69 0.16 -3.62
C ILE A 109 -8.82 -1.36 -3.76
N TRP A 110 -9.29 -2.06 -2.73
CA TRP A 110 -9.45 -3.50 -2.79
C TRP A 110 -10.75 -3.90 -3.48
N ASP A 111 -11.75 -3.01 -3.51
CA ASP A 111 -13.02 -3.27 -4.15
C ASP A 111 -12.84 -3.23 -5.66
N PHE A 112 -12.25 -2.14 -6.17
CA PHE A 112 -12.01 -1.97 -7.61
C PHE A 112 -10.90 -2.89 -8.12
N LEU A 113 -10.09 -3.50 -7.25
CA LEU A 113 -9.02 -4.40 -7.69
C LEU A 113 -9.60 -5.52 -8.53
N GLU A 114 -10.84 -5.93 -8.20
CA GLU A 114 -11.56 -7.00 -8.85
C GLU A 114 -12.85 -6.57 -9.54
N GLN A 115 -13.59 -5.55 -9.06
CA GLN A 115 -14.83 -5.13 -9.71
C GLN A 115 -14.55 -4.59 -11.12
N PRO A 116 -15.54 -4.59 -12.03
CA PRO A 116 -15.40 -4.09 -13.40
C PRO A 116 -15.39 -2.55 -13.40
N ILE A 117 -14.29 -1.96 -12.92
CA ILE A 117 -14.07 -0.53 -12.83
C ILE A 117 -12.79 -0.23 -13.61
N SER A 118 -12.77 0.92 -14.27
CA SER A 118 -11.67 1.44 -15.06
C SER A 118 -11.67 2.96 -14.87
N SER A 119 -10.88 3.71 -15.65
CA SER A 119 -10.78 5.15 -15.55
C SER A 119 -10.39 5.54 -14.11
N VAL A 120 -9.33 4.93 -13.62
CA VAL A 120 -8.83 5.13 -12.28
C VAL A 120 -8.07 6.46 -12.22
N GLN A 121 -8.82 7.56 -12.16
CA GLN A 121 -8.33 8.92 -12.07
C GLN A 121 -9.23 9.64 -11.08
N PRO A 122 -8.72 10.57 -10.25
CA PRO A 122 -9.54 11.27 -9.29
C PRO A 122 -10.50 12.19 -10.03
N ILE A 123 -11.76 12.20 -9.60
CA ILE A 123 -12.84 13.00 -10.13
C ILE A 123 -13.70 13.58 -9.01
N ASP A 124 -13.57 13.06 -7.79
CA ASP A 124 -14.29 13.46 -6.60
C ASP A 124 -13.35 13.27 -5.42
N ALA A 1 4.92 0.53 25.91
CA ALA A 1 4.22 1.09 24.74
C ALA A 1 2.81 1.53 25.13
N THR A 2 2.46 2.78 24.87
CA THR A 2 1.19 3.39 25.17
C THR A 2 0.74 4.05 23.86
N GLN A 3 0.01 3.26 23.08
CA GLN A 3 -0.56 3.60 21.79
C GLN A 3 -2.01 3.09 21.78
N SER A 4 -2.81 3.46 20.78
CA SER A 4 -4.21 3.03 20.68
C SER A 4 -4.26 1.51 20.49
N PRO A 5 -5.38 0.84 20.84
CA PRO A 5 -5.52 -0.60 20.65
C PRO A 5 -5.73 -0.83 19.16
N GLY A 6 -4.63 -1.12 18.45
CA GLY A 6 -4.60 -1.36 17.01
C GLY A 6 -4.54 -2.85 16.70
N ASP A 7 -4.82 -3.69 17.69
CA ASP A 7 -4.84 -5.16 17.60
C ASP A 7 -5.99 -5.62 16.69
N SER A 8 -6.98 -4.75 16.55
CA SER A 8 -8.18 -4.85 15.75
C SER A 8 -7.75 -4.43 14.33
N ARG A 9 -7.18 -3.23 14.23
CA ARG A 9 -6.71 -2.63 12.96
C ARG A 9 -5.70 -3.47 12.22
N ARG A 10 -4.73 -4.08 12.93
CA ARG A 10 -3.70 -4.89 12.26
C ARG A 10 -4.28 -5.94 11.33
N LEU A 11 -5.37 -6.61 11.72
CA LEU A 11 -6.01 -7.65 10.93
C LEU A 11 -6.47 -7.12 9.58
N SER A 12 -7.29 -6.08 9.65
CA SER A 12 -7.87 -5.43 8.49
C SER A 12 -6.79 -4.87 7.55
N ILE A 13 -5.74 -4.26 8.10
CA ILE A 13 -4.64 -3.71 7.33
C ILE A 13 -3.87 -4.87 6.67
N GLN A 14 -3.45 -5.86 7.45
CA GLN A 14 -2.71 -7.05 7.00
C GLN A 14 -3.44 -7.78 5.89
N ARG A 15 -4.77 -7.79 5.87
CA ARG A 15 -5.54 -8.47 4.83
C ARG A 15 -5.12 -7.95 3.45
N ALA A 16 -4.95 -6.64 3.31
CA ALA A 16 -4.53 -6.01 2.07
C ALA A 16 -3.03 -6.27 1.84
N ILE A 17 -2.22 -5.97 2.87
CA ILE A 17 -0.76 -6.11 2.82
C ILE A 17 -0.30 -7.51 2.42
N GLN A 18 -0.99 -8.58 2.82
CA GLN A 18 -0.59 -9.93 2.48
C GLN A 18 -0.53 -10.17 0.97
N SER A 19 -1.43 -9.54 0.22
CA SER A 19 -1.51 -9.66 -1.22
C SER A 19 -0.45 -8.76 -1.87
N LEU A 20 -0.35 -7.52 -1.35
CA LEU A 20 0.56 -6.45 -1.77
C LEU A 20 2.02 -6.87 -1.67
N VAL A 21 2.47 -7.34 -0.50
CA VAL A 21 3.85 -7.77 -0.27
C VAL A 21 4.22 -8.84 -1.29
N HIS A 22 3.42 -9.90 -1.41
CA HIS A 22 3.69 -10.95 -2.37
C HIS A 22 3.82 -10.39 -3.78
N ALA A 23 2.84 -9.59 -4.22
CA ALA A 23 2.85 -9.00 -5.56
C ALA A 23 4.06 -8.09 -5.80
N ALA A 24 4.64 -7.51 -4.75
CA ALA A 24 5.79 -6.63 -4.84
C ALA A 24 7.10 -7.42 -4.98
N GLN A 25 7.19 -8.67 -4.51
CA GLN A 25 8.40 -9.51 -4.60
C GLN A 25 8.26 -10.63 -5.64
N CYS A 26 7.13 -10.69 -6.33
CA CYS A 26 6.78 -11.67 -7.34
C CYS A 26 7.58 -11.53 -8.66
N ARG A 27 8.70 -12.24 -8.78
CA ARG A 27 9.53 -12.30 -9.97
C ARG A 27 10.05 -13.73 -10.01
N ASN A 28 9.28 -14.67 -10.56
CA ASN A 28 9.66 -16.08 -10.64
C ASN A 28 8.62 -16.80 -11.47
N ALA A 29 9.04 -17.77 -12.26
CA ALA A 29 8.20 -18.58 -13.12
C ALA A 29 7.25 -19.48 -12.30
N ASN A 30 7.72 -20.03 -11.17
CA ASN A 30 6.92 -20.91 -10.30
C ASN A 30 5.87 -20.15 -9.48
N CYS A 31 5.92 -18.81 -9.47
CA CYS A 31 4.99 -18.00 -8.71
C CYS A 31 3.57 -18.11 -9.28
N SER A 32 2.64 -18.62 -8.47
CA SER A 32 1.25 -18.78 -8.87
C SER A 32 0.32 -18.40 -7.71
N LEU A 33 -0.11 -17.13 -7.66
CA LEU A 33 -1.03 -16.62 -6.64
C LEU A 33 -2.16 -15.91 -7.40
N PRO A 34 -3.44 -16.12 -7.03
CA PRO A 34 -4.55 -15.48 -7.73
C PRO A 34 -4.72 -13.99 -7.41
N SER A 35 -4.36 -13.51 -6.22
CA SER A 35 -4.49 -12.09 -5.89
C SER A 35 -3.31 -11.29 -6.46
N CYS A 36 -2.16 -11.95 -6.68
CA CYS A 36 -0.93 -11.38 -7.20
C CYS A 36 -1.23 -10.62 -8.48
N GLN A 37 -1.78 -11.30 -9.49
CA GLN A 37 -2.11 -10.68 -10.77
C GLN A 37 -3.07 -9.49 -10.62
N LYS A 38 -3.99 -9.52 -9.66
CA LYS A 38 -4.92 -8.40 -9.46
C LYS A 38 -4.14 -7.21 -8.92
N MET A 39 -3.26 -7.45 -7.94
CA MET A 39 -2.43 -6.43 -7.31
C MET A 39 -1.43 -5.85 -8.30
N LYS A 40 -0.95 -6.64 -9.29
CA LYS A 40 -0.01 -6.16 -10.31
C LYS A 40 -0.56 -4.92 -11.00
N ARG A 41 -1.89 -4.86 -11.23
CA ARG A 41 -2.52 -3.71 -11.86
C ARG A 41 -2.32 -2.46 -10.99
N VAL A 42 -2.56 -2.58 -9.68
CA VAL A 42 -2.42 -1.49 -8.72
C VAL A 42 -0.94 -1.05 -8.69
N VAL A 43 0.01 -1.99 -8.79
CA VAL A 43 1.43 -1.65 -8.81
C VAL A 43 1.75 -0.92 -10.13
N GLN A 44 1.09 -1.28 -11.23
CA GLN A 44 1.28 -0.63 -12.51
C GLN A 44 0.63 0.78 -12.48
N HIS A 45 -0.40 1.01 -11.66
CA HIS A 45 -1.03 2.32 -11.58
C HIS A 45 -0.04 3.32 -11.00
N THR A 46 0.59 3.07 -9.84
CA THR A 46 1.54 4.03 -9.25
C THR A 46 2.70 4.35 -10.22
N LYS A 47 3.11 3.39 -11.05
CA LYS A 47 4.18 3.57 -12.03
C LYS A 47 3.75 4.46 -13.19
N GLY A 48 2.48 4.39 -13.62
CA GLY A 48 1.97 5.18 -14.73
C GLY A 48 1.15 6.39 -14.33
N CYS A 49 0.84 6.58 -13.05
CA CYS A 49 0.05 7.70 -12.59
C CYS A 49 0.93 8.95 -12.55
N LYS A 50 0.78 9.83 -13.55
CA LYS A 50 1.53 11.08 -13.63
C LYS A 50 1.20 11.96 -12.43
N ARG A 51 -0.04 11.86 -11.92
CA ARG A 51 -0.53 12.61 -10.78
C ARG A 51 0.36 12.41 -9.55
N LYS A 52 1.15 11.34 -9.47
CA LYS A 52 2.06 11.05 -8.37
C LYS A 52 3.08 12.16 -8.24
N THR A 53 3.76 12.50 -9.34
CA THR A 53 4.75 13.56 -9.32
C THR A 53 4.02 14.91 -9.25
N ASN A 54 2.76 15.00 -9.72
CA ASN A 54 1.94 16.21 -9.69
C ASN A 54 1.39 16.48 -8.27
N GLY A 55 1.97 15.90 -7.21
CA GLY A 55 1.58 16.08 -5.83
C GLY A 55 0.95 14.85 -5.17
N GLY A 56 0.57 13.82 -5.93
CA GLY A 56 -0.02 12.59 -5.42
C GLY A 56 -1.40 12.30 -5.99
N CYS A 57 -1.59 11.06 -6.43
CA CYS A 57 -2.81 10.48 -7.00
C CYS A 57 -3.71 10.00 -5.84
N PRO A 58 -4.97 9.59 -6.09
CA PRO A 58 -5.84 9.12 -5.03
C PRO A 58 -5.36 7.77 -4.45
N ILE A 59 -5.33 6.72 -5.28
CA ILE A 59 -4.92 5.37 -4.89
C ILE A 59 -3.52 5.43 -4.29
N CYS A 60 -2.58 6.06 -5.01
CA CYS A 60 -1.20 6.19 -4.61
C CYS A 60 -1.03 6.96 -3.29
N LYS A 61 -1.86 7.96 -2.99
CA LYS A 61 -1.75 8.71 -1.74
C LYS A 61 -2.17 7.80 -0.60
N GLN A 62 -3.31 7.13 -0.74
CA GLN A 62 -3.81 6.24 0.30
C GLN A 62 -2.93 5.01 0.52
N LEU A 63 -2.19 4.55 -0.49
CA LEU A 63 -1.29 3.39 -0.42
C LEU A 63 -0.18 3.57 0.62
N ILE A 64 0.22 4.82 0.86
CA ILE A 64 1.25 5.26 1.81
C ILE A 64 0.92 4.75 3.22
N ALA A 65 -0.37 4.65 3.56
CA ALA A 65 -0.83 4.18 4.87
C ALA A 65 -0.32 2.76 5.15
N LEU A 66 -0.48 1.86 4.18
CA LEU A 66 -0.05 0.48 4.33
C LEU A 66 1.46 0.41 4.43
N ALA A 67 2.17 1.24 3.67
CA ALA A 67 3.62 1.28 3.70
C ALA A 67 4.08 1.70 5.09
N ALA A 68 3.46 2.75 5.66
CA ALA A 68 3.78 3.26 6.99
C ALA A 68 3.65 2.18 8.04
N TYR A 69 2.49 1.51 8.08
CA TYR A 69 2.21 0.45 9.02
C TYR A 69 3.24 -0.69 8.85
N HIS A 70 3.46 -1.17 7.63
CA HIS A 70 4.38 -2.25 7.34
C HIS A 70 5.80 -1.89 7.74
N ALA A 71 6.26 -0.66 7.51
CA ALA A 71 7.59 -0.24 7.87
C ALA A 71 7.84 -0.33 9.37
N LYS A 72 6.80 -0.37 10.22
CA LYS A 72 7.06 -0.50 11.65
C LYS A 72 7.71 -1.86 11.93
N HIS A 73 7.48 -2.85 11.06
CA HIS A 73 8.06 -4.18 11.23
C HIS A 73 9.13 -4.44 10.17
N CYS A 74 8.87 -4.06 8.91
CA CYS A 74 9.81 -4.27 7.85
C CYS A 74 10.83 -3.15 7.95
N GLN A 75 11.99 -3.48 8.51
CA GLN A 75 13.08 -2.55 8.69
C GLN A 75 14.32 -3.37 8.39
N GLU A 76 14.68 -3.40 7.11
CA GLU A 76 15.85 -4.08 6.60
C GLU A 76 16.53 -3.12 5.64
N ASN A 77 17.62 -3.53 4.99
CA ASN A 77 18.33 -2.67 4.06
C ASN A 77 17.62 -2.62 2.72
N LYS A 78 17.03 -3.72 2.25
CA LYS A 78 16.33 -3.79 0.97
C LYS A 78 14.95 -4.43 1.14
N CYS A 79 14.05 -3.66 1.78
CA CYS A 79 12.67 -4.03 2.02
C CYS A 79 12.02 -4.50 0.69
N PRO A 80 11.02 -5.40 0.72
CA PRO A 80 10.37 -5.89 -0.50
C PRO A 80 9.35 -4.91 -1.09
N VAL A 81 8.63 -4.13 -0.29
CA VAL A 81 7.63 -3.19 -0.82
C VAL A 81 8.37 -1.93 -1.33
N PRO A 82 8.10 -1.43 -2.53
CA PRO A 82 8.78 -0.25 -3.07
C PRO A 82 8.46 1.02 -2.27
N PHE A 83 7.23 1.14 -1.74
CA PHE A 83 6.83 2.30 -0.97
C PHE A 83 7.49 2.31 0.41
N CYS A 84 7.69 1.15 1.06
CA CYS A 84 8.33 1.12 2.37
C CYS A 84 9.83 1.38 2.29
N LEU A 85 10.43 1.06 1.15
CA LEU A 85 11.86 1.29 0.90
C LEU A 85 12.11 2.80 1.02
N ASN A 86 11.14 3.62 0.60
CA ASN A 86 11.21 5.07 0.68
C ASN A 86 11.28 5.46 2.17
N ILE A 87 10.42 4.85 2.99
CA ILE A 87 10.33 5.06 4.42
C ILE A 87 11.66 4.69 5.07
N LYS A 88 12.27 3.54 4.73
CA LYS A 88 13.56 3.13 5.29
C LYS A 88 14.58 4.24 5.13
N GLN A 89 14.74 4.73 3.90
CA GLN A 89 15.67 5.79 3.57
C GLN A 89 15.35 7.08 4.34
N LYS A 90 14.08 7.49 4.38
CA LYS A 90 13.65 8.69 5.08
C LYS A 90 13.84 8.60 6.59
N GLY A 91 13.44 7.49 7.21
CA GLY A 91 13.53 7.24 8.64
C GLY A 91 12.58 8.10 9.49
N THR A 92 11.82 9.02 8.88
CA THR A 92 10.89 9.94 9.53
C THR A 92 9.78 9.26 10.35
N ILE A 93 9.58 7.94 10.22
CA ILE A 93 8.56 7.24 10.99
C ILE A 93 9.02 7.03 12.43
N GLU A 94 10.32 6.89 12.67
CA GLU A 94 10.86 6.64 13.99
C GLU A 94 10.87 7.92 14.84
N GLY A 95 9.81 8.10 15.64
CA GLY A 95 9.59 9.22 16.53
C GLY A 95 8.41 10.00 15.99
N ARG A 96 7.25 9.92 16.67
CA ARG A 96 5.98 10.55 16.39
C ARG A 96 5.39 10.28 14.98
N GLY A 97 6.05 9.47 14.15
CA GLY A 97 5.63 9.13 12.82
C GLY A 97 4.61 8.00 12.82
N ASN A 98 4.36 7.47 11.62
CA ASN A 98 3.43 6.36 11.37
C ASN A 98 2.03 6.74 11.85
N GLU A 99 1.42 7.69 11.14
CA GLU A 99 0.10 8.22 11.43
C GLU A 99 -0.70 8.37 10.14
N PHE A 100 -1.59 7.42 9.87
CA PHE A 100 -2.45 7.40 8.72
C PHE A 100 -3.79 6.83 9.19
N LEU A 101 -4.86 7.62 9.13
CA LEU A 101 -6.20 7.26 9.55
C LEU A 101 -7.16 7.79 8.49
N SER A 102 -7.45 6.95 7.50
CA SER A 102 -8.32 7.26 6.37
C SER A 102 -9.75 6.72 6.58
N PRO A 103 -10.75 7.24 5.85
CA PRO A 103 -12.14 6.80 5.95
C PRO A 103 -12.29 5.49 5.15
N GLU A 104 -13.54 5.06 4.93
CA GLU A 104 -13.86 3.83 4.21
C GLU A 104 -13.30 3.77 2.78
N VAL A 105 -12.79 4.88 2.21
CA VAL A 105 -12.20 4.87 0.88
C VAL A 105 -11.05 3.84 0.85
N PHE A 106 -10.44 3.53 2.00
CA PHE A 106 -9.39 2.53 2.10
C PHE A 106 -9.94 1.23 1.52
N GLN A 107 -11.17 0.87 1.89
CA GLN A 107 -11.86 -0.32 1.41
C GLN A 107 -12.38 -0.12 -0.01
N HIS A 108 -12.78 1.09 -0.42
CA HIS A 108 -13.25 1.31 -1.79
C HIS A 108 -12.14 0.92 -2.78
N ILE A 109 -10.88 1.26 -2.44
CA ILE A 109 -9.69 0.97 -3.22
C ILE A 109 -9.53 -0.54 -3.41
N TRP A 110 -9.87 -1.36 -2.41
CA TRP A 110 -9.76 -2.81 -2.53
C TRP A 110 -10.95 -3.41 -3.25
N ASP A 111 -12.13 -2.82 -3.08
CA ASP A 111 -13.36 -3.28 -3.72
C ASP A 111 -13.23 -3.15 -5.24
N PHE A 112 -12.69 -2.03 -5.73
CA PHE A 112 -12.52 -1.83 -7.16
C PHE A 112 -11.27 -2.54 -7.68
N LEU A 113 -10.33 -3.00 -6.83
CA LEU A 113 -9.09 -3.67 -7.28
C LEU A 113 -9.41 -4.83 -8.23
N GLU A 114 -10.53 -5.52 -7.98
CA GLU A 114 -10.98 -6.64 -8.81
C GLU A 114 -11.85 -6.17 -9.98
N GLN A 115 -12.59 -5.07 -9.82
CA GLN A 115 -13.48 -4.52 -10.84
C GLN A 115 -12.75 -3.85 -12.02
N PRO A 116 -13.44 -3.67 -13.16
CA PRO A 116 -12.88 -2.99 -14.33
C PRO A 116 -12.88 -1.47 -14.03
N ILE A 117 -12.56 -0.66 -15.03
CA ILE A 117 -12.54 0.80 -14.93
C ILE A 117 -11.47 1.19 -13.89
N SER A 118 -10.22 1.16 -14.33
CA SER A 118 -9.02 1.47 -13.55
C SER A 118 -8.26 2.66 -14.14
N SER A 119 -8.81 3.32 -15.17
CA SER A 119 -8.26 4.48 -15.86
C SER A 119 -8.24 5.75 -15.03
N VAL A 120 -8.52 5.67 -13.72
CA VAL A 120 -8.54 6.77 -12.77
C VAL A 120 -7.19 7.51 -12.83
N GLN A 121 -7.13 8.55 -13.66
CA GLN A 121 -5.98 9.41 -13.89
C GLN A 121 -6.43 10.87 -13.70
N PRO A 122 -6.80 11.30 -12.47
CA PRO A 122 -7.24 12.67 -12.24
C PRO A 122 -6.12 13.65 -12.63
N ILE A 123 -6.49 14.88 -12.93
CA ILE A 123 -5.57 15.96 -13.30
C ILE A 123 -5.86 17.22 -12.49
N ASP A 124 -7.04 17.28 -11.91
CA ASP A 124 -7.67 18.30 -11.09
C ASP A 124 -7.56 17.91 -9.62
N ALA A 1 5.68 3.44 24.86
CA ALA A 1 4.66 4.05 25.73
C ALA A 1 3.45 4.46 24.91
N THR A 2 2.26 4.31 25.50
CA THR A 2 0.96 4.65 24.95
C THR A 2 0.63 3.94 23.63
N GLN A 3 -0.19 2.89 23.69
CA GLN A 3 -0.62 2.12 22.54
C GLN A 3 -2.13 2.25 22.43
N SER A 4 -2.60 3.05 21.49
CA SER A 4 -4.02 3.25 21.26
C SER A 4 -4.66 1.94 20.79
N PRO A 5 -5.99 1.77 20.88
CA PRO A 5 -6.66 0.56 20.44
C PRO A 5 -6.69 0.53 18.90
N GLY A 6 -5.72 -0.17 18.32
CA GLY A 6 -5.53 -0.32 16.89
C GLY A 6 -5.45 -1.79 16.47
N ASP A 7 -5.93 -2.74 17.27
CA ASP A 7 -5.91 -4.16 16.94
C ASP A 7 -6.64 -4.43 15.63
N SER A 8 -7.85 -3.87 15.44
CA SER A 8 -8.57 -4.08 14.20
C SER A 8 -7.81 -3.40 13.06
N ARG A 9 -7.13 -2.28 13.31
CA ARG A 9 -6.36 -1.59 12.27
C ARG A 9 -5.22 -2.49 11.82
N ARG A 10 -4.43 -3.06 12.74
CA ARG A 10 -3.30 -3.91 12.37
C ARG A 10 -3.77 -5.09 11.52
N LEU A 11 -4.78 -5.84 11.95
CA LEU A 11 -5.27 -7.00 11.17
C LEU A 11 -5.96 -6.58 9.86
N SER A 12 -6.59 -5.41 9.81
CA SER A 12 -7.27 -4.90 8.61
C SER A 12 -6.21 -4.51 7.59
N ILE A 13 -5.23 -3.72 8.00
CA ILE A 13 -4.14 -3.27 7.13
C ILE A 13 -3.34 -4.48 6.67
N GLN A 14 -3.07 -5.46 7.55
CA GLN A 14 -2.33 -6.66 7.16
C GLN A 14 -3.01 -7.41 6.01
N ARG A 15 -4.35 -7.42 5.93
CA ARG A 15 -5.06 -8.10 4.84
C ARG A 15 -4.80 -7.36 3.53
N ALA A 16 -4.75 -6.03 3.54
CA ALA A 16 -4.50 -5.28 2.33
C ALA A 16 -3.04 -5.46 1.89
N ILE A 17 -2.11 -5.30 2.85
CA ILE A 17 -0.67 -5.39 2.61
C ILE A 17 -0.21 -6.78 2.19
N GLN A 18 -0.81 -7.88 2.67
CA GLN A 18 -0.34 -9.22 2.29
C GLN A 18 -0.40 -9.43 0.78
N SER A 19 -1.43 -8.86 0.14
CA SER A 19 -1.58 -8.99 -1.29
C SER A 19 -0.60 -8.07 -2.03
N LEU A 20 -0.34 -6.86 -1.50
CA LEU A 20 0.57 -5.88 -2.05
C LEU A 20 2.01 -6.40 -2.00
N VAL A 21 2.48 -6.83 -0.83
CA VAL A 21 3.82 -7.36 -0.60
C VAL A 21 4.08 -8.47 -1.60
N HIS A 22 3.18 -9.45 -1.64
CA HIS A 22 3.30 -10.58 -2.53
C HIS A 22 3.40 -10.13 -3.98
N ALA A 23 2.47 -9.30 -4.45
CA ALA A 23 2.45 -8.82 -5.82
C ALA A 23 3.70 -8.03 -6.22
N ALA A 24 4.33 -7.35 -5.24
CA ALA A 24 5.51 -6.57 -5.49
C ALA A 24 6.72 -7.49 -5.67
N GLN A 25 6.94 -8.39 -4.70
CA GLN A 25 8.06 -9.34 -4.73
C GLN A 25 7.89 -10.49 -5.71
N CYS A 26 6.71 -10.64 -6.31
CA CYS A 26 6.39 -11.70 -7.24
C CYS A 26 7.15 -11.56 -8.57
N ARG A 27 8.27 -12.27 -8.68
CA ARG A 27 9.06 -12.34 -9.91
C ARG A 27 9.62 -13.75 -9.91
N ASN A 28 8.87 -14.74 -10.39
CA ASN A 28 9.31 -16.12 -10.44
C ASN A 28 8.28 -16.97 -11.18
N ALA A 29 8.75 -18.01 -11.85
CA ALA A 29 7.91 -18.94 -12.59
C ALA A 29 7.04 -19.76 -11.64
N ASN A 30 7.58 -20.18 -10.48
CA ASN A 30 6.82 -20.96 -9.49
C ASN A 30 5.77 -20.14 -8.75
N CYS A 31 5.78 -18.81 -8.85
CA CYS A 31 4.82 -17.97 -8.16
C CYS A 31 3.47 -17.96 -8.89
N SER A 32 2.44 -18.50 -8.24
CA SER A 32 1.08 -18.56 -8.75
C SER A 32 0.05 -18.30 -7.64
N LEU A 33 -0.38 -17.05 -7.46
CA LEU A 33 -1.40 -16.69 -6.45
C LEU A 33 -2.53 -15.98 -7.20
N PRO A 34 -3.80 -16.15 -6.80
CA PRO A 34 -4.95 -15.52 -7.48
C PRO A 34 -4.87 -14.00 -7.34
N SER A 35 -4.83 -13.49 -6.11
CA SER A 35 -4.77 -12.05 -5.90
C SER A 35 -3.43 -11.47 -6.37
N CYS A 36 -2.39 -12.26 -6.64
CA CYS A 36 -1.12 -11.76 -7.13
C CYS A 36 -1.41 -11.16 -8.50
N GLN A 37 -1.98 -11.98 -9.38
CA GLN A 37 -2.33 -11.59 -10.74
C GLN A 37 -3.29 -10.40 -10.70
N LYS A 38 -4.30 -10.41 -9.81
CA LYS A 38 -5.25 -9.30 -9.70
C LYS A 38 -4.50 -8.02 -9.30
N MET A 39 -3.59 -8.08 -8.31
CA MET A 39 -2.81 -6.96 -7.83
C MET A 39 -1.80 -6.47 -8.88
N LYS A 40 -1.28 -7.34 -9.74
CA LYS A 40 -0.32 -6.96 -10.78
C LYS A 40 -0.85 -5.77 -11.59
N ARG A 41 -2.15 -5.75 -11.88
CA ARG A 41 -2.79 -4.67 -12.62
C ARG A 41 -2.63 -3.36 -11.84
N VAL A 42 -2.87 -3.37 -10.53
CA VAL A 42 -2.76 -2.20 -9.68
C VAL A 42 -1.31 -1.74 -9.67
N VAL A 43 -0.31 -2.64 -9.68
CA VAL A 43 1.09 -2.22 -9.68
C VAL A 43 1.41 -1.40 -10.95
N GLN A 44 0.80 -1.73 -12.09
CA GLN A 44 1.03 -1.00 -13.34
C GLN A 44 0.56 0.46 -13.25
N HIS A 45 -0.41 0.78 -12.39
CA HIS A 45 -0.90 2.14 -12.24
C HIS A 45 0.11 3.02 -11.50
N THR A 46 0.57 2.63 -10.30
CA THR A 46 1.54 3.43 -9.54
C THR A 46 2.86 3.56 -10.30
N LYS A 47 3.17 2.60 -11.18
CA LYS A 47 4.37 2.60 -11.98
C LYS A 47 4.48 3.88 -12.81
N GLY A 48 3.37 4.51 -13.19
CA GLY A 48 3.40 5.74 -13.98
C GLY A 48 2.64 6.92 -13.35
N CYS A 49 1.78 6.70 -12.35
CA CYS A 49 1.00 7.75 -11.71
C CYS A 49 1.85 8.77 -10.90
N LYS A 50 2.45 9.72 -11.61
CA LYS A 50 3.29 10.76 -11.02
C LYS A 50 2.46 11.87 -10.36
N ARG A 51 1.16 12.02 -10.65
CA ARG A 51 0.31 13.06 -10.06
C ARG A 51 0.23 12.95 -8.53
N LYS A 52 0.63 11.82 -7.95
CA LYS A 52 0.61 11.60 -6.51
C LYS A 52 1.36 12.69 -5.75
N THR A 53 2.44 13.26 -6.30
CA THR A 53 3.25 14.29 -5.66
C THR A 53 2.45 15.56 -5.35
N ASN A 54 1.47 15.91 -6.18
CA ASN A 54 0.63 17.09 -5.96
C ASN A 54 -0.67 16.72 -5.25
N GLY A 55 -0.82 15.45 -4.84
CA GLY A 55 -2.01 14.96 -4.18
C GLY A 55 -3.06 14.58 -5.22
N GLY A 56 -2.64 13.99 -6.35
CA GLY A 56 -3.51 13.58 -7.43
C GLY A 56 -4.37 12.33 -7.19
N CYS A 57 -3.95 11.20 -7.76
CA CYS A 57 -4.66 9.93 -7.69
C CYS A 57 -4.73 9.34 -6.27
N PRO A 58 -5.88 8.79 -5.85
CA PRO A 58 -6.08 8.19 -4.55
C PRO A 58 -5.31 6.88 -4.34
N ILE A 59 -5.16 6.03 -5.35
CA ILE A 59 -4.48 4.74 -5.21
C ILE A 59 -3.06 4.94 -4.65
N CYS A 60 -2.26 5.75 -5.35
CA CYS A 60 -0.89 6.04 -4.96
C CYS A 60 -0.84 6.79 -3.62
N LYS A 61 -1.72 7.78 -3.45
CA LYS A 61 -1.79 8.59 -2.22
C LYS A 61 -2.03 7.71 -1.00
N GLN A 62 -2.96 6.75 -1.09
CA GLN A 62 -3.33 5.83 -0.02
C GLN A 62 -2.26 4.76 0.23
N LEU A 63 -1.46 4.39 -0.77
CA LEU A 63 -0.40 3.38 -0.63
C LEU A 63 0.68 3.81 0.36
N ILE A 64 0.85 5.13 0.55
CA ILE A 64 1.84 5.73 1.44
C ILE A 64 1.56 5.36 2.90
N ALA A 65 0.29 5.23 3.31
CA ALA A 65 -0.10 4.86 4.66
C ALA A 65 0.38 3.46 4.97
N LEU A 66 0.13 2.55 4.01
CA LEU A 66 0.48 1.15 4.07
C LEU A 66 1.99 1.00 4.18
N ALA A 67 2.75 1.71 3.34
CA ALA A 67 4.20 1.66 3.36
C ALA A 67 4.71 2.00 4.76
N ALA A 68 4.20 3.09 5.34
CA ALA A 68 4.58 3.53 6.68
C ALA A 68 4.25 2.48 7.73
N TYR A 69 3.02 1.97 7.72
CA TYR A 69 2.55 0.98 8.66
C TYR A 69 3.44 -0.26 8.59
N HIS A 70 3.64 -0.81 7.39
CA HIS A 70 4.44 -1.99 7.16
C HIS A 70 5.85 -1.73 7.63
N ALA A 71 6.42 -0.55 7.32
CA ALA A 71 7.77 -0.22 7.70
C ALA A 71 8.01 -0.16 9.21
N LYS A 72 6.96 0.00 10.04
CA LYS A 72 7.20 0.03 11.48
C LYS A 72 7.71 -1.36 11.93
N HIS A 73 7.37 -2.40 11.15
CA HIS A 73 7.74 -3.78 11.41
C HIS A 73 8.86 -4.19 10.45
N CYS A 74 8.69 -3.91 9.15
CA CYS A 74 9.59 -4.22 8.08
C CYS A 74 10.65 -3.12 8.02
N GLN A 75 11.83 -3.40 8.54
CA GLN A 75 12.93 -2.47 8.53
C GLN A 75 14.15 -3.33 8.28
N GLU A 76 14.45 -3.52 7.00
CA GLU A 76 15.59 -4.32 6.59
C GLU A 76 16.35 -3.56 5.51
N ASN A 77 17.41 -4.15 4.99
CA ASN A 77 18.17 -3.51 3.93
C ASN A 77 17.38 -3.57 2.63
N LYS A 78 16.59 -4.63 2.35
CA LYS A 78 15.83 -4.70 1.11
C LYS A 78 14.36 -5.09 1.30
N CYS A 79 13.54 -4.19 1.88
CA CYS A 79 12.12 -4.40 2.11
C CYS A 79 11.43 -4.79 0.78
N PRO A 80 10.46 -5.73 0.77
CA PRO A 80 9.79 -6.16 -0.45
C PRO A 80 8.94 -5.07 -1.13
N VAL A 81 8.24 -4.24 -0.37
CA VAL A 81 7.39 -3.18 -0.90
C VAL A 81 8.28 -2.06 -1.46
N PRO A 82 8.12 -1.63 -2.72
CA PRO A 82 8.94 -0.58 -3.32
C PRO A 82 8.74 0.79 -2.67
N PHE A 83 7.59 1.02 -2.01
CA PHE A 83 7.28 2.26 -1.32
C PHE A 83 7.95 2.31 0.06
N CYS A 84 7.95 1.18 0.79
CA CYS A 84 8.55 1.06 2.12
C CYS A 84 10.02 1.47 2.09
N LEU A 85 10.69 1.17 0.98
CA LEU A 85 12.11 1.51 0.79
C LEU A 85 12.31 2.99 1.08
N ASN A 86 11.37 3.85 0.64
CA ASN A 86 11.44 5.29 0.86
C ASN A 86 11.43 5.64 2.35
N ILE A 87 10.56 5.00 3.14
CA ILE A 87 10.42 5.24 4.57
C ILE A 87 11.70 4.80 5.29
N LYS A 88 12.11 3.54 5.08
CA LYS A 88 13.29 3.00 5.74
C LYS A 88 14.58 3.73 5.42
N GLN A 89 14.67 4.32 4.23
CA GLN A 89 15.83 5.11 3.79
C GLN A 89 15.96 6.43 4.57
N LYS A 90 14.95 6.82 5.35
CA LYS A 90 14.95 8.06 6.10
C LYS A 90 14.98 7.85 7.60
N GLY A 91 14.40 6.77 8.12
CA GLY A 91 14.40 6.54 9.57
C GLY A 91 13.49 7.59 10.21
N THR A 92 12.18 7.43 10.00
CA THR A 92 11.12 8.29 10.51
C THR A 92 10.15 7.45 11.34
N ILE A 93 10.67 6.47 12.09
CA ILE A 93 9.83 5.62 12.94
C ILE A 93 9.16 6.50 14.01
N GLU A 94 9.73 7.68 14.32
CA GLU A 94 9.26 8.64 15.31
C GLU A 94 9.47 10.06 14.77
N GLY A 95 9.03 11.05 15.54
CA GLY A 95 9.14 12.46 15.25
C GLY A 95 7.83 12.97 14.70
N ARG A 96 7.55 12.65 13.44
CA ARG A 96 6.31 13.09 12.77
C ARG A 96 5.05 12.43 13.34
N GLY A 97 5.23 11.38 14.15
CA GLY A 97 4.17 10.61 14.79
C GLY A 97 3.98 9.23 14.17
N ASN A 98 4.61 8.99 13.01
CA ASN A 98 4.60 7.76 12.22
C ASN A 98 3.32 6.94 12.29
N GLU A 99 2.27 7.45 11.66
CA GLU A 99 0.96 6.85 11.53
C GLU A 99 0.29 7.58 10.36
N PHE A 100 -0.81 7.04 9.85
CA PHE A 100 -1.54 7.63 8.75
C PHE A 100 -3.02 7.31 8.94
N LEU A 101 -3.86 8.32 8.77
CA LEU A 101 -5.31 8.20 8.90
C LEU A 101 -5.86 8.60 7.54
N SER A 102 -6.64 7.71 6.96
CA SER A 102 -7.26 7.86 5.67
C SER A 102 -8.76 7.53 5.71
N PRO A 103 -9.56 8.12 4.80
CA PRO A 103 -11.00 7.88 4.73
C PRO A 103 -11.29 6.46 4.23
N GLU A 104 -12.57 6.07 4.25
CA GLU A 104 -13.08 4.76 3.82
C GLU A 104 -12.71 4.43 2.36
N VAL A 105 -12.27 5.42 1.57
CA VAL A 105 -11.82 5.26 0.19
C VAL A 105 -10.68 4.23 0.17
N PHE A 106 -9.95 4.09 1.29
CA PHE A 106 -8.87 3.13 1.44
C PHE A 106 -9.38 1.73 1.10
N GLN A 107 -10.59 1.36 1.55
CA GLN A 107 -11.16 0.05 1.28
C GLN A 107 -11.66 -0.08 -0.16
N HIS A 108 -12.07 1.03 -0.79
CA HIS A 108 -12.56 1.02 -2.17
C HIS A 108 -11.43 0.60 -3.12
N ILE A 109 -10.17 0.93 -2.77
CA ILE A 109 -9.00 0.58 -3.58
C ILE A 109 -8.88 -0.95 -3.62
N TRP A 110 -9.28 -1.67 -2.57
CA TRP A 110 -9.19 -3.12 -2.56
C TRP A 110 -10.38 -3.76 -3.29
N ASP A 111 -11.49 -3.04 -3.43
CA ASP A 111 -12.67 -3.55 -4.11
C ASP A 111 -12.42 -3.63 -5.61
N PHE A 112 -11.95 -2.54 -6.22
CA PHE A 112 -11.72 -2.54 -7.67
C PHE A 112 -10.60 -3.51 -8.09
N LEU A 113 -9.71 -3.92 -7.17
CA LEU A 113 -8.63 -4.85 -7.51
C LEU A 113 -9.22 -6.15 -8.07
N GLU A 114 -10.41 -6.54 -7.61
CA GLU A 114 -11.10 -7.77 -8.04
C GLU A 114 -12.50 -7.49 -8.61
N GLN A 115 -12.98 -6.24 -8.55
CA GLN A 115 -14.27 -5.83 -9.09
C GLN A 115 -14.12 -4.45 -9.77
N PRO A 116 -13.31 -4.35 -10.83
CA PRO A 116 -13.10 -3.09 -11.54
C PRO A 116 -14.31 -2.69 -12.38
N ILE A 117 -14.38 -1.41 -12.71
CA ILE A 117 -15.43 -0.81 -13.53
C ILE A 117 -14.75 -0.43 -14.84
N SER A 118 -14.46 0.85 -14.98
CA SER A 118 -13.82 1.43 -16.15
C SER A 118 -12.33 1.71 -15.90
N SER A 119 -11.99 2.79 -15.19
CA SER A 119 -10.64 3.19 -14.88
C SER A 119 -10.72 4.17 -13.71
N VAL A 120 -9.86 3.98 -12.72
CA VAL A 120 -9.77 4.81 -11.53
C VAL A 120 -8.90 6.02 -11.92
N GLN A 121 -9.52 6.96 -12.64
CA GLN A 121 -8.88 8.18 -13.10
C GLN A 121 -9.72 9.40 -12.66
N PRO A 122 -9.83 9.66 -11.34
CA PRO A 122 -10.60 10.78 -10.82
C PRO A 122 -9.94 12.12 -11.14
N ILE A 123 -10.66 13.22 -10.93
CA ILE A 123 -10.14 14.56 -11.16
C ILE A 123 -9.55 15.13 -9.86
N ASP A 124 -9.95 14.59 -8.71
CA ASP A 124 -9.52 14.99 -7.38
C ASP A 124 -9.79 13.82 -6.47
N ALA A 1 -11.35 1.32 30.27
CA ALA A 1 -11.65 0.56 29.06
C ALA A 1 -12.89 1.14 28.39
N THR A 2 -12.67 1.88 27.30
CA THR A 2 -13.73 2.51 26.52
C THR A 2 -13.37 2.29 25.05
N GLN A 3 -12.25 2.85 24.59
CA GLN A 3 -11.78 2.70 23.22
C GLN A 3 -11.62 1.22 22.89
N SER A 4 -11.98 0.82 21.68
CA SER A 4 -11.85 -0.56 21.25
C SER A 4 -10.34 -0.86 21.12
N PRO A 5 -9.92 -2.13 21.26
CA PRO A 5 -8.52 -2.48 21.12
C PRO A 5 -8.08 -2.22 19.68
N GLY A 6 -6.78 -2.33 19.42
CA GLY A 6 -6.18 -2.10 18.13
C GLY A 6 -6.02 -3.36 17.28
N ASP A 7 -6.85 -4.40 17.45
CA ASP A 7 -6.76 -5.62 16.64
C ASP A 7 -7.52 -5.48 15.33
N SER A 8 -8.62 -4.72 15.31
CA SER A 8 -9.41 -4.52 14.10
C SER A 8 -8.51 -3.85 13.04
N ARG A 9 -7.74 -2.83 13.43
CA ARG A 9 -6.83 -2.15 12.52
C ARG A 9 -5.80 -3.13 12.00
N ARG A 10 -5.09 -3.84 12.88
CA ARG A 10 -4.05 -4.78 12.45
C ARG A 10 -4.60 -5.84 11.50
N LEU A 11 -5.70 -6.51 11.83
CA LEU A 11 -6.25 -7.56 10.96
C LEU A 11 -6.83 -7.04 9.64
N SER A 12 -7.35 -5.81 9.62
CA SER A 12 -7.94 -5.22 8.43
C SER A 12 -6.86 -4.62 7.50
N ILE A 13 -5.85 -3.98 8.08
CA ILE A 13 -4.72 -3.37 7.38
C ILE A 13 -3.93 -4.51 6.76
N GLN A 14 -3.55 -5.52 7.57
CA GLN A 14 -2.80 -6.67 7.11
C GLN A 14 -3.52 -7.41 5.98
N ARG A 15 -4.87 -7.38 5.91
CA ARG A 15 -5.61 -8.02 4.84
C ARG A 15 -5.13 -7.50 3.49
N ALA A 16 -4.97 -6.19 3.36
CA ALA A 16 -4.51 -5.58 2.12
C ALA A 16 -3.00 -5.81 1.93
N ILE A 17 -2.22 -5.64 3.00
CA ILE A 17 -0.77 -5.79 2.99
C ILE A 17 -0.32 -7.20 2.57
N GLN A 18 -0.97 -8.26 3.04
CA GLN A 18 -0.60 -9.64 2.73
C GLN A 18 -0.46 -9.88 1.22
N SER A 19 -1.38 -9.32 0.44
CA SER A 19 -1.43 -9.46 -1.01
C SER A 19 -0.51 -8.45 -1.71
N LEU A 20 -0.43 -7.24 -1.16
CA LEU A 20 0.38 -6.14 -1.67
C LEU A 20 1.86 -6.51 -1.63
N VAL A 21 2.37 -6.93 -0.47
CA VAL A 21 3.77 -7.32 -0.28
C VAL A 21 4.14 -8.38 -1.31
N HIS A 22 3.37 -9.46 -1.38
CA HIS A 22 3.62 -10.53 -2.31
C HIS A 22 3.66 -10.01 -3.75
N ALA A 23 2.63 -9.27 -4.17
CA ALA A 23 2.56 -8.75 -5.53
C ALA A 23 3.70 -7.81 -5.85
N ALA A 24 4.20 -7.06 -4.87
CA ALA A 24 5.30 -6.13 -5.06
C ALA A 24 6.57 -6.91 -5.38
N GLN A 25 6.91 -7.89 -4.55
CA GLN A 25 8.12 -8.70 -4.74
C GLN A 25 7.96 -9.82 -5.76
N CYS A 26 6.75 -10.06 -6.30
CA CYS A 26 6.46 -11.07 -7.29
C CYS A 26 7.16 -10.67 -8.58
N ARG A 27 8.39 -11.14 -8.76
CA ARG A 27 9.22 -10.91 -9.92
C ARG A 27 9.93 -12.24 -10.04
N ASN A 28 9.29 -13.19 -10.70
CA ASN A 28 9.76 -14.54 -10.94
C ASN A 28 8.76 -15.24 -11.87
N ALA A 29 9.16 -16.34 -12.52
CA ALA A 29 8.28 -17.11 -13.39
C ALA A 29 7.54 -18.18 -12.59
N ASN A 30 8.21 -18.79 -11.61
CA ASN A 30 7.68 -19.84 -10.74
C ASN A 30 6.60 -19.32 -9.79
N CYS A 31 6.55 -18.00 -9.56
CA CYS A 31 5.56 -17.36 -8.71
C CYS A 31 4.21 -17.37 -9.41
N SER A 32 3.23 -18.06 -8.84
CA SER A 32 1.88 -18.16 -9.38
C SER A 32 0.87 -18.07 -8.22
N LEU A 33 0.32 -16.89 -8.00
CA LEU A 33 -0.71 -16.62 -6.99
C LEU A 33 -1.88 -15.94 -7.71
N PRO A 34 -3.15 -16.30 -7.41
CA PRO A 34 -4.30 -15.68 -8.06
C PRO A 34 -4.42 -14.21 -7.66
N SER A 35 -4.22 -13.94 -6.37
CA SER A 35 -4.26 -12.63 -5.76
C SER A 35 -3.18 -11.73 -6.36
N CYS A 36 -1.99 -12.28 -6.59
CA CYS A 36 -0.88 -11.58 -7.17
C CYS A 36 -1.28 -11.00 -8.54
N GLN A 37 -1.85 -11.86 -9.40
CA GLN A 37 -2.28 -11.46 -10.75
C GLN A 37 -3.24 -10.27 -10.69
N LYS A 38 -4.22 -10.25 -9.77
CA LYS A 38 -5.13 -9.10 -9.67
C LYS A 38 -4.43 -7.89 -9.06
N MET A 39 -3.63 -8.11 -8.03
CA MET A 39 -2.89 -7.05 -7.35
C MET A 39 -1.97 -6.36 -8.34
N LYS A 40 -1.46 -7.05 -9.37
CA LYS A 40 -0.59 -6.46 -10.38
C LYS A 40 -1.24 -5.21 -10.97
N ARG A 41 -2.57 -5.18 -11.13
CA ARG A 41 -3.27 -4.00 -11.66
C ARG A 41 -3.02 -2.79 -10.76
N VAL A 42 -3.10 -2.97 -9.45
CA VAL A 42 -2.88 -1.93 -8.45
C VAL A 42 -1.38 -1.60 -8.31
N VAL A 43 -0.49 -2.59 -8.41
CA VAL A 43 0.95 -2.42 -8.32
C VAL A 43 1.42 -1.61 -9.54
N GLN A 44 0.89 -1.92 -10.71
CA GLN A 44 1.18 -1.27 -11.98
C GLN A 44 0.49 0.10 -12.05
N HIS A 45 -0.61 0.34 -11.32
CA HIS A 45 -1.28 1.64 -11.34
C HIS A 45 -0.29 2.73 -10.97
N THR A 46 0.46 2.64 -9.86
CA THR A 46 1.42 3.71 -9.51
C THR A 46 2.46 3.89 -10.64
N LYS A 47 2.78 2.81 -11.36
CA LYS A 47 3.71 2.74 -12.48
C LYS A 47 3.13 3.38 -13.75
N GLY A 48 1.83 3.70 -13.78
CA GLY A 48 1.14 4.33 -14.89
C GLY A 48 0.54 5.70 -14.51
N CYS A 49 0.43 5.99 -13.21
CA CYS A 49 -0.10 7.19 -12.60
C CYS A 49 1.05 8.13 -12.22
N LYS A 50 1.41 9.07 -13.10
CA LYS A 50 2.47 10.04 -12.85
C LYS A 50 2.03 11.10 -11.83
N ARG A 51 0.75 11.12 -11.42
CA ARG A 51 0.23 12.07 -10.44
C ARG A 51 1.06 12.06 -9.18
N LYS A 52 1.66 10.92 -8.79
CA LYS A 52 2.50 10.75 -7.60
C LYS A 52 3.63 11.78 -7.56
N THR A 53 4.40 11.91 -8.63
CA THR A 53 5.51 12.85 -8.69
C THR A 53 4.95 14.28 -8.71
N ASN A 54 3.92 14.56 -9.51
CA ASN A 54 3.34 15.90 -9.61
C ASN A 54 2.80 16.41 -8.28
N GLY A 55 2.02 15.61 -7.56
CA GLY A 55 1.44 15.97 -6.27
C GLY A 55 1.01 14.73 -5.50
N GLY A 56 0.24 13.83 -6.12
CA GLY A 56 -0.22 12.59 -5.50
C GLY A 56 -1.51 12.01 -6.08
N CYS A 57 -1.47 10.75 -6.53
CA CYS A 57 -2.62 10.04 -7.08
C CYS A 57 -3.53 9.66 -5.89
N PRO A 58 -4.81 9.28 -6.10
CA PRO A 58 -5.67 8.89 -4.98
C PRO A 58 -5.21 7.55 -4.40
N ILE A 59 -5.17 6.51 -5.24
CA ILE A 59 -4.77 5.16 -4.85
C ILE A 59 -3.37 5.20 -4.24
N CYS A 60 -2.41 5.85 -4.92
CA CYS A 60 -1.05 5.97 -4.46
C CYS A 60 -0.97 6.71 -3.10
N LYS A 61 -1.69 7.81 -2.89
CA LYS A 61 -1.68 8.56 -1.63
C LYS A 61 -2.12 7.66 -0.50
N GLN A 62 -3.24 6.94 -0.65
CA GLN A 62 -3.72 6.07 0.42
C GLN A 62 -2.80 4.85 0.64
N LEU A 63 -2.11 4.38 -0.40
CA LEU A 63 -1.20 3.22 -0.31
C LEU A 63 -0.05 3.45 0.66
N ILE A 64 0.32 4.72 0.87
CA ILE A 64 1.38 5.13 1.78
C ILE A 64 1.01 4.73 3.22
N ALA A 65 -0.28 4.75 3.59
CA ALA A 65 -0.76 4.39 4.92
C ALA A 65 -0.25 3.01 5.31
N LEU A 66 -0.42 2.06 4.38
CA LEU A 66 0.00 0.69 4.54
C LEU A 66 1.51 0.60 4.60
N ALA A 67 2.21 1.35 3.74
CA ALA A 67 3.66 1.37 3.69
C ALA A 67 4.23 1.76 5.06
N ALA A 68 3.75 2.87 5.61
CA ALA A 68 4.17 3.39 6.91
C ALA A 68 3.83 2.41 8.03
N TYR A 69 2.68 1.74 7.97
CA TYR A 69 2.29 0.76 8.99
C TYR A 69 3.24 -0.44 8.94
N HIS A 70 3.50 -0.98 7.75
CA HIS A 70 4.39 -2.12 7.58
C HIS A 70 5.83 -1.75 7.89
N ALA A 71 6.27 -0.51 7.68
CA ALA A 71 7.65 -0.10 7.96
C ALA A 71 8.06 -0.28 9.43
N LYS A 72 7.12 -0.28 10.38
CA LYS A 72 7.51 -0.49 11.78
C LYS A 72 7.80 -1.97 12.05
N HIS A 73 7.46 -2.86 11.11
CA HIS A 73 7.64 -4.30 11.18
C HIS A 73 8.55 -4.82 10.04
N CYS A 74 8.90 -3.96 9.08
CA CYS A 74 9.73 -4.21 7.92
C CYS A 74 10.82 -3.15 7.91
N GLN A 75 11.99 -3.56 8.35
CA GLN A 75 13.16 -2.72 8.41
C GLN A 75 14.30 -3.65 8.05
N GLU A 76 14.58 -3.77 6.75
CA GLU A 76 15.61 -4.64 6.24
C GLU A 76 16.50 -3.95 5.19
N ASN A 77 17.48 -4.71 4.70
CA ASN A 77 18.43 -4.30 3.69
C ASN A 77 17.67 -3.82 2.46
N LYS A 78 16.81 -4.69 1.91
CA LYS A 78 16.01 -4.43 0.74
C LYS A 78 14.55 -4.80 1.01
N CYS A 79 13.79 -3.86 1.60
CA CYS A 79 12.38 -4.00 1.92
C CYS A 79 11.62 -4.51 0.67
N PRO A 80 10.71 -5.49 0.77
CA PRO A 80 9.97 -6.02 -0.36
C PRO A 80 9.01 -5.01 -1.01
N VAL A 81 8.47 -4.02 -0.27
CA VAL A 81 7.55 -3.05 -0.84
C VAL A 81 8.36 -1.82 -1.30
N PRO A 82 8.19 -1.33 -2.54
CA PRO A 82 8.93 -0.15 -3.01
C PRO A 82 8.50 1.12 -2.27
N PHE A 83 7.25 1.18 -1.78
CA PHE A 83 6.75 2.32 -1.06
C PHE A 83 7.37 2.40 0.34
N CYS A 84 7.36 1.32 1.14
CA CYS A 84 7.90 1.33 2.49
C CYS A 84 9.39 1.65 2.51
N LEU A 85 10.07 1.32 1.40
CA LEU A 85 11.49 1.57 1.22
C LEU A 85 11.74 3.09 1.36
N ASN A 86 10.75 3.92 1.02
CA ASN A 86 10.86 5.38 1.14
C ASN A 86 10.97 5.75 2.60
N ILE A 87 10.13 5.19 3.47
CA ILE A 87 10.13 5.47 4.90
C ILE A 87 11.53 5.17 5.47
N LYS A 88 12.25 4.16 4.96
CA LYS A 88 13.60 3.86 5.44
C LYS A 88 14.57 5.00 5.06
N GLN A 89 14.62 5.39 3.78
CA GLN A 89 15.51 6.46 3.31
C GLN A 89 15.05 7.88 3.67
N LYS A 90 13.84 8.04 4.19
CA LYS A 90 13.27 9.33 4.60
C LYS A 90 12.93 9.34 6.08
N GLY A 91 13.56 8.47 6.88
CA GLY A 91 13.38 8.34 8.31
C GLY A 91 14.00 9.57 8.96
N THR A 92 13.39 10.75 8.77
CA THR A 92 13.86 12.02 9.29
C THR A 92 12.72 12.92 9.84
N ILE A 93 11.46 12.48 9.81
CA ILE A 93 10.32 13.25 10.32
C ILE A 93 9.62 12.48 11.45
N GLU A 94 9.79 11.16 11.46
CA GLU A 94 9.25 10.19 12.41
C GLU A 94 9.98 10.38 13.75
N GLY A 95 9.65 9.56 14.75
CA GLY A 95 10.24 9.60 16.07
C GLY A 95 9.15 9.70 17.10
N ARG A 96 8.35 10.78 17.05
CA ARG A 96 7.26 10.96 17.98
C ARG A 96 6.22 9.86 17.77
N GLY A 97 5.92 9.54 16.53
CA GLY A 97 4.97 8.51 16.15
C GLY A 97 4.48 8.77 14.73
N ASN A 98 3.74 7.82 14.15
CA ASN A 98 3.20 7.91 12.81
C ASN A 98 2.00 6.97 12.73
N GLU A 99 0.84 7.50 12.37
CA GLU A 99 -0.43 6.78 12.22
C GLU A 99 -1.16 7.41 11.04
N PHE A 100 -1.63 6.61 10.10
CA PHE A 100 -2.38 7.04 8.92
C PHE A 100 -3.68 6.26 8.98
N LEU A 101 -4.70 6.86 9.58
CA LEU A 101 -6.01 6.26 9.74
C LEU A 101 -6.86 6.78 8.60
N SER A 102 -6.84 6.04 7.51
CA SER A 102 -7.54 6.32 6.28
C SER A 102 -9.07 6.33 6.43
N PRO A 103 -9.80 6.91 5.47
CA PRO A 103 -11.26 6.95 5.48
C PRO A 103 -11.82 5.61 4.95
N GLU A 104 -13.14 5.55 4.74
CA GLU A 104 -13.83 4.36 4.21
C GLU A 104 -13.35 4.04 2.79
N VAL A 105 -12.82 5.06 2.09
CA VAL A 105 -12.30 4.97 0.73
C VAL A 105 -11.15 3.96 0.64
N PHE A 106 -10.49 3.64 1.76
CA PHE A 106 -9.42 2.66 1.82
C PHE A 106 -9.94 1.34 1.25
N GLN A 107 -11.13 0.92 1.68
CA GLN A 107 -11.76 -0.31 1.21
C GLN A 107 -12.27 -0.16 -0.21
N HIS A 108 -12.68 1.04 -0.65
CA HIS A 108 -13.16 1.25 -2.01
C HIS A 108 -12.05 0.83 -2.98
N ILE A 109 -10.83 1.30 -2.72
CA ILE A 109 -9.65 1.02 -3.54
C ILE A 109 -9.41 -0.49 -3.65
N TRP A 110 -9.65 -1.25 -2.58
CA TRP A 110 -9.46 -2.69 -2.61
C TRP A 110 -10.66 -3.44 -3.20
N ASP A 111 -11.86 -2.86 -3.15
CA ASP A 111 -13.06 -3.49 -3.68
C ASP A 111 -13.10 -3.39 -5.20
N PHE A 112 -12.91 -2.17 -5.72
CA PHE A 112 -12.94 -1.93 -7.16
C PHE A 112 -11.78 -2.65 -7.85
N LEU A 113 -10.74 -3.09 -7.11
CA LEU A 113 -9.61 -3.82 -7.70
C LEU A 113 -10.13 -5.05 -8.46
N GLU A 114 -11.25 -5.61 -8.02
CA GLU A 114 -11.88 -6.76 -8.63
C GLU A 114 -12.65 -6.38 -9.89
N GLN A 115 -13.43 -5.31 -9.82
CA GLN A 115 -14.24 -4.79 -10.90
C GLN A 115 -13.35 -4.28 -12.07
N PRO A 116 -13.91 -4.12 -13.28
CA PRO A 116 -13.17 -3.63 -14.45
C PRO A 116 -13.00 -2.11 -14.37
N ILE A 117 -12.62 -1.47 -15.48
CA ILE A 117 -12.44 -0.01 -15.57
C ILE A 117 -13.68 0.65 -14.94
N SER A 118 -13.46 1.50 -13.93
CA SER A 118 -14.51 2.21 -13.25
C SER A 118 -14.04 3.65 -13.04
N SER A 119 -13.47 3.99 -11.88
CA SER A 119 -12.99 5.32 -11.61
C SER A 119 -11.69 5.22 -10.82
N VAL A 120 -10.71 5.94 -11.33
CA VAL A 120 -9.37 6.06 -10.81
C VAL A 120 -8.97 7.54 -10.95
N GLN A 121 -9.79 8.43 -10.40
CA GLN A 121 -9.60 9.88 -10.42
C GLN A 121 -9.72 10.37 -8.97
N PRO A 122 -8.88 11.32 -8.55
CA PRO A 122 -8.92 11.86 -7.20
C PRO A 122 -10.19 12.67 -6.97
N ILE A 123 -11.00 12.26 -6.01
CA ILE A 123 -12.23 12.97 -5.65
C ILE A 123 -11.85 14.22 -4.84
N ASP A 124 -12.79 15.15 -4.75
CA ASP A 124 -12.61 16.39 -4.00
C ASP A 124 -12.81 16.14 -2.53
N ALA A 1 -3.00 -8.63 22.41
CA ALA A 1 -4.24 -8.97 21.70
C ALA A 1 -5.30 -7.95 22.09
N THR A 2 -5.82 -7.18 21.13
CA THR A 2 -6.86 -6.16 21.27
C THR A 2 -6.55 -5.05 22.31
N GLN A 3 -5.33 -5.04 22.87
CA GLN A 3 -4.83 -4.12 23.88
C GLN A 3 -4.06 -2.94 23.31
N SER A 4 -3.35 -3.13 22.20
CA SER A 4 -2.57 -2.08 21.57
C SER A 4 -3.47 -1.07 20.85
N PRO A 5 -3.01 0.17 20.62
CA PRO A 5 -3.79 1.21 19.96
C PRO A 5 -4.29 0.76 18.59
N GLY A 6 -3.37 0.47 17.68
CA GLY A 6 -3.68 0.04 16.34
C GLY A 6 -3.99 -1.46 16.26
N ASP A 7 -4.49 -2.11 17.31
CA ASP A 7 -4.78 -3.55 17.26
C ASP A 7 -6.02 -3.87 16.42
N SER A 8 -7.05 -3.02 16.42
CA SER A 8 -8.21 -3.30 15.55
C SER A 8 -7.80 -2.91 14.12
N ARG A 9 -7.00 -1.84 13.96
CA ARG A 9 -6.55 -1.37 12.64
C ARG A 9 -5.57 -2.30 11.94
N ARG A 10 -4.67 -2.96 12.69
CA ARG A 10 -3.65 -3.85 12.12
C ARG A 10 -4.23 -4.95 11.26
N LEU A 11 -5.29 -5.65 11.65
CA LEU A 11 -5.82 -6.73 10.81
C LEU A 11 -6.34 -6.23 9.47
N SER A 12 -7.04 -5.10 9.46
CA SER A 12 -7.58 -4.53 8.23
C SER A 12 -6.44 -4.08 7.31
N ILE A 13 -5.50 -3.30 7.85
CA ILE A 13 -4.37 -2.80 7.09
C ILE A 13 -3.50 -3.97 6.60
N GLN A 14 -3.08 -4.89 7.47
CA GLN A 14 -2.25 -6.01 7.08
C GLN A 14 -2.89 -6.87 6.01
N ARG A 15 -4.21 -7.11 6.04
CA ARG A 15 -4.87 -7.91 5.00
C ARG A 15 -4.60 -7.28 3.64
N ALA A 16 -4.73 -5.95 3.53
CA ALA A 16 -4.47 -5.27 2.26
C ALA A 16 -2.98 -5.33 1.91
N ILE A 17 -2.09 -5.28 2.91
CA ILE A 17 -0.65 -5.31 2.73
C ILE A 17 -0.16 -6.69 2.29
N GLN A 18 -0.76 -7.81 2.72
CA GLN A 18 -0.32 -9.14 2.29
C GLN A 18 -0.37 -9.20 0.76
N SER A 19 -1.37 -8.54 0.17
CA SER A 19 -1.57 -8.47 -1.27
C SER A 19 -0.50 -7.57 -1.91
N LEU A 20 -0.26 -6.38 -1.35
CA LEU A 20 0.71 -5.39 -1.84
C LEU A 20 2.13 -5.95 -1.87
N VAL A 21 2.60 -6.45 -0.73
CA VAL A 21 3.94 -6.99 -0.54
C VAL A 21 4.15 -8.20 -1.44
N HIS A 22 3.23 -9.17 -1.41
CA HIS A 22 3.35 -10.35 -2.24
C HIS A 22 3.51 -9.98 -3.69
N ALA A 23 2.64 -9.10 -4.23
CA ALA A 23 2.74 -8.70 -5.63
C ALA A 23 4.07 -7.99 -5.93
N ALA A 24 4.65 -7.28 -4.95
CA ALA A 24 5.91 -6.58 -5.12
C ALA A 24 7.09 -7.55 -5.30
N GLN A 25 7.11 -8.63 -4.50
CA GLN A 25 8.17 -9.66 -4.52
C GLN A 25 7.80 -10.91 -5.32
N CYS A 26 6.65 -10.92 -6.02
CA CYS A 26 6.18 -12.03 -6.82
C CYS A 26 6.99 -12.17 -8.10
N ARG A 27 8.12 -12.87 -7.98
CA ARG A 27 9.03 -13.18 -9.07
C ARG A 27 9.60 -14.57 -8.82
N ASN A 28 8.91 -15.63 -9.25
CA ASN A 28 9.34 -17.03 -9.09
C ASN A 28 8.35 -17.92 -9.82
N ALA A 29 8.81 -19.04 -10.40
CA ALA A 29 7.97 -19.99 -11.09
C ALA A 29 6.94 -20.64 -10.15
N ASN A 30 7.29 -20.73 -8.86
CA ASN A 30 6.47 -21.30 -7.80
C ASN A 30 5.29 -20.39 -7.45
N CYS A 31 5.40 -19.09 -7.71
CA CYS A 31 4.35 -18.17 -7.37
C CYS A 31 3.24 -18.11 -8.42
N SER A 32 2.06 -18.55 -8.01
CA SER A 32 0.86 -18.52 -8.81
C SER A 32 -0.26 -18.16 -7.84
N LEU A 33 -0.57 -16.87 -7.66
CA LEU A 33 -1.65 -16.43 -6.76
C LEU A 33 -2.67 -15.66 -7.60
N PRO A 34 -3.98 -15.84 -7.36
CA PRO A 34 -5.03 -15.16 -8.12
C PRO A 34 -5.08 -13.66 -7.87
N SER A 35 -5.16 -13.19 -6.61
CA SER A 35 -5.21 -11.75 -6.36
C SER A 35 -3.90 -11.09 -6.77
N CYS A 36 -2.76 -11.79 -6.68
CA CYS A 36 -1.46 -11.31 -7.08
C CYS A 36 -1.48 -10.84 -8.54
N GLN A 37 -2.04 -11.66 -9.44
CA GLN A 37 -2.15 -11.32 -10.86
C GLN A 37 -2.91 -10.00 -11.05
N LYS A 38 -4.01 -9.81 -10.32
CA LYS A 38 -4.82 -8.60 -10.38
C LYS A 38 -4.02 -7.43 -9.80
N MET A 39 -3.28 -7.67 -8.71
CA MET A 39 -2.45 -6.69 -8.01
C MET A 39 -1.37 -6.17 -8.93
N LYS A 40 -0.79 -7.01 -9.80
CA LYS A 40 0.25 -6.58 -10.73
C LYS A 40 -0.23 -5.35 -11.50
N ARG A 41 -1.53 -5.24 -11.82
CA ARG A 41 -2.11 -4.11 -12.53
C ARG A 41 -2.09 -2.85 -11.66
N VAL A 42 -2.57 -2.94 -10.41
CA VAL A 42 -2.63 -1.80 -9.50
C VAL A 42 -1.24 -1.29 -9.18
N VAL A 43 -0.29 -2.19 -9.06
CA VAL A 43 1.10 -1.84 -8.79
C VAL A 43 1.64 -0.98 -9.94
N GLN A 44 1.19 -1.21 -11.19
CA GLN A 44 1.62 -0.41 -12.33
C GLN A 44 1.05 1.00 -12.22
N HIS A 45 -0.08 1.23 -11.52
CA HIS A 45 -0.63 2.58 -11.40
C HIS A 45 0.36 3.48 -10.69
N THR A 46 0.86 3.12 -9.49
CA THR A 46 1.80 4.01 -8.80
C THR A 46 3.08 4.23 -9.61
N LYS A 47 3.51 3.23 -10.40
CA LYS A 47 4.70 3.26 -11.22
C LYS A 47 4.72 4.44 -12.17
N GLY A 48 3.57 4.78 -12.74
CA GLY A 48 3.37 5.88 -13.67
C GLY A 48 2.30 6.85 -13.20
N CYS A 49 2.03 6.94 -11.90
CA CYS A 49 1.01 7.86 -11.40
C CYS A 49 1.52 9.30 -11.47
N LYS A 50 1.32 9.94 -12.63
CA LYS A 50 1.69 11.34 -12.82
C LYS A 50 0.92 12.19 -11.81
N ARG A 51 -0.35 11.81 -11.57
CA ARG A 51 -1.27 12.48 -10.64
C ARG A 51 -0.70 12.62 -9.24
N LYS A 52 0.33 11.85 -8.84
CA LYS A 52 0.96 11.95 -7.52
C LYS A 52 1.39 13.40 -7.28
N THR A 53 1.89 14.06 -8.32
CA THR A 53 2.37 15.43 -8.26
C THR A 53 1.27 16.47 -8.54
N ASN A 54 0.19 16.08 -9.22
CA ASN A 54 -0.91 16.98 -9.55
C ASN A 54 -1.97 17.09 -8.47
N GLY A 55 -2.02 16.15 -7.53
CA GLY A 55 -3.02 16.16 -6.46
C GLY A 55 -2.92 14.93 -5.59
N GLY A 56 -2.68 13.78 -6.20
CA GLY A 56 -2.54 12.52 -5.51
C GLY A 56 -3.90 11.85 -5.43
N CYS A 57 -4.14 10.82 -6.24
CA CYS A 57 -5.39 10.08 -6.22
C CYS A 57 -5.38 9.22 -4.92
N PRO A 58 -6.50 8.63 -4.48
CA PRO A 58 -6.52 7.83 -3.26
C PRO A 58 -5.56 6.65 -3.31
N ILE A 59 -5.32 6.05 -4.48
CA ILE A 59 -4.43 4.90 -4.60
C ILE A 59 -3.05 5.24 -4.06
N CYS A 60 -2.37 6.22 -4.66
CA CYS A 60 -1.03 6.60 -4.23
C CYS A 60 -1.00 7.27 -2.85
N LYS A 61 -2.03 8.08 -2.54
CA LYS A 61 -2.12 8.77 -1.26
C LYS A 61 -2.16 7.76 -0.12
N GLN A 62 -3.14 6.87 -0.13
CA GLN A 62 -3.29 5.86 0.91
C GLN A 62 -2.08 4.91 0.95
N LEU A 63 -1.38 4.69 -0.17
CA LEU A 63 -0.22 3.80 -0.22
C LEU A 63 0.90 4.26 0.71
N ILE A 64 0.96 5.56 1.05
CA ILE A 64 1.96 6.16 1.93
C ILE A 64 1.72 5.67 3.37
N ALA A 65 0.44 5.51 3.76
CA ALA A 65 0.05 5.04 5.08
C ALA A 65 0.51 3.60 5.27
N LEU A 66 0.26 2.80 4.25
CA LEU A 66 0.61 1.39 4.22
C LEU A 66 2.13 1.20 4.28
N ALA A 67 2.90 2.09 3.63
CA ALA A 67 4.35 2.02 3.60
C ALA A 67 4.93 2.12 5.01
N ALA A 68 4.60 3.19 5.73
CA ALA A 68 5.08 3.42 7.09
C ALA A 68 4.63 2.30 8.03
N TYR A 69 3.37 1.85 7.88
CA TYR A 69 2.82 0.79 8.68
C TYR A 69 3.64 -0.48 8.47
N HIS A 70 3.84 -0.89 7.21
CA HIS A 70 4.58 -2.09 6.86
C HIS A 70 6.02 -1.97 7.35
N ALA A 71 6.66 -0.82 7.18
CA ALA A 71 8.03 -0.60 7.62
C ALA A 71 8.22 -0.75 9.13
N LYS A 72 7.13 -0.65 9.91
CA LYS A 72 7.24 -0.84 11.35
C LYS A 72 7.71 -2.28 11.61
N HIS A 73 7.39 -3.23 10.73
CA HIS A 73 7.78 -4.63 10.85
C HIS A 73 8.89 -4.96 9.84
N CYS A 74 8.72 -4.54 8.58
CA CYS A 74 9.63 -4.77 7.48
C CYS A 74 10.84 -3.85 7.58
N GLN A 75 11.96 -4.38 8.01
CA GLN A 75 13.19 -3.62 8.13
C GLN A 75 14.27 -4.58 7.67
N GLU A 76 14.56 -4.59 6.36
CA GLU A 76 15.58 -5.44 5.76
C GLU A 76 16.44 -4.59 4.83
N ASN A 77 17.54 -5.16 4.33
CA ASN A 77 18.45 -4.46 3.42
C ASN A 77 17.77 -4.10 2.09
N LYS A 78 16.88 -4.96 1.57
CA LYS A 78 16.15 -4.73 0.32
C LYS A 78 14.66 -4.97 0.51
N CYS A 79 13.99 -4.02 1.16
CA CYS A 79 12.55 -4.06 1.41
C CYS A 79 11.80 -4.33 0.09
N PRO A 80 10.81 -5.24 0.10
CA PRO A 80 10.06 -5.59 -1.10
C PRO A 80 9.20 -4.46 -1.67
N VAL A 81 8.53 -3.66 -0.82
CA VAL A 81 7.68 -2.58 -1.30
C VAL A 81 8.57 -1.37 -1.66
N PRO A 82 8.50 -0.82 -2.87
CA PRO A 82 9.32 0.33 -3.27
C PRO A 82 9.06 1.60 -2.43
N PHE A 83 7.89 1.72 -1.80
CA PHE A 83 7.57 2.85 -0.95
C PHE A 83 8.27 2.66 0.40
N CYS A 84 8.07 1.52 1.08
CA CYS A 84 8.69 1.27 2.39
C CYS A 84 10.22 1.33 2.32
N LEU A 85 10.77 0.98 1.16
CA LEU A 85 12.18 0.99 0.86
C LEU A 85 12.76 2.40 1.10
N ASN A 86 11.93 3.45 1.00
CA ASN A 86 12.36 4.83 1.27
C ASN A 86 12.53 4.99 2.77
N ILE A 87 11.50 4.65 3.55
CA ILE A 87 11.47 4.73 5.00
C ILE A 87 12.64 3.94 5.59
N LYS A 88 12.85 2.69 5.17
CA LYS A 88 13.95 1.88 5.70
C LYS A 88 15.28 2.58 5.45
N GLN A 89 15.54 3.02 4.21
CA GLN A 89 16.78 3.72 3.86
C GLN A 89 16.89 5.11 4.51
N LYS A 90 15.86 5.57 5.21
CA LYS A 90 15.80 6.86 5.90
C LYS A 90 15.59 6.63 7.41
N GLY A 91 15.80 5.40 7.88
CA GLY A 91 15.66 4.93 9.26
C GLY A 91 16.47 5.78 10.23
N THR A 92 15.90 6.87 10.72
CA THR A 92 16.55 7.81 11.63
C THR A 92 15.62 8.25 12.76
N ILE A 93 14.50 8.90 12.44
CA ILE A 93 13.54 9.40 13.42
C ILE A 93 12.14 8.80 13.29
N GLU A 94 11.79 8.27 12.13
CA GLU A 94 10.47 7.68 11.89
C GLU A 94 10.35 6.33 12.62
N GLY A 95 9.14 5.77 12.75
CA GLY A 95 8.95 4.51 13.45
C GLY A 95 7.91 3.61 12.78
N ARG A 96 6.64 3.99 12.85
CA ARG A 96 5.51 3.25 12.29
C ARG A 96 4.54 4.11 11.48
N GLY A 97 4.62 5.44 11.59
CA GLY A 97 3.78 6.44 10.91
C GLY A 97 2.33 5.95 10.75
N ASN A 98 1.69 5.54 11.86
CA ASN A 98 0.33 5.01 11.87
C ASN A 98 -0.80 6.02 12.09
N GLU A 99 -0.52 7.32 12.05
CA GLU A 99 -1.52 8.36 12.24
C GLU A 99 -2.35 8.63 10.97
N PHE A 100 -2.78 7.60 10.25
CA PHE A 100 -3.55 7.74 9.03
C PHE A 100 -4.92 7.13 9.23
N LEU A 101 -5.97 7.97 9.26
CA LEU A 101 -7.35 7.56 9.48
C LEU A 101 -8.18 7.85 8.22
N SER A 102 -8.31 6.87 7.33
CA SER A 102 -9.07 7.00 6.08
C SER A 102 -10.43 6.27 6.10
N PRO A 103 -11.38 6.68 5.24
CA PRO A 103 -12.73 6.13 5.13
C PRO A 103 -12.77 4.87 4.27
N GLU A 104 -13.98 4.42 3.91
CA GLU A 104 -14.29 3.27 3.08
C GLU A 104 -13.56 3.31 1.73
N VAL A 105 -13.22 4.51 1.24
CA VAL A 105 -12.52 4.71 -0.02
C VAL A 105 -11.16 3.99 0.01
N PHE A 106 -10.59 3.77 1.21
CA PHE A 106 -9.33 3.05 1.36
C PHE A 106 -9.55 1.62 0.84
N GLN A 107 -10.70 1.02 1.17
CA GLN A 107 -11.04 -0.33 0.74
C GLN A 107 -11.49 -0.34 -0.72
N HIS A 108 -11.98 0.79 -1.26
CA HIS A 108 -12.39 0.88 -2.66
C HIS A 108 -11.20 0.61 -3.57
N ILE A 109 -9.98 0.93 -3.11
CA ILE A 109 -8.75 0.70 -3.85
C ILE A 109 -8.64 -0.80 -4.13
N TRP A 110 -9.02 -1.65 -3.17
CA TRP A 110 -8.94 -3.09 -3.33
C TRP A 110 -10.11 -3.63 -4.14
N ASP A 111 -11.27 -2.98 -4.05
CA ASP A 111 -12.49 -3.37 -4.78
C ASP A 111 -12.26 -3.22 -6.28
N PHE A 112 -11.67 -2.09 -6.70
CA PHE A 112 -11.42 -1.83 -8.11
C PHE A 112 -10.21 -2.61 -8.63
N LEU A 113 -9.32 -3.07 -7.74
CA LEU A 113 -8.14 -3.82 -8.13
C LEU A 113 -8.54 -5.11 -8.86
N GLU A 114 -9.64 -5.75 -8.46
CA GLU A 114 -10.09 -6.99 -9.08
C GLU A 114 -10.57 -6.78 -10.52
N GLN A 115 -11.39 -5.76 -10.76
CA GLN A 115 -11.92 -5.45 -12.08
C GLN A 115 -10.85 -4.76 -12.97
N PRO A 116 -11.08 -4.60 -14.29
CA PRO A 116 -10.15 -3.92 -15.17
C PRO A 116 -10.27 -2.39 -14.97
N ILE A 117 -9.70 -1.59 -15.86
CA ILE A 117 -9.74 -0.13 -15.75
C ILE A 117 -11.19 0.37 -15.75
N SER A 118 -11.43 1.42 -14.98
CA SER A 118 -12.71 2.10 -14.81
C SER A 118 -12.43 3.54 -14.35
N SER A 119 -13.46 4.29 -13.94
CA SER A 119 -13.36 5.69 -13.51
C SER A 119 -12.73 5.92 -12.12
N VAL A 120 -11.41 5.73 -11.94
CA VAL A 120 -10.75 5.97 -10.65
C VAL A 120 -10.39 7.46 -10.52
N GLN A 121 -11.34 8.34 -10.85
CA GLN A 121 -11.19 9.78 -10.81
C GLN A 121 -12.18 10.33 -9.77
N PRO A 122 -11.84 10.27 -8.47
CA PRO A 122 -12.70 10.77 -7.42
C PRO A 122 -12.68 12.29 -7.41
N ILE A 123 -13.52 12.89 -6.59
CA ILE A 123 -13.64 14.35 -6.45
C ILE A 123 -13.57 14.80 -4.99
N ASP A 124 -13.34 13.88 -4.08
CA ASP A 124 -13.24 14.09 -2.64
C ASP A 124 -12.12 13.25 -2.06
N ALA A 1 1.93 7.84 23.61
CA ALA A 1 0.87 8.84 23.43
C ALA A 1 -0.14 8.43 22.36
N THR A 2 0.30 7.96 21.18
CA THR A 2 -0.64 7.56 20.14
C THR A 2 -1.39 6.27 20.48
N GLN A 3 -0.76 5.31 21.17
CA GLN A 3 -1.33 4.00 21.52
C GLN A 3 -2.84 3.98 21.81
N SER A 4 -3.60 3.62 20.78
CA SER A 4 -5.05 3.47 20.78
C SER A 4 -5.33 1.99 20.53
N PRO A 5 -6.55 1.46 20.78
CA PRO A 5 -6.83 0.07 20.49
C PRO A 5 -6.87 -0.04 18.96
N GLY A 6 -5.78 -0.52 18.36
CA GLY A 6 -5.63 -0.64 16.91
C GLY A 6 -5.78 -2.06 16.37
N ASP A 7 -6.32 -2.99 17.15
CA ASP A 7 -6.51 -4.37 16.71
C ASP A 7 -7.34 -4.48 15.42
N SER A 8 -8.46 -3.77 15.29
CA SER A 8 -9.27 -3.82 14.07
C SER A 8 -8.50 -3.22 12.88
N ARG A 9 -7.72 -2.16 13.11
CA ARG A 9 -6.94 -1.53 12.04
C ARG A 9 -5.85 -2.48 11.54
N ARG A 10 -5.08 -3.11 12.44
CA ARG A 10 -4.03 -4.01 11.99
C ARG A 10 -4.57 -5.14 11.13
N LEU A 11 -5.67 -5.80 11.53
CA LEU A 11 -6.21 -6.91 10.75
C LEU A 11 -6.81 -6.47 9.43
N SER A 12 -7.49 -5.32 9.39
CA SER A 12 -8.09 -4.85 8.14
C SER A 12 -6.97 -4.40 7.17
N ILE A 13 -5.89 -3.83 7.68
CA ILE A 13 -4.75 -3.36 6.89
C ILE A 13 -3.95 -4.56 6.40
N GLN A 14 -3.58 -5.52 7.26
CA GLN A 14 -2.80 -6.70 6.86
C GLN A 14 -3.41 -7.42 5.65
N ARG A 15 -4.74 -7.52 5.54
CA ARG A 15 -5.38 -8.17 4.38
C ARG A 15 -4.91 -7.50 3.09
N ALA A 16 -4.94 -6.17 3.05
CA ALA A 16 -4.52 -5.42 1.88
C ALA A 16 -3.02 -5.62 1.64
N ILE A 17 -2.23 -5.52 2.70
CA ILE A 17 -0.78 -5.65 2.66
C ILE A 17 -0.29 -7.04 2.22
N GLN A 18 -0.93 -8.15 2.59
CA GLN A 18 -0.46 -9.47 2.16
C GLN A 18 -0.46 -9.63 0.65
N SER A 19 -1.41 -9.00 -0.03
CA SER A 19 -1.52 -9.07 -1.48
C SER A 19 -0.48 -8.12 -2.09
N LEU A 20 -0.39 -6.91 -1.55
CA LEU A 20 0.50 -5.83 -1.95
C LEU A 20 1.97 -6.27 -1.92
N VAL A 21 2.42 -6.78 -0.77
CA VAL A 21 3.78 -7.25 -0.54
C VAL A 21 4.11 -8.33 -1.54
N HIS A 22 3.31 -9.40 -1.59
CA HIS A 22 3.55 -10.51 -2.49
C HIS A 22 3.63 -10.04 -3.93
N ALA A 23 2.68 -9.22 -4.40
CA ALA A 23 2.68 -8.74 -5.78
C ALA A 23 3.86 -7.82 -6.09
N ALA A 24 4.44 -7.15 -5.10
CA ALA A 24 5.57 -6.26 -5.28
C ALA A 24 6.87 -7.07 -5.45
N GLN A 25 7.01 -8.19 -4.72
CA GLN A 25 8.18 -9.05 -4.77
C GLN A 25 8.06 -10.18 -5.81
N CYS A 26 6.88 -10.33 -6.43
CA CYS A 26 6.57 -11.36 -7.41
C CYS A 26 7.41 -11.24 -8.70
N ARG A 27 8.59 -11.84 -8.70
CA ARG A 27 9.51 -11.92 -9.83
C ARG A 27 10.18 -13.28 -9.74
N ASN A 28 9.55 -14.32 -10.29
CA ASN A 28 10.05 -15.71 -10.31
C ASN A 28 9.05 -16.54 -11.11
N ALA A 29 9.50 -17.67 -11.67
CA ALA A 29 8.66 -18.59 -12.43
C ALA A 29 7.79 -19.40 -11.47
N ASN A 30 8.32 -19.81 -10.31
CA ASN A 30 7.57 -20.61 -9.35
C ASN A 30 6.41 -19.85 -8.71
N CYS A 31 6.43 -18.52 -8.75
CA CYS A 31 5.41 -17.68 -8.15
C CYS A 31 4.11 -17.74 -8.95
N SER A 32 3.06 -18.30 -8.35
CA SER A 32 1.72 -18.40 -8.94
C SER A 32 0.65 -18.17 -7.86
N LEU A 33 0.12 -16.96 -7.64
CA LEU A 33 -0.91 -16.68 -6.62
C LEU A 33 -2.12 -15.95 -7.22
N PRO A 34 -3.33 -16.09 -6.63
CA PRO A 34 -4.55 -15.45 -7.12
C PRO A 34 -4.58 -13.97 -6.79
N SER A 35 -4.12 -13.59 -5.59
CA SER A 35 -4.07 -12.21 -5.12
C SER A 35 -3.14 -11.45 -6.06
N CYS A 36 -1.97 -12.07 -6.30
CA CYS A 36 -0.89 -11.60 -7.14
C CYS A 36 -1.41 -11.17 -8.51
N GLN A 37 -2.09 -12.07 -9.20
CA GLN A 37 -2.64 -11.81 -10.53
C GLN A 37 -3.53 -10.57 -10.56
N LYS A 38 -4.50 -10.45 -9.64
CA LYS A 38 -5.37 -9.26 -9.65
C LYS A 38 -4.57 -8.02 -9.23
N MET A 39 -3.63 -8.17 -8.30
CA MET A 39 -2.78 -7.10 -7.78
C MET A 39 -1.92 -6.48 -8.86
N LYS A 40 -1.40 -7.27 -9.80
CA LYS A 40 -0.54 -6.76 -10.87
C LYS A 40 -1.15 -5.55 -11.58
N ARG A 41 -2.47 -5.51 -11.74
CA ARG A 41 -3.17 -4.39 -12.39
C ARG A 41 -3.04 -3.12 -11.54
N VAL A 42 -3.19 -3.26 -10.22
CA VAL A 42 -3.11 -2.15 -9.28
C VAL A 42 -1.66 -1.66 -9.14
N VAL A 43 -0.70 -2.58 -9.10
CA VAL A 43 0.72 -2.24 -8.98
C VAL A 43 1.13 -1.34 -10.16
N GLN A 44 0.61 -1.60 -11.37
CA GLN A 44 0.93 -0.79 -12.55
C GLN A 44 0.53 0.67 -12.35
N HIS A 45 -0.51 0.95 -11.54
CA HIS A 45 -0.92 2.34 -11.32
C HIS A 45 0.17 3.14 -10.62
N THR A 46 0.70 2.69 -9.48
CA THR A 46 1.72 3.43 -8.75
C THR A 46 3.05 3.50 -9.51
N LYS A 47 3.35 2.46 -10.28
CA LYS A 47 4.56 2.35 -11.07
C LYS A 47 4.71 3.54 -12.02
N GLY A 48 3.59 4.06 -12.55
CA GLY A 48 3.59 5.19 -13.46
C GLY A 48 2.69 6.36 -13.03
N CYS A 49 2.20 6.42 -11.78
CA CYS A 49 1.32 7.50 -11.33
C CYS A 49 1.96 8.89 -11.33
N LYS A 50 1.63 9.69 -12.34
CA LYS A 50 2.09 11.06 -12.44
C LYS A 50 1.02 11.96 -11.83
N ARG A 51 -0.23 11.49 -11.72
CA ARG A 51 -1.30 12.27 -11.10
C ARG A 51 -0.91 12.50 -9.63
N LYS A 52 -0.03 11.68 -9.06
CA LYS A 52 0.47 11.81 -7.70
C LYS A 52 1.13 13.19 -7.57
N THR A 53 2.08 13.50 -8.44
CA THR A 53 2.78 14.78 -8.43
C THR A 53 1.78 15.92 -8.67
N ASN A 54 0.84 15.72 -9.61
CA ASN A 54 -0.19 16.71 -9.96
C ASN A 54 -1.28 16.86 -8.89
N GLY A 55 -1.25 16.11 -7.79
CA GLY A 55 -2.25 16.18 -6.75
C GLY A 55 -2.06 15.05 -5.75
N GLY A 56 -2.51 13.85 -6.09
CA GLY A 56 -2.44 12.65 -5.27
C GLY A 56 -3.72 11.88 -5.46
N CYS A 57 -3.73 10.85 -6.31
CA CYS A 57 -4.92 10.06 -6.51
C CYS A 57 -5.20 9.27 -5.20
N PRO A 58 -6.39 8.67 -5.04
CA PRO A 58 -6.73 7.91 -3.84
C PRO A 58 -5.90 6.64 -3.71
N ILE A 59 -5.31 6.10 -4.78
CA ILE A 59 -4.50 4.89 -4.69
C ILE A 59 -3.13 5.24 -4.12
N CYS A 60 -2.38 6.12 -4.78
CA CYS A 60 -1.04 6.51 -4.34
C CYS A 60 -1.04 7.21 -2.99
N LYS A 61 -2.08 8.00 -2.71
CA LYS A 61 -2.19 8.72 -1.44
C LYS A 61 -2.14 7.78 -0.24
N GLN A 62 -3.06 6.82 -0.17
CA GLN A 62 -3.14 5.88 0.94
C GLN A 62 -1.99 4.87 0.94
N LEU A 63 -1.34 4.63 -0.20
CA LEU A 63 -0.23 3.69 -0.27
C LEU A 63 0.92 4.18 0.65
N ILE A 64 1.06 5.49 0.81
CA ILE A 64 2.07 6.12 1.67
C ILE A 64 1.75 5.79 3.14
N ALA A 65 0.46 5.71 3.49
CA ALA A 65 -0.01 5.39 4.84
C ALA A 65 0.34 3.95 5.19
N LEU A 66 -0.01 3.03 4.30
CA LEU A 66 0.24 1.61 4.48
C LEU A 66 1.73 1.33 4.52
N ALA A 67 2.52 2.05 3.71
CA ALA A 67 3.96 1.87 3.68
C ALA A 67 4.53 2.12 5.07
N ALA A 68 4.10 3.20 5.76
CA ALA A 68 4.58 3.51 7.11
C ALA A 68 4.12 2.43 8.10
N TYR A 69 2.87 1.98 7.99
CA TYR A 69 2.32 0.95 8.86
C TYR A 69 3.15 -0.34 8.74
N HIS A 70 3.56 -0.70 7.53
CA HIS A 70 4.34 -1.91 7.29
C HIS A 70 5.82 -1.67 7.61
N ALA A 71 6.36 -0.46 7.40
CA ALA A 71 7.76 -0.12 7.65
C ALA A 71 8.19 -0.44 9.07
N LYS A 72 7.34 -0.18 10.08
CA LYS A 72 7.71 -0.47 11.47
C LYS A 72 7.87 -1.98 11.74
N HIS A 73 7.47 -2.86 10.81
CA HIS A 73 7.58 -4.31 10.92
C HIS A 73 8.45 -4.91 9.81
N CYS A 74 8.87 -4.12 8.83
CA CYS A 74 9.69 -4.54 7.72
C CYS A 74 11.00 -3.75 7.77
N GLN A 75 12.05 -4.40 8.27
CA GLN A 75 13.37 -3.83 8.37
C GLN A 75 14.26 -4.98 7.93
N GLU A 76 14.45 -5.09 6.62
CA GLU A 76 15.29 -6.11 6.01
C GLU A 76 16.17 -5.49 4.93
N ASN A 77 17.26 -6.17 4.57
CA ASN A 77 18.19 -5.66 3.56
C ASN A 77 17.53 -5.53 2.18
N LYS A 78 16.50 -6.31 1.84
CA LYS A 78 15.84 -6.19 0.55
C LYS A 78 14.33 -6.10 0.80
N CYS A 79 13.90 -4.97 1.36
CA CYS A 79 12.48 -4.69 1.65
C CYS A 79 11.68 -4.87 0.35
N PRO A 80 10.62 -5.70 0.34
CA PRO A 80 9.83 -5.96 -0.86
C PRO A 80 8.98 -4.80 -1.38
N VAL A 81 8.43 -3.95 -0.51
CA VAL A 81 7.60 -2.84 -0.95
C VAL A 81 8.55 -1.68 -1.32
N PRO A 82 8.48 -1.10 -2.52
CA PRO A 82 9.37 0.00 -2.88
C PRO A 82 9.11 1.28 -2.07
N PHE A 83 7.98 1.39 -1.36
CA PHE A 83 7.67 2.57 -0.55
C PHE A 83 8.30 2.43 0.86
N CYS A 84 8.32 1.23 1.45
CA CYS A 84 8.90 1.03 2.79
C CYS A 84 10.42 1.14 2.74
N LEU A 85 10.98 0.64 1.64
CA LEU A 85 12.40 0.65 1.33
C LEU A 85 12.89 2.11 1.35
N ASN A 86 12.03 3.01 0.86
CA ASN A 86 12.23 4.44 0.76
C ASN A 86 12.10 5.13 2.13
N ILE A 87 11.26 4.61 3.05
CA ILE A 87 11.05 5.13 4.41
C ILE A 87 12.26 4.75 5.29
N LYS A 88 12.80 3.54 5.13
CA LYS A 88 13.95 3.04 5.88
C LYS A 88 15.16 3.96 5.80
N GLN A 89 15.28 4.74 4.73
CA GLN A 89 16.37 5.70 4.51
C GLN A 89 16.20 6.95 5.39
N LYS A 90 15.20 7.03 6.27
CA LYS A 90 14.94 8.18 7.15
C LYS A 90 15.05 7.80 8.62
N GLY A 91 14.34 6.76 9.07
CA GLY A 91 14.35 6.32 10.46
C GLY A 91 13.61 7.24 11.43
N THR A 92 13.05 8.36 10.96
CA THR A 92 12.34 9.34 11.77
C THR A 92 10.83 9.09 11.91
N ILE A 93 10.21 8.45 10.91
CA ILE A 93 8.77 8.16 10.88
C ILE A 93 8.38 7.15 11.98
N GLU A 94 9.34 6.45 12.57
CA GLU A 94 9.12 5.45 13.60
C GLU A 94 9.22 6.11 14.98
N GLY A 95 8.11 6.62 15.50
CA GLY A 95 8.02 7.28 16.80
C GLY A 95 6.86 8.23 16.76
N ARG A 96 7.10 9.50 16.43
CA ARG A 96 6.07 10.53 16.34
C ARG A 96 5.50 10.52 14.92
N GLY A 97 5.02 9.35 14.47
CA GLY A 97 4.44 9.09 13.16
C GLY A 97 3.11 8.34 13.28
N ASN A 98 2.72 7.71 12.18
CA ASN A 98 1.49 6.94 11.96
C ASN A 98 0.29 7.88 12.09
N GLU A 99 0.29 8.93 11.30
CA GLU A 99 -0.78 9.94 11.31
C GLU A 99 -1.15 10.16 9.85
N PHE A 100 -2.23 9.50 9.43
CA PHE A 100 -2.76 9.56 8.08
C PHE A 100 -4.26 9.23 8.16
N LEU A 101 -5.09 10.18 7.78
CA LEU A 101 -6.54 10.06 7.80
C LEU A 101 -6.97 9.16 6.64
N SER A 102 -7.48 7.98 6.97
CA SER A 102 -7.96 6.99 6.02
C SER A 102 -9.50 6.96 6.04
N PRO A 103 -10.18 7.62 5.10
CA PRO A 103 -11.64 7.62 5.04
C PRO A 103 -12.12 6.30 4.41
N GLU A 104 -13.44 6.12 4.23
CA GLU A 104 -14.01 4.90 3.61
C GLU A 104 -13.40 4.59 2.25
N VAL A 105 -12.97 5.61 1.49
CA VAL A 105 -12.37 5.46 0.18
C VAL A 105 -11.18 4.48 0.26
N PHE A 106 -10.53 4.31 1.41
CA PHE A 106 -9.42 3.37 1.58
C PHE A 106 -9.85 1.97 1.12
N GLN A 107 -11.06 1.54 1.45
CA GLN A 107 -11.58 0.23 1.06
C GLN A 107 -11.89 0.16 -0.43
N HIS A 108 -12.19 1.30 -1.08
CA HIS A 108 -12.50 1.34 -2.50
C HIS A 108 -11.26 0.91 -3.31
N ILE A 109 -10.04 1.22 -2.84
CA ILE A 109 -8.81 0.85 -3.52
C ILE A 109 -8.73 -0.68 -3.58
N TRP A 110 -9.26 -1.38 -2.56
CA TRP A 110 -9.21 -2.83 -2.56
C TRP A 110 -10.33 -3.45 -3.37
N ASP A 111 -11.45 -2.75 -3.57
CA ASP A 111 -12.57 -3.26 -4.38
C ASP A 111 -12.29 -3.11 -5.88
N PHE A 112 -11.94 -1.90 -6.29
CA PHE A 112 -11.67 -1.62 -7.70
C PHE A 112 -10.47 -2.39 -8.23
N LEU A 113 -9.57 -2.90 -7.37
CA LEU A 113 -8.40 -3.64 -7.85
C LEU A 113 -8.83 -4.84 -8.70
N GLU A 114 -9.99 -5.44 -8.41
CA GLU A 114 -10.50 -6.60 -9.14
C GLU A 114 -11.49 -6.18 -10.25
N GLN A 115 -11.88 -4.91 -10.33
CA GLN A 115 -12.80 -4.37 -11.34
C GLN A 115 -12.05 -3.89 -12.60
N PRO A 116 -12.77 -3.55 -13.69
CA PRO A 116 -12.20 -3.06 -14.95
C PRO A 116 -12.28 -1.53 -15.11
N ILE A 117 -11.78 -0.74 -14.15
CA ILE A 117 -11.80 0.72 -14.16
C ILE A 117 -10.34 1.21 -14.06
N SER A 118 -9.93 2.30 -14.72
CA SER A 118 -8.55 2.77 -14.62
C SER A 118 -8.37 4.29 -14.75
N SER A 119 -9.39 5.06 -15.14
CA SER A 119 -9.27 6.51 -15.26
C SER A 119 -9.46 7.13 -13.87
N VAL A 120 -8.52 6.89 -12.96
CA VAL A 120 -8.55 7.39 -11.59
C VAL A 120 -8.11 8.87 -11.57
N GLN A 121 -8.99 9.72 -12.05
CA GLN A 121 -8.84 11.17 -12.15
C GLN A 121 -10.00 11.88 -11.44
N PRO A 122 -10.18 11.67 -10.12
CA PRO A 122 -11.25 12.33 -9.39
C PRO A 122 -10.97 13.83 -9.34
N ILE A 123 -12.05 14.60 -9.37
CA ILE A 123 -12.06 16.05 -9.30
C ILE A 123 -12.94 16.41 -8.10
N ASP A 124 -12.71 17.60 -7.56
CA ASP A 124 -13.42 18.09 -6.38
C ASP A 124 -14.80 18.61 -6.73
#